data_9AXL
#
_entry.id   9AXL
#
_cell.length_a   1.00
_cell.length_b   1.00
_cell.length_c   1.00
_cell.angle_alpha   90.00
_cell.angle_beta   90.00
_cell.angle_gamma   90.00
#
_symmetry.space_group_name_H-M   'P 1'
#
loop_
_entity.id
_entity.type
_entity.pdbx_description
1 polymer 'Integrin alpha-IIb'
2 polymer 'Integrin beta-3'
3 polymer 'R21D10 Fab heavy chain'
4 polymer 'R21D10 Fab light chain'
5 non-polymer 'CALCIUM ION'
6 non-polymer 'MAGNESIUM ION'
7 water water
#
loop_
_entity_poly.entity_id
_entity_poly.type
_entity_poly.pdbx_seq_one_letter_code
_entity_poly.pdbx_strand_id
1 'polypeptide(L)'
;MARALCPLQALWLLEWVLLLLGPCAAPPAWALNLDPVQLTFYAGPNGSQFGFSLDFHKDSHGRVAIVVGAPRTLGPSQEE
TGGVFLCPWRAEGGQCPSLLFDLRDETRNVGSQTLQTFKARQGLGASVVSWSDVIVACAPWQHWNVLEKTEEAEKTPVGS
CFLAQPESGRRAEYSPCRGNTLSRIYVENDFSWDKRYCEAGFSSVVTQAGELVLGAPGGYYFLGLLAQAPVADIFSSYRP
GILLWHVSSQSLSFDSSNPEYFDGYWGYSVAVGEFDGDLNTTEYVVGAPTWSWTLGAVEILDSYYQRLHRLRGEQMASYF
GHSVAVTDVNGDGRHDLLVGAPLYMESRADRKLAEVGRVYLFLQPRGPHALGAPSLLLTGTQLYGRFGSAIAPLGDLDRD
GYNDIAVAAPYGGPSGRGQVLVFLGQSEGLRSRPSQVLDSPFPTGSAFGFSLRGAVDIDDNGYPDLIVGAYGANQVAVYR
AQPVVKASVQLLVQDSLNPAVKSCVLPQTKTPVSCFNIQMCVGATGHNIPQKLSLNAELQLDRQKPRQGRRVLLLGSQQA
GTTLNLDLGGKHSPICHTTMAFLRDEADFRDKLSPIVLSLNVSLPPTEAGMAPAVVLHGDTHVQEQTRIVLDCGEDDVCV
PQLQLTASVTGSPLLVGADNVLELQMDAANEGEGAYEAELAVHLPQGAHYMRALSNVEGFERLICNQKKENETRVVLCEL
GNPMKKNAQIGIAMLVSVGNLEEAGESVSFQLQIRSKNSQNPNSKIVLLDVPVRAEAQVELRGNSFPASLVVAAEEGERE
QNSLDSWGPKVEHTYELHNNGPGTVNGLHLSIHLPGQSQPSDLLYILDIQPQGGLQCFPQPPVNPLKVDWGLPIPSPSPI
HPAHHKRDRRQIFLPEPEQPSRLQDPVLVSCDSAPCTVVQCDLQEMARGQRAMVTVLAFLWLPSLYQRPLDQFVLQSHAW
FNVSSLPYAVPPLSLPRGEAQVWTQLLRALEERAIPIWWVLVGVLGGLLLLTILVLAMWKVGFFKRNRPPLEEDDEEGE
;
A
2 'polypeptide(L)'
;MRARPRPRPLWATVLALGALAGVGVGGPNICTTRGVSSCQQCLAVSPMCAWCSDEALPLGSPRCDLKENLLKDNCAPESI
EFPVSEARVLEDRPLSDKGSGDSSQVTQVSPQRIALRLRPDDSKNFSIQVRQVEDYPVDIYYLMDLSYSMKDDLWSIQNL
GTKLATQMRKLTSNLRIGFGAFVDKPVSPYMYISPPEALENPCYDMKTTCLPMFGYKHVLTLTDQVTRFNEEVKKQSVSR
NRDAPEGGFDAIMQATVCDEKIGWRNDASHLLVFTTDAKTHIALDGRLAGIVQPNDGQCHVGSDNHYSASTTMDYPSLGL
MTEKLSQKNINLIFAVTENVVNLYQNYSELIPGTTVGVLSMDSSNVLQLIVDAYGKIRSKVELEVRDLPEELSLSFNATC
LNNEVIPGLKSCMGLKIGDTVSFSIEAKVRGCPQEKEKSFTIKPVGFKDSLIVQVTFDCDCACQAQAEPNSHRCNNGNGT
FECGVCRCGPGWLGSQCECSEEDYRPSQQDECSPREGQPVCSQRGECLCGQCVCHSSDFGKITGKYCECDDFSCVRYKGE
MCSGHGQCSCGDCLCDSDWTGYYCNCTTRTDTCMSSNGLLCSGRGKCECGSCVCIQPGSYGDTCEKCPTCPDACTFKKEC
VECKKFDRGALHDENTCNRYCRDEIESVKELKDTGKDAVNCTYKNEDDCVVRFQYYEDSSGKSILYVVEEPECPKGPDIL
VVLLSVMGAILLIGLAALLIWKLLITIHDRKEFAKFEEERARAKWDTANNPLYKEATSTFTNITYRGT
;
B
3 'polypeptide(L)'
;EVQLQESGAELAKPGASVKMSCKASGYTFTDYWMHWVKQRPGQGLEWIGYINPSTGYTEYNQKFKDKATLTADKSSSTAY
MQLSSLTSEDSAVYYCARWRGVYRSDVHYYAMDYWGQGTSVTVSSAKTTAPSVYPLAPVCGDTTGSSVTLGCLVKGYFPE
PVTLTWNSGSLSSGVHTFPAVLQSDLYTLSSSVTVTSSAAPSQSITCNVAHPASSTKVDKKIEPRGP
;
H
4 'polypeptide(L)'
;QIVLTQSPAIMSASPGEKVTMTCSASSSVSYMHWYQQKSGTSPKRWIYDTSKLASGVPARFSGSGSGTSYSLTISSMEAE
DAATYYCQQWSSKPPTFGAGTKLELKWADAAPTVSIFPPSSEQLTSGGASVVCFLNNFYPKDINVKWKIDGSERQNGVLN
SWTDQDSKDSTYSMSSTLTLTKDEYERHNSYTCEATHKTSTSPIVKSFNRNEC
;
L
#
loop_
_chem_comp.id
_chem_comp.type
_chem_comp.name
_chem_comp.formula
CA non-polymer 'CALCIUM ION' 'Ca 2'
MG non-polymer 'MAGNESIUM ION' 'Mg 2'
#
# COMPACT_ATOMS: atom_id res chain seq x y z
N LEU A 32 27.21 -10.29 6.91
CA LEU A 32 26.99 -8.88 7.16
C LEU A 32 27.73 -8.01 6.15
N ASN A 33 28.99 -8.35 5.88
CA ASN A 33 29.85 -7.54 5.03
C ASN A 33 30.25 -8.25 3.75
N LEU A 34 29.41 -9.13 3.24
CA LEU A 34 29.71 -9.82 1.99
C LEU A 34 29.28 -8.95 0.82
N ASP A 35 30.21 -8.72 -0.11
CA ASP A 35 29.99 -7.79 -1.20
C ASP A 35 29.13 -8.42 -2.29
N PRO A 36 27.92 -7.94 -2.51
CA PRO A 36 27.03 -8.54 -3.54
C PRO A 36 27.05 -7.85 -4.90
N VAL A 37 27.85 -6.81 -5.09
CA VAL A 37 27.91 -6.08 -6.34
C VAL A 37 29.10 -6.52 -7.20
N GLN A 38 30.26 -6.68 -6.59
CA GLN A 38 31.46 -7.14 -7.29
C GLN A 38 31.63 -8.62 -7.01
N LEU A 39 31.32 -9.46 -8.00
CA LEU A 39 31.47 -10.90 -7.87
C LEU A 39 32.48 -11.43 -8.87
N THR A 40 32.99 -12.61 -8.59
CA THR A 40 33.85 -13.34 -9.51
C THR A 40 33.13 -14.62 -9.91
N PHE A 41 33.05 -14.88 -11.22
CA PHE A 41 32.38 -16.05 -11.75
C PHE A 41 33.40 -16.97 -12.40
N TYR A 42 33.40 -18.23 -11.99
CA TYR A 42 34.20 -19.26 -12.65
C TYR A 42 33.24 -20.19 -13.38
N ALA A 43 33.46 -20.38 -14.67
CA ALA A 43 32.54 -21.14 -15.52
C ALA A 43 33.25 -22.35 -16.13
N GLY A 44 32.48 -23.41 -16.32
CA GLY A 44 33.01 -24.64 -16.88
C GLY A 44 32.16 -25.11 -18.04
N PRO A 45 32.46 -26.30 -18.55
CA PRO A 45 31.80 -26.77 -19.77
C PRO A 45 30.30 -26.87 -19.59
N ASN A 46 29.57 -26.66 -20.69
CA ASN A 46 28.12 -26.68 -20.66
C ASN A 46 27.62 -28.10 -20.40
N GLY A 47 26.69 -28.21 -19.45
CA GLY A 47 26.13 -29.51 -19.11
C GLY A 47 27.01 -30.38 -18.24
N SER A 48 28.08 -29.83 -17.67
CA SER A 48 29.01 -30.59 -16.85
C SER A 48 28.71 -30.50 -15.35
N GLN A 49 27.65 -29.79 -14.97
CA GLN A 49 27.29 -29.62 -13.56
C GLN A 49 28.45 -29.08 -12.75
N PHE A 50 29.16 -28.12 -13.33
CA PHE A 50 30.25 -27.44 -12.63
C PHE A 50 29.73 -26.80 -11.36
N GLY A 51 30.51 -26.86 -10.29
CA GLY A 51 30.09 -26.28 -9.04
C GLY A 51 29.19 -27.16 -8.20
N PHE A 52 29.05 -28.44 -8.57
CA PHE A 52 28.26 -29.37 -7.76
C PHE A 52 28.86 -29.53 -6.38
N SER A 53 30.19 -29.59 -6.30
CA SER A 53 30.88 -29.73 -5.02
C SER A 53 32.22 -29.04 -5.13
N LEU A 54 32.57 -28.24 -4.13
CA LEU A 54 33.72 -27.36 -4.22
C LEU A 54 34.40 -27.24 -2.86
N ASP A 55 35.63 -26.73 -2.88
CA ASP A 55 36.42 -26.58 -1.67
C ASP A 55 37.56 -25.61 -1.96
N PHE A 56 38.26 -25.21 -0.90
CA PHE A 56 39.49 -24.45 -1.07
C PHE A 56 40.68 -25.40 -1.14
N HIS A 57 41.86 -24.84 -1.42
CA HIS A 57 43.06 -25.67 -1.47
C HIS A 57 44.28 -24.79 -1.27
N LYS A 58 45.04 -25.07 -0.22
CA LYS A 58 46.24 -24.31 0.13
C LYS A 58 47.47 -25.14 -0.18
N ASP A 59 48.27 -24.69 -1.14
CA ASP A 59 49.46 -25.44 -1.53
C ASP A 59 50.58 -25.19 -0.53
N SER A 60 51.81 -25.52 -0.91
CA SER A 60 52.94 -25.38 0.01
C SER A 60 53.27 -23.92 0.28
N HIS A 61 53.14 -23.05 -0.73
CA HIS A 61 53.51 -21.65 -0.59
C HIS A 61 52.45 -20.82 0.13
N GLY A 62 51.28 -21.38 0.40
CA GLY A 62 50.23 -20.66 1.08
C GLY A 62 49.18 -20.05 0.18
N ARG A 63 49.36 -20.12 -1.13
CA ARG A 63 48.35 -19.63 -2.05
C ARG A 63 47.07 -20.45 -1.89
N VAL A 64 45.92 -19.79 -2.00
CA VAL A 64 44.63 -20.43 -1.85
C VAL A 64 44.00 -20.50 -3.24
N ALA A 65 44.09 -21.67 -3.88
CA ALA A 65 43.31 -21.92 -5.07
C ALA A 65 41.98 -22.55 -4.67
N ILE A 66 41.10 -22.74 -5.64
CA ILE A 66 39.82 -23.38 -5.41
C ILE A 66 39.82 -24.70 -6.16
N VAL A 67 39.19 -25.71 -5.57
CA VAL A 67 38.95 -26.99 -6.21
C VAL A 67 37.46 -27.07 -6.46
N VAL A 68 37.06 -27.40 -7.68
CA VAL A 68 35.64 -27.52 -8.01
C VAL A 68 35.41 -28.87 -8.66
N GLY A 69 34.21 -29.42 -8.48
CA GLY A 69 33.85 -30.72 -9.02
C GLY A 69 32.86 -30.55 -10.15
N ALA A 70 32.85 -31.53 -11.06
CA ALA A 70 31.96 -31.52 -12.22
C ALA A 70 31.57 -32.94 -12.55
N PRO A 71 30.50 -33.46 -11.95
CA PRO A 71 30.17 -34.87 -12.11
C PRO A 71 29.63 -35.30 -13.46
N ARG A 72 29.60 -34.43 -14.47
CA ARG A 72 29.09 -34.85 -15.78
C ARG A 72 30.01 -34.48 -16.94
N THR A 73 31.23 -34.00 -16.66
CA THR A 73 32.17 -33.65 -17.72
C THR A 73 32.47 -34.88 -18.56
N LEU A 74 32.55 -34.68 -19.88
CA LEU A 74 32.83 -35.77 -20.79
C LEU A 74 34.24 -36.30 -20.58
N GLY A 75 34.39 -37.62 -20.77
CA GLY A 75 35.67 -38.26 -20.57
C GLY A 75 36.44 -38.42 -21.88
N PRO A 76 37.14 -39.55 -22.04
CA PRO A 76 37.87 -39.79 -23.27
C PRO A 76 36.98 -40.29 -24.41
N SER A 77 36.00 -41.12 -24.09
CA SER A 77 35.12 -41.72 -25.07
C SER A 77 33.84 -40.91 -25.28
N GLN A 78 33.89 -39.61 -24.99
CA GLN A 78 32.74 -38.71 -25.13
C GLN A 78 31.53 -39.21 -24.33
N GLU A 79 31.82 -39.79 -23.16
CA GLU A 79 30.78 -40.22 -22.22
C GLU A 79 31.04 -39.58 -20.88
N GLU A 80 29.95 -39.24 -20.18
CA GLU A 80 30.04 -38.57 -18.89
C GLU A 80 30.81 -39.39 -17.87
N THR A 81 31.95 -38.87 -17.43
CA THR A 81 32.71 -39.50 -16.36
C THR A 81 33.16 -38.51 -15.30
N GLY A 82 32.61 -37.31 -15.29
CA GLY A 82 32.97 -36.32 -14.30
C GLY A 82 34.38 -35.78 -14.48
N GLY A 83 34.76 -34.92 -13.56
CA GLY A 83 36.09 -34.33 -13.58
C GLY A 83 36.22 -33.37 -12.42
N VAL A 84 37.46 -32.93 -12.21
CA VAL A 84 37.78 -31.97 -11.16
C VAL A 84 38.61 -30.86 -11.79
N PHE A 85 38.29 -29.62 -11.42
CA PHE A 85 38.91 -28.43 -11.99
C PHE A 85 39.59 -27.66 -10.87
N LEU A 86 40.88 -27.35 -11.05
CA LEU A 86 41.66 -26.67 -10.03
C LEU A 86 41.82 -25.20 -10.43
N CYS A 87 40.84 -24.39 -10.06
CA CYS A 87 40.80 -23.00 -10.45
C CYS A 87 41.80 -22.19 -9.64
N PRO A 88 42.77 -21.54 -10.24
CA PRO A 88 43.56 -20.57 -9.48
C PRO A 88 42.73 -19.33 -9.18
N TRP A 89 43.25 -18.42 -8.36
CA TRP A 89 42.50 -17.22 -8.01
C TRP A 89 42.87 -16.11 -8.99
N ARG A 90 41.87 -15.65 -9.74
CA ARG A 90 41.98 -14.47 -10.58
C ARG A 90 40.81 -13.56 -10.26
N ALA A 91 41.07 -12.26 -10.14
CA ALA A 91 40.05 -11.34 -9.67
C ALA A 91 38.92 -11.13 -10.67
N GLU A 92 39.02 -11.65 -11.89
CA GLU A 92 37.99 -11.46 -12.90
C GLU A 92 37.16 -12.71 -13.21
N GLY A 93 37.69 -13.89 -12.95
CA GLY A 93 36.98 -15.11 -13.28
C GLY A 93 37.40 -15.68 -14.62
N GLY A 94 36.70 -16.75 -15.03
CA GLY A 94 36.97 -17.33 -16.33
C GLY A 94 37.01 -18.84 -16.37
N GLN A 95 37.84 -19.39 -17.25
CA GLN A 95 37.95 -20.83 -17.44
C GLN A 95 39.07 -21.40 -16.58
N CYS A 96 38.79 -22.57 -15.92
CA CYS A 96 39.71 -23.25 -15.03
C CYS A 96 40.40 -24.40 -15.76
N PRO A 97 41.65 -24.71 -15.41
CA PRO A 97 42.26 -25.94 -15.92
C PRO A 97 41.67 -27.17 -15.28
N SER A 98 42.14 -28.36 -15.64
CA SER A 98 41.56 -29.59 -15.12
C SER A 98 42.66 -30.56 -14.72
N LEU A 99 42.43 -31.26 -13.60
CA LEU A 99 43.36 -32.29 -13.14
C LEU A 99 43.10 -33.61 -13.84
N LEU A 100 44.17 -34.25 -14.29
CA LEU A 100 44.04 -35.49 -15.04
C LEU A 100 43.92 -36.67 -14.10
N PHE A 101 42.89 -37.49 -14.32
CA PHE A 101 42.69 -38.73 -13.58
C PHE A 101 42.47 -39.85 -14.58
N ASP A 102 42.86 -41.07 -14.19
CA ASP A 102 42.61 -42.23 -15.04
C ASP A 102 41.12 -42.41 -15.28
N LEU A 103 40.70 -42.35 -16.54
CA LEU A 103 39.30 -42.46 -16.90
C LEU A 103 39.05 -43.57 -17.91
N ARG A 104 39.77 -44.68 -17.76
CA ARG A 104 39.64 -45.83 -18.65
C ARG A 104 39.26 -47.06 -17.83
N ASP A 105 38.44 -47.92 -18.42
CA ASP A 105 38.06 -49.14 -17.73
C ASP A 105 39.28 -50.01 -17.46
N GLU A 106 39.28 -50.69 -16.32
CA GLU A 106 40.36 -51.58 -15.93
C GLU A 106 39.84 -53.00 -15.81
N THR A 107 40.67 -53.95 -16.23
CA THR A 107 40.38 -55.37 -16.09
C THR A 107 41.67 -56.10 -15.73
N ARG A 108 41.54 -57.08 -14.84
CA ARG A 108 42.67 -57.89 -14.43
C ARG A 108 42.25 -59.35 -14.32
N ASN A 109 43.23 -60.24 -14.43
CA ASN A 109 43.01 -61.69 -14.33
C ASN A 109 43.87 -62.20 -13.18
N VAL A 110 43.24 -62.49 -12.04
CA VAL A 110 43.93 -63.00 -10.86
C VAL A 110 43.39 -64.40 -10.57
N GLY A 111 44.26 -65.40 -10.66
CA GLY A 111 43.82 -66.77 -10.47
C GLY A 111 42.80 -67.14 -11.52
N SER A 112 41.65 -67.64 -11.07
CA SER A 112 40.53 -67.95 -11.94
C SER A 112 39.53 -66.81 -12.04
N GLN A 113 39.77 -65.69 -11.36
CA GLN A 113 38.83 -64.58 -11.32
C GLN A 113 39.26 -63.48 -12.28
N THR A 114 38.28 -62.80 -12.85
CA THR A 114 38.50 -61.62 -13.67
C THR A 114 37.80 -60.44 -12.99
N LEU A 115 38.56 -59.38 -12.72
CA LEU A 115 38.06 -58.22 -12.02
C LEU A 115 37.91 -57.07 -12.99
N GLN A 116 36.75 -56.42 -13.00
CA GLN A 116 36.48 -55.33 -13.91
C GLN A 116 35.94 -54.13 -13.15
N THR A 117 36.40 -52.93 -13.53
CA THR A 117 35.87 -51.69 -12.97
C THR A 117 35.31 -50.84 -14.10
N PHE A 118 34.08 -50.37 -13.94
CA PHE A 118 33.37 -49.63 -14.97
C PHE A 118 33.20 -48.17 -14.54
N LYS A 119 33.63 -47.26 -15.41
CA LYS A 119 33.74 -45.84 -15.08
C LYS A 119 32.84 -44.97 -15.95
N ALA A 120 31.91 -45.54 -16.70
CA ALA A 120 30.96 -44.74 -17.46
C ALA A 120 29.84 -44.27 -16.53
N ARG A 121 29.54 -42.97 -16.60
CA ARG A 121 28.59 -42.34 -15.68
C ARG A 121 28.98 -42.57 -14.22
N GLN A 122 30.27 -42.43 -13.92
CA GLN A 122 30.77 -42.69 -12.57
C GLN A 122 30.57 -41.51 -11.63
N GLY A 123 30.33 -40.32 -12.14
CA GLY A 123 30.13 -39.17 -11.28
C GLY A 123 31.34 -38.72 -10.51
N LEU A 124 32.53 -38.75 -11.10
CA LEU A 124 33.73 -38.26 -10.45
C LEU A 124 33.59 -36.78 -10.14
N GLY A 125 34.26 -36.34 -9.08
CA GLY A 125 34.19 -34.95 -8.68
C GLY A 125 32.94 -34.57 -7.93
N ALA A 126 32.05 -35.53 -7.67
CA ALA A 126 30.81 -35.24 -6.96
C ALA A 126 31.03 -34.86 -5.51
N SER A 127 32.21 -35.12 -4.96
CA SER A 127 32.55 -34.68 -3.61
C SER A 127 34.06 -34.50 -3.55
N VAL A 128 34.50 -33.25 -3.45
CA VAL A 128 35.92 -32.91 -3.37
C VAL A 128 36.20 -32.40 -1.97
N VAL A 129 37.31 -32.88 -1.39
CA VAL A 129 37.80 -32.37 -0.12
C VAL A 129 39.30 -32.18 -0.27
N SER A 130 39.87 -31.35 0.60
CA SER A 130 41.27 -31.01 0.52
C SER A 130 41.90 -31.07 1.90
N TRP A 131 43.06 -31.74 2.00
CA TRP A 131 43.82 -31.80 3.23
C TRP A 131 45.28 -31.56 2.92
N SER A 132 45.87 -30.54 3.56
CA SER A 132 47.24 -30.13 3.29
C SER A 132 47.40 -29.82 1.80
N ASP A 133 48.16 -30.65 1.09
CA ASP A 133 48.34 -30.53 -0.35
C ASP A 133 47.86 -31.77 -1.08
N VAL A 134 46.78 -32.38 -0.60
CA VAL A 134 46.20 -33.57 -1.19
C VAL A 134 44.74 -33.29 -1.45
N ILE A 135 44.29 -33.54 -2.68
CA ILE A 135 42.89 -33.35 -3.07
C ILE A 135 42.27 -34.71 -3.27
N VAL A 136 41.15 -34.96 -2.58
CA VAL A 136 40.42 -36.21 -2.69
C VAL A 136 39.12 -35.91 -3.42
N ALA A 137 38.98 -36.43 -4.62
CA ALA A 137 37.76 -36.28 -5.41
C ALA A 137 37.14 -37.65 -5.54
N CYS A 138 35.89 -37.80 -5.11
CA CYS A 138 35.29 -39.11 -4.97
C CYS A 138 34.24 -39.36 -6.03
N ALA A 139 34.30 -40.54 -6.65
CA ALA A 139 33.34 -41.00 -7.63
C ALA A 139 32.38 -41.97 -6.95
N PRO A 140 31.21 -41.51 -6.54
CA PRO A 140 30.31 -42.38 -5.77
C PRO A 140 29.74 -43.55 -6.55
N TRP A 141 29.45 -43.37 -7.84
CA TRP A 141 28.66 -44.33 -8.61
C TRP A 141 29.51 -45.14 -9.59
N GLN A 142 30.74 -45.49 -9.21
CA GLN A 142 31.60 -46.30 -10.05
C GLN A 142 31.27 -47.78 -9.83
N HIS A 143 31.20 -48.54 -10.91
CA HIS A 143 30.73 -49.92 -10.81
C HIS A 143 31.91 -50.89 -10.77
N TRP A 144 31.66 -52.07 -10.20
CA TRP A 144 32.72 -53.07 -10.05
C TRP A 144 32.10 -54.45 -10.15
N ASN A 145 32.73 -55.35 -10.90
CA ASN A 145 32.17 -56.68 -11.08
C ASN A 145 33.27 -57.73 -11.14
N VAL A 146 32.96 -58.93 -10.63
CA VAL A 146 33.89 -60.03 -10.57
C VAL A 146 33.29 -61.22 -11.31
N LEU A 147 34.04 -61.79 -12.25
CA LEU A 147 33.58 -62.94 -13.03
C LEU A 147 34.46 -64.14 -12.73
N GLU A 148 33.82 -65.25 -12.38
CA GLU A 148 34.52 -66.51 -12.12
C GLU A 148 33.67 -67.63 -12.72
N LYS A 149 34.04 -68.07 -13.92
CA LYS A 149 33.28 -69.05 -14.70
C LYS A 149 31.89 -68.46 -14.92
N THR A 150 30.81 -69.21 -14.66
CA THR A 150 29.47 -68.66 -14.86
C THR A 150 29.07 -67.71 -13.74
N GLU A 151 29.49 -68.00 -12.50
CA GLU A 151 29.07 -67.19 -11.37
C GLU A 151 29.69 -65.81 -11.42
N GLU A 152 28.93 -64.80 -10.98
CA GLU A 152 29.38 -63.42 -10.93
C GLU A 152 29.00 -62.81 -9.59
N ALA A 153 29.67 -61.70 -9.26
CA ALA A 153 29.34 -60.92 -8.07
C ALA A 153 28.37 -59.78 -8.37
N GLU A 154 27.81 -59.77 -9.58
CA GLU A 154 26.89 -58.74 -10.06
C GLU A 154 27.58 -57.38 -10.19
N LYS A 155 26.92 -56.46 -10.92
CA LYS A 155 27.45 -55.15 -11.22
C LYS A 155 26.80 -54.15 -10.27
N THR A 156 27.58 -53.63 -9.32
CA THR A 156 27.08 -52.81 -8.24
C THR A 156 27.92 -51.54 -8.09
N PRO A 157 27.34 -50.45 -7.62
CA PRO A 157 28.09 -49.18 -7.50
C PRO A 157 28.90 -49.04 -6.22
N VAL A 158 30.07 -49.68 -6.19
CA VAL A 158 30.88 -49.67 -4.96
C VAL A 158 31.45 -48.30 -4.68
N GLY A 159 31.71 -47.49 -5.72
CA GLY A 159 32.28 -46.18 -5.53
C GLY A 159 33.79 -46.24 -5.36
N SER A 160 34.40 -45.05 -5.37
CA SER A 160 35.84 -44.95 -5.22
C SER A 160 36.19 -43.50 -4.87
N CYS A 161 37.45 -43.28 -4.53
CA CYS A 161 37.95 -41.93 -4.27
C CYS A 161 39.35 -41.81 -4.85
N PHE A 162 39.54 -40.86 -5.77
CA PHE A 162 40.83 -40.60 -6.37
C PHE A 162 41.55 -39.52 -5.57
N LEU A 163 42.77 -39.80 -5.15
CA LEU A 163 43.59 -38.87 -4.42
C LEU A 163 44.70 -38.35 -5.32
N ALA A 164 44.92 -37.04 -5.31
CA ALA A 164 45.92 -36.41 -6.15
C ALA A 164 46.77 -35.46 -5.33
N GLN A 165 48.06 -35.41 -5.65
CA GLN A 165 48.97 -34.41 -5.08
C GLN A 165 49.49 -33.54 -6.22
N PRO A 166 48.92 -32.35 -6.44
CA PRO A 166 49.20 -31.64 -7.69
C PRO A 166 50.67 -31.25 -7.88
N GLU A 167 51.30 -30.66 -6.87
CA GLU A 167 52.65 -30.14 -7.07
C GLU A 167 53.64 -31.24 -7.39
N SER A 168 53.55 -32.38 -6.69
CA SER A 168 54.46 -33.48 -6.94
C SER A 168 53.93 -34.48 -7.97
N GLY A 169 52.64 -34.46 -8.25
CA GLY A 169 52.08 -35.29 -9.30
C GLY A 169 51.72 -36.71 -8.92
N ARG A 170 51.77 -37.05 -7.64
CA ARG A 170 51.42 -38.40 -7.23
C ARG A 170 49.92 -38.63 -7.33
N ARG A 171 49.54 -39.87 -7.68
CA ARG A 171 48.14 -40.25 -7.82
C ARG A 171 47.91 -41.55 -7.07
N ALA A 172 46.73 -41.68 -6.47
CA ALA A 172 46.38 -42.89 -5.73
C ALA A 172 44.87 -43.07 -5.77
N GLU A 173 44.43 -44.27 -5.41
CA GLU A 173 43.02 -44.60 -5.38
C GLU A 173 42.68 -45.31 -4.08
N TYR A 174 41.50 -45.03 -3.54
CA TYR A 174 41.01 -45.71 -2.35
C TYR A 174 39.58 -46.18 -2.58
N SER A 175 39.34 -47.45 -2.31
CA SER A 175 37.99 -48.02 -2.40
C SER A 175 37.89 -49.19 -1.44
N PRO A 176 37.22 -49.03 -0.31
CA PRO A 176 37.19 -50.07 0.72
C PRO A 176 36.06 -51.09 0.57
N CYS A 177 35.19 -50.93 -0.42
CA CYS A 177 34.03 -51.78 -0.58
C CYS A 177 34.16 -52.76 -1.73
N ARG A 178 35.36 -52.90 -2.30
CA ARG A 178 35.60 -53.84 -3.38
C ARG A 178 35.88 -55.22 -2.81
N GLY A 179 35.07 -56.21 -3.20
CA GLY A 179 35.23 -57.56 -2.73
C GLY A 179 35.17 -58.56 -3.88
N ASN A 180 35.44 -59.81 -3.55
CA ASN A 180 35.44 -60.89 -4.53
C ASN A 180 34.44 -61.98 -4.24
N THR A 181 33.63 -61.84 -3.19
CA THR A 181 32.67 -62.88 -2.83
C THR A 181 31.60 -63.02 -3.90
N LEU A 182 31.27 -64.26 -4.23
CA LEU A 182 30.25 -64.54 -5.23
C LEU A 182 28.86 -64.34 -4.65
N SER A 183 27.86 -64.30 -5.54
CA SER A 183 26.51 -63.89 -5.14
C SER A 183 25.82 -64.96 -4.30
N ARG A 184 26.11 -66.24 -4.57
CA ARG A 184 25.41 -67.31 -3.85
C ARG A 184 25.72 -67.26 -2.36
N ILE A 185 26.96 -66.91 -2.01
CA ILE A 185 27.33 -66.81 -0.60
C ILE A 185 26.52 -65.74 0.10
N TYR A 186 26.35 -64.58 -0.54
CA TYR A 186 25.50 -63.53 0.03
C TYR A 186 24.07 -64.00 0.16
N VAL A 187 23.56 -64.71 -0.84
CA VAL A 187 22.17 -65.16 -0.79
C VAL A 187 21.96 -66.12 0.36
N GLU A 188 22.91 -67.03 0.59
CA GLU A 188 22.77 -68.01 1.65
C GLU A 188 23.05 -67.44 3.04
N ASN A 189 23.72 -66.30 3.13
CA ASN A 189 24.01 -65.65 4.41
C ASN A 189 23.03 -64.53 4.74
N ASP A 190 21.88 -64.50 4.07
CA ASP A 190 20.85 -63.50 4.30
C ASP A 190 21.37 -62.08 4.07
N PHE A 191 22.23 -61.94 3.06
CA PHE A 191 22.78 -60.63 2.66
C PHE A 191 23.43 -59.91 3.84
N SER A 192 24.24 -60.66 4.60
CA SER A 192 24.98 -60.10 5.72
C SER A 192 26.34 -59.61 5.24
N TRP A 193 26.72 -58.42 5.71
CA TRP A 193 27.97 -57.76 5.31
C TRP A 193 28.02 -57.61 3.78
N ASP A 194 26.96 -57.02 3.24
CA ASP A 194 26.77 -56.87 1.79
C ASP A 194 27.16 -55.45 1.43
N LYS A 195 28.46 -55.22 1.24
CA LYS A 195 28.99 -53.90 0.94
C LYS A 195 29.05 -53.62 -0.56
N ARG A 196 28.26 -54.34 -1.36
CA ARG A 196 28.36 -54.18 -2.81
C ARG A 196 27.83 -52.83 -3.28
N TYR A 197 26.81 -52.29 -2.63
CA TYR A 197 26.16 -51.06 -3.05
C TYR A 197 26.65 -49.85 -2.27
N CYS A 198 27.92 -49.86 -1.87
CA CYS A 198 28.41 -48.90 -0.87
C CYS A 198 28.17 -47.47 -1.31
N GLU A 199 28.59 -47.12 -2.51
CA GLU A 199 28.65 -45.73 -2.94
C GLU A 199 29.54 -44.92 -2.00
N ALA A 200 30.68 -45.50 -1.61
CA ALA A 200 31.64 -44.78 -0.79
C ALA A 200 32.13 -43.54 -1.54
N GLY A 201 32.31 -42.46 -0.80
CA GLY A 201 32.61 -41.19 -1.41
C GLY A 201 31.41 -40.30 -1.58
N PHE A 202 30.23 -40.78 -1.20
CA PHE A 202 29.03 -39.95 -1.21
C PHE A 202 29.26 -38.66 -0.42
N SER A 203 29.89 -38.77 0.75
CA SER A 203 30.19 -37.63 1.61
C SER A 203 31.50 -37.90 2.32
N SER A 204 32.49 -37.05 2.10
CA SER A 204 33.83 -37.28 2.59
C SER A 204 34.27 -36.14 3.49
N VAL A 205 34.98 -36.49 4.56
CA VAL A 205 35.57 -35.51 5.48
C VAL A 205 36.94 -36.00 5.89
N VAL A 206 37.92 -35.10 5.92
CA VAL A 206 39.27 -35.45 6.37
C VAL A 206 39.47 -34.85 7.76
N THR A 207 39.74 -35.71 8.74
CA THR A 207 40.05 -35.25 10.09
C THR A 207 41.42 -34.60 10.10
N GLN A 208 41.64 -33.74 11.10
N GLN A 208 41.63 -33.74 11.10
CA GLN A 208 42.87 -32.98 11.14
CA GLN A 208 42.86 -32.97 11.19
C GLN A 208 44.10 -33.81 11.52
C GLN A 208 44.08 -33.81 11.53
N ALA A 209 43.90 -35.05 11.95
CA ALA A 209 45.04 -35.93 12.21
C ALA A 209 45.57 -36.57 10.93
N GLY A 210 44.88 -36.41 9.82
CA GLY A 210 45.28 -37.00 8.56
C GLY A 210 44.52 -38.25 8.16
N GLU A 211 43.28 -38.41 8.61
CA GLU A 211 42.50 -39.61 8.36
C GLU A 211 41.26 -39.27 7.54
N LEU A 212 41.04 -40.04 6.48
CA LEU A 212 39.93 -39.83 5.57
C LEU A 212 38.73 -40.65 6.05
N VAL A 213 37.56 -40.02 6.06
CA VAL A 213 36.32 -40.60 6.53
C VAL A 213 35.29 -40.48 5.42
N LEU A 214 34.81 -41.61 4.93
CA LEU A 214 33.89 -41.67 3.80
C LEU A 214 32.58 -42.28 4.25
N GLY A 215 31.46 -41.67 3.86
CA GLY A 215 30.15 -42.19 4.19
C GLY A 215 29.57 -42.92 3.00
N ALA A 216 29.08 -44.11 3.24
CA ALA A 216 28.57 -44.98 2.18
C ALA A 216 27.11 -45.29 2.48
N PRO A 217 26.18 -44.45 2.03
CA PRO A 217 24.79 -44.63 2.42
C PRO A 217 24.16 -45.91 1.94
N GLY A 218 24.75 -46.60 0.97
CA GLY A 218 24.13 -47.82 0.51
C GLY A 218 24.67 -49.09 1.12
N GLY A 219 25.72 -49.02 1.93
CA GLY A 219 26.37 -50.22 2.39
C GLY A 219 25.50 -51.04 3.32
N TYR A 220 25.83 -52.32 3.42
CA TYR A 220 25.09 -53.29 4.24
C TYR A 220 23.63 -53.36 3.82
N TYR A 221 23.40 -53.42 2.50
CA TYR A 221 22.06 -53.47 1.92
C TYR A 221 21.24 -52.24 2.31
N PHE A 222 21.73 -51.09 1.87
CA PHE A 222 21.04 -49.80 2.04
C PHE A 222 20.82 -49.48 3.52
N LEU A 223 21.71 -49.97 4.38
CA LEU A 223 21.74 -49.56 5.78
C LEU A 223 22.60 -48.32 5.97
N GLY A 224 23.77 -48.31 5.36
CA GLY A 224 24.73 -47.22 5.46
C GLY A 224 25.91 -47.62 6.32
N LEU A 225 27.10 -47.19 5.91
CA LEU A 225 28.30 -47.48 6.68
C LEU A 225 29.25 -46.29 6.56
N LEU A 226 30.43 -46.43 7.15
CA LEU A 226 31.43 -45.39 7.16
C LEU A 226 32.80 -46.07 7.16
N ALA A 227 33.76 -45.47 6.44
CA ALA A 227 35.08 -46.07 6.27
C ALA A 227 36.16 -45.04 6.55
N GLN A 228 37.12 -45.39 7.39
CA GLN A 228 38.17 -44.47 7.80
C GLN A 228 39.54 -45.09 7.51
N ALA A 229 40.44 -44.28 6.95
CA ALA A 229 41.79 -44.76 6.70
C ALA A 229 42.74 -43.58 6.59
N PRO A 230 43.97 -43.67 7.07
CA PRO A 230 44.89 -42.54 6.95
C PRO A 230 45.22 -42.26 5.50
N VAL A 231 45.46 -40.98 5.19
CA VAL A 231 45.82 -40.61 3.83
C VAL A 231 47.19 -41.18 3.48
N ALA A 232 48.14 -41.12 4.40
CA ALA A 232 49.47 -41.65 4.12
C ALA A 232 49.43 -43.13 3.84
N ASP A 233 48.60 -43.88 4.58
CA ASP A 233 48.50 -45.31 4.34
C ASP A 233 47.81 -45.62 3.03
N ILE A 234 46.84 -44.80 2.63
CA ILE A 234 46.21 -44.97 1.33
C ILE A 234 47.23 -44.76 0.21
N PHE A 235 48.03 -43.70 0.32
CA PHE A 235 49.03 -43.41 -0.70
C PHE A 235 50.10 -44.49 -0.75
N SER A 236 50.55 -44.96 0.41
CA SER A 236 51.68 -45.90 0.45
C SER A 236 51.27 -47.31 0.06
N SER A 237 49.99 -47.67 0.19
CA SER A 237 49.52 -49.01 -0.10
C SER A 237 48.90 -49.14 -1.49
N TYR A 238 49.12 -48.16 -2.37
CA TYR A 238 48.56 -48.19 -3.71
C TYR A 238 49.59 -48.79 -4.67
N ARG A 239 49.28 -49.97 -5.20
CA ARG A 239 50.09 -50.57 -6.26
C ARG A 239 49.31 -50.51 -7.56
N PRO A 240 49.75 -49.73 -8.54
CA PRO A 240 48.97 -49.59 -9.78
C PRO A 240 48.80 -50.93 -10.48
N GLY A 241 47.60 -51.14 -11.02
CA GLY A 241 47.28 -52.34 -11.75
C GLY A 241 46.71 -53.47 -10.91
N ILE A 242 46.71 -53.35 -9.58
CA ILE A 242 46.10 -54.34 -8.71
C ILE A 242 44.76 -53.77 -8.26
N LEU A 243 43.66 -54.34 -8.78
CA LEU A 243 42.36 -53.75 -8.56
C LEU A 243 41.82 -54.02 -7.16
N LEU A 244 42.19 -55.15 -6.55
CA LEU A 244 41.68 -55.53 -5.23
C LEU A 244 42.83 -55.60 -4.25
N TRP A 245 42.81 -54.70 -3.26
CA TRP A 245 43.80 -54.69 -2.20
C TRP A 245 43.17 -54.06 -0.97
N HIS A 246 43.81 -54.25 0.18
CA HIS A 246 43.27 -53.75 1.43
C HIS A 246 44.32 -52.94 2.18
N VAL A 247 43.90 -51.80 2.73
CA VAL A 247 44.75 -51.01 3.59
C VAL A 247 44.83 -51.68 4.95
N SER A 248 46.01 -51.60 5.58
CA SER A 248 46.20 -52.33 6.83
C SER A 248 45.43 -51.69 7.98
N SER A 249 45.30 -50.37 7.98
CA SER A 249 44.78 -49.64 9.12
C SER A 249 43.35 -49.16 8.95
N GLN A 250 42.64 -49.63 7.93
CA GLN A 250 41.28 -49.19 7.73
C GLN A 250 40.34 -49.85 8.73
N SER A 251 39.22 -49.19 9.00
CA SER A 251 38.23 -49.69 9.96
C SER A 251 36.85 -49.26 9.49
N LEU A 252 35.97 -50.23 9.25
CA LEU A 252 34.63 -49.97 8.77
C LEU A 252 33.61 -50.16 9.88
N SER A 253 32.48 -49.48 9.73
CA SER A 253 31.41 -49.55 10.71
C SER A 253 30.70 -50.90 10.62
N PHE A 254 29.86 -51.17 11.62
CA PHE A 254 29.15 -52.44 11.75
C PHE A 254 27.71 -52.31 11.29
N ASP A 255 27.07 -53.46 11.05
CA ASP A 255 25.67 -53.49 10.67
C ASP A 255 24.80 -53.84 11.89
N SER A 256 23.55 -53.44 11.82
CA SER A 256 22.61 -53.64 12.91
C SER A 256 21.33 -54.27 12.38
N SER A 257 20.75 -55.16 13.18
CA SER A 257 19.49 -55.80 12.86
C SER A 257 18.30 -55.10 13.50
N ASN A 258 18.52 -53.92 14.07
CA ASN A 258 17.42 -53.12 14.60
C ASN A 258 16.54 -52.64 13.45
N PRO A 259 15.24 -52.93 13.47
CA PRO A 259 14.38 -52.52 12.34
C PRO A 259 14.33 -51.04 12.09
N GLU A 260 14.73 -50.21 13.06
CA GLU A 260 14.78 -48.77 12.82
C GLU A 260 15.83 -48.42 11.78
N TYR A 261 16.97 -49.13 11.80
CA TYR A 261 18.10 -48.78 10.95
C TYR A 261 17.87 -49.08 9.48
N PHE A 262 16.94 -49.98 9.16
CA PHE A 262 16.73 -50.39 7.78
C PHE A 262 16.41 -49.19 6.90
N ASP A 263 17.06 -49.11 5.74
CA ASP A 263 16.85 -48.03 4.78
C ASP A 263 17.04 -46.67 5.43
N GLY A 264 18.09 -46.54 6.23
CA GLY A 264 18.36 -45.30 6.91
C GLY A 264 19.32 -44.36 6.22
N TYR A 265 20.02 -44.83 5.20
CA TYR A 265 21.00 -44.02 4.47
C TYR A 265 22.00 -43.40 5.44
N TRP A 266 22.44 -44.20 6.40
CA TRP A 266 23.42 -43.80 7.40
C TRP A 266 24.72 -43.41 6.73
N GLY A 267 25.07 -42.12 6.75
CA GLY A 267 26.22 -41.64 6.04
C GLY A 267 25.89 -40.71 4.90
N TYR A 268 24.65 -40.28 4.77
CA TYR A 268 24.28 -39.28 3.76
C TYR A 268 25.13 -38.03 3.92
N SER A 269 25.53 -37.69 5.14
CA SER A 269 26.37 -36.53 5.39
C SER A 269 27.14 -36.75 6.68
N VAL A 270 28.42 -36.39 6.68
CA VAL A 270 29.29 -36.59 7.83
C VAL A 270 29.97 -35.28 8.19
N ALA A 271 30.42 -35.21 9.44
CA ALA A 271 31.21 -34.08 9.92
C ALA A 271 32.06 -34.59 11.08
N VAL A 272 33.03 -33.79 11.49
CA VAL A 272 33.90 -34.15 12.61
C VAL A 272 34.01 -32.96 13.56
N GLY A 273 34.41 -33.24 14.79
CA GLY A 273 34.57 -32.20 15.77
C GLY A 273 35.17 -32.67 17.08
N GLU A 274 34.62 -32.18 18.18
CA GLU A 274 35.06 -32.58 19.52
C GLU A 274 33.87 -32.40 20.45
N PHE A 275 33.31 -33.51 20.93
CA PHE A 275 32.05 -33.47 21.66
C PHE A 275 32.08 -34.24 22.97
N ASP A 276 33.26 -34.50 23.53
CA ASP A 276 33.29 -35.22 24.80
C ASP A 276 34.32 -34.73 25.80
N GLY A 277 35.00 -33.61 25.55
CA GLY A 277 35.92 -33.04 26.51
C GLY A 277 37.31 -33.63 26.54
N ASP A 278 37.59 -34.64 25.73
CA ASP A 278 38.91 -35.24 25.63
C ASP A 278 39.48 -34.92 24.26
N LEU A 279 40.63 -34.26 24.24
CA LEU A 279 41.22 -33.79 22.98
C LEU A 279 42.00 -34.85 22.24
N ASN A 280 42.19 -36.03 22.82
CA ASN A 280 42.94 -37.08 22.15
C ASN A 280 42.11 -37.81 21.09
N THR A 281 40.78 -37.81 21.22
CA THR A 281 39.91 -38.52 20.30
C THR A 281 39.12 -37.54 19.44
N THR A 282 38.49 -38.08 18.40
CA THR A 282 37.63 -37.31 17.50
C THR A 282 36.27 -37.98 17.40
N GLU A 283 35.23 -37.17 17.32
CA GLU A 283 33.84 -37.64 17.40
C GLU A 283 33.12 -37.35 16.09
N TYR A 284 32.88 -38.39 15.29
CA TYR A 284 32.19 -38.25 14.02
C TYR A 284 30.71 -37.95 14.25
N VAL A 285 30.12 -37.18 13.35
CA VAL A 285 28.71 -36.84 13.38
C VAL A 285 28.11 -37.24 12.04
N VAL A 286 27.18 -38.18 12.05
CA VAL A 286 26.64 -38.71 10.80
C VAL A 286 25.15 -38.48 10.76
N GLY A 287 24.63 -38.33 9.55
CA GLY A 287 23.21 -38.09 9.35
C GLY A 287 22.54 -39.26 8.66
N ALA A 288 21.34 -39.60 9.12
CA ALA A 288 20.52 -40.65 8.52
C ALA A 288 19.16 -40.07 8.23
N PRO A 289 18.97 -39.46 7.07
CA PRO A 289 17.74 -38.71 6.80
C PRO A 289 16.49 -39.56 6.62
N THR A 290 16.62 -40.86 6.39
CA THR A 290 15.47 -41.75 6.26
C THR A 290 15.51 -42.81 7.35
N TRP A 291 15.82 -42.40 8.57
CA TRP A 291 16.02 -43.30 9.69
C TRP A 291 14.69 -43.52 10.40
N SER A 292 14.37 -44.79 10.69
CA SER A 292 13.18 -45.17 11.43
C SER A 292 11.90 -44.69 10.73
N TRP A 293 11.67 -45.28 9.55
CA TRP A 293 10.47 -45.02 8.75
C TRP A 293 10.35 -43.54 8.40
N THR A 294 11.38 -43.04 7.72
CA THR A 294 11.42 -41.68 7.19
C THR A 294 11.22 -40.64 8.28
N LEU A 295 11.83 -40.85 9.44
CA LEU A 295 11.86 -39.83 10.49
C LEU A 295 13.13 -39.00 10.42
N GLY A 296 14.28 -39.62 10.56
CA GLY A 296 15.56 -38.95 10.41
C GLY A 296 16.28 -38.89 11.75
N ALA A 297 17.61 -38.96 11.69
CA ALA A 297 18.39 -38.90 12.92
C ALA A 297 19.78 -38.38 12.62
N VAL A 298 20.46 -37.92 13.67
CA VAL A 298 21.85 -37.54 13.60
C VAL A 298 22.56 -38.13 14.79
N GLU A 299 23.60 -38.93 14.54
CA GLU A 299 24.28 -39.66 15.60
C GLU A 299 25.69 -39.11 15.78
N ILE A 300 26.07 -38.88 17.02
CA ILE A 300 27.41 -38.40 17.36
C ILE A 300 28.18 -39.61 17.90
N LEU A 301 28.86 -40.31 17.01
CA LEU A 301 29.61 -41.50 17.41
C LEU A 301 30.98 -41.08 17.93
N ASP A 302 31.87 -42.05 18.11
CA ASP A 302 33.26 -41.73 18.37
C ASP A 302 34.16 -42.52 17.44
N SER A 303 35.48 -42.51 17.69
CA SER A 303 36.42 -43.03 16.72
C SER A 303 36.30 -44.54 16.52
N TYR A 304 35.56 -45.24 17.38
CA TYR A 304 35.35 -46.67 17.25
C TYR A 304 33.90 -47.00 16.86
N TYR A 305 33.15 -46.00 16.41
CA TYR A 305 31.78 -46.17 15.94
C TYR A 305 30.84 -46.65 17.05
N GLN A 306 31.11 -46.24 18.29
CA GLN A 306 30.20 -46.42 19.40
C GLN A 306 29.42 -45.12 19.58
N ARG A 307 28.10 -45.23 19.68
N ARG A 307 28.10 -45.23 19.69
CA ARG A 307 27.26 -44.04 19.80
CA ARG A 307 27.27 -44.04 19.80
C ARG A 307 27.51 -43.32 21.11
C ARG A 307 27.51 -43.32 21.11
N LEU A 308 27.32 -42.00 21.09
CA LEU A 308 27.29 -41.20 22.29
C LEU A 308 25.96 -40.48 22.48
N HIS A 309 25.32 -40.08 21.39
CA HIS A 309 24.01 -39.45 21.45
C HIS A 309 23.38 -39.55 20.07
N ARG A 310 22.06 -39.54 20.05
CA ARG A 310 21.28 -39.57 18.82
C ARG A 310 20.19 -38.51 18.91
N LEU A 311 20.07 -37.69 17.89
CA LEU A 311 19.08 -36.63 17.82
C LEU A 311 18.03 -37.07 16.81
N ARG A 312 16.80 -37.23 17.27
CA ARG A 312 15.73 -37.71 16.41
C ARG A 312 15.04 -36.55 15.71
N GLY A 313 14.43 -36.85 14.57
CA GLY A 313 13.79 -35.82 13.78
C GLY A 313 12.49 -35.36 14.39
N GLU A 314 11.97 -34.27 13.84
CA GLU A 314 10.75 -33.66 14.36
C GLU A 314 9.49 -34.06 13.60
N GLN A 315 9.57 -34.18 12.28
CA GLN A 315 8.42 -34.46 11.44
C GLN A 315 8.74 -35.59 10.49
N MET A 316 7.73 -36.41 10.19
CA MET A 316 7.91 -37.51 9.26
C MET A 316 8.14 -36.97 7.85
N ALA A 317 9.18 -37.48 7.20
CA ALA A 317 9.52 -37.12 5.81
C ALA A 317 9.89 -35.65 5.66
N SER A 318 10.51 -35.06 6.67
CA SER A 318 11.09 -33.74 6.55
C SER A 318 12.56 -33.78 6.17
N TYR A 319 13.15 -34.97 6.16
CA TYR A 319 14.52 -35.23 5.70
C TYR A 319 15.54 -34.57 6.62
N PHE A 320 15.46 -34.95 7.90
CA PHE A 320 16.32 -34.40 8.95
C PHE A 320 17.66 -35.11 8.95
N GLY A 321 18.73 -34.35 9.00
CA GLY A 321 20.06 -34.90 8.88
C GLY A 321 20.64 -34.85 7.49
N HIS A 322 19.96 -34.19 6.56
CA HIS A 322 20.46 -34.04 5.20
C HIS A 322 21.81 -33.32 5.19
N SER A 323 21.93 -32.24 5.95
CA SER A 323 23.17 -31.49 6.05
C SER A 323 23.47 -31.22 7.52
N VAL A 324 24.68 -31.50 7.94
CA VAL A 324 25.13 -31.28 9.31
C VAL A 324 26.36 -30.38 9.27
N ALA A 325 26.42 -29.44 10.20
CA ALA A 325 27.58 -28.57 10.35
C ALA A 325 27.97 -28.52 11.82
N VAL A 326 29.26 -28.32 12.08
CA VAL A 326 29.78 -28.29 13.43
C VAL A 326 30.62 -27.04 13.59
N THR A 327 30.10 -26.06 14.32
CA THR A 327 30.83 -24.81 14.51
C THR A 327 30.47 -24.22 15.86
N ASP A 328 31.32 -23.33 16.35
CA ASP A 328 31.23 -22.82 17.72
C ASP A 328 30.54 -21.45 17.70
N VAL A 329 29.22 -21.47 17.56
CA VAL A 329 28.45 -20.25 17.28
C VAL A 329 28.10 -19.43 18.50
N ASN A 330 28.69 -19.70 19.67
CA ASN A 330 28.42 -18.89 20.85
C ASN A 330 29.68 -18.54 21.64
N GLY A 331 30.85 -18.82 21.09
CA GLY A 331 32.09 -18.32 21.64
C GLY A 331 32.44 -18.74 23.06
N ASP A 332 32.25 -20.02 23.38
CA ASP A 332 32.63 -20.54 24.69
C ASP A 332 33.68 -21.64 24.61
N GLY A 333 34.13 -22.01 23.41
CA GLY A 333 35.14 -23.03 23.25
C GLY A 333 34.62 -24.42 22.93
N ARG A 334 33.32 -24.65 23.04
CA ARG A 334 32.73 -25.96 22.83
C ARG A 334 31.87 -25.95 21.58
N HIS A 335 32.05 -26.95 20.73
CA HIS A 335 31.44 -26.97 19.41
C HIS A 335 29.94 -27.18 19.49
N ASP A 336 29.21 -26.48 18.63
CA ASP A 336 27.76 -26.59 18.57
C ASP A 336 27.34 -27.16 17.22
N LEU A 337 26.28 -27.95 17.22
CA LEU A 337 25.85 -28.66 16.03
C LEU A 337 24.71 -27.91 15.36
N LEU A 338 24.63 -28.03 14.04
CA LEU A 338 23.51 -27.49 13.26
C LEU A 338 23.07 -28.56 12.27
N VAL A 339 21.76 -28.81 12.21
CA VAL A 339 21.22 -29.86 11.35
C VAL A 339 20.13 -29.27 10.47
N GLY A 340 20.01 -29.77 9.25
CA GLY A 340 19.08 -29.22 8.29
C GLY A 340 17.97 -30.20 7.94
N ALA A 341 16.78 -29.65 7.69
CA ALA A 341 15.62 -30.41 7.23
C ALA A 341 15.03 -29.67 6.03
N PRO A 342 15.52 -29.96 4.82
CA PRO A 342 15.10 -29.15 3.66
C PRO A 342 13.61 -29.20 3.36
N LEU A 343 12.92 -30.29 3.67
CA LEU A 343 11.55 -30.47 3.24
C LEU A 343 10.54 -30.29 4.38
N TYR A 344 10.91 -29.56 5.43
CA TYR A 344 10.01 -29.38 6.56
C TYR A 344 8.80 -28.55 6.17
N MET A 345 7.63 -28.97 6.65
CA MET A 345 6.37 -28.30 6.36
C MET A 345 5.90 -27.57 7.61
N GLU A 346 6.03 -26.24 7.61
CA GLU A 346 5.57 -25.43 8.72
C GLU A 346 4.06 -25.20 8.62
N SER A 347 3.45 -24.90 9.75
CA SER A 347 1.99 -24.75 9.86
C SER A 347 1.64 -23.26 9.77
N ARG A 348 1.00 -22.88 8.68
CA ARG A 348 0.53 -21.51 8.49
C ARG A 348 -0.89 -21.38 9.04
N ALA A 349 -1.55 -20.26 8.73
CA ALA A 349 -2.89 -20.01 9.22
C ALA A 349 -3.96 -20.58 8.29
N ASP A 350 -3.97 -20.14 7.03
CA ASP A 350 -4.97 -20.62 6.09
C ASP A 350 -4.70 -22.07 5.69
N ARG A 351 -3.44 -22.42 5.45
CA ARG A 351 -3.05 -23.78 5.12
C ARG A 351 -2.25 -24.35 6.27
N LYS A 352 -2.66 -25.50 6.77
CA LYS A 352 -2.04 -26.06 7.97
C LYS A 352 -0.64 -26.61 7.71
N LEU A 353 -0.24 -26.79 6.45
CA LEU A 353 1.10 -27.27 6.14
C LEU A 353 1.61 -26.57 4.89
N ALA A 354 2.89 -26.19 4.90
CA ALA A 354 3.51 -25.53 3.76
C ALA A 354 5.00 -25.82 3.79
N GLU A 355 5.51 -26.50 2.77
CA GLU A 355 6.90 -26.95 2.75
C GLU A 355 7.83 -25.76 2.61
N VAL A 356 8.65 -25.51 3.62
CA VAL A 356 9.60 -24.39 3.58
C VAL A 356 11.02 -24.77 3.96
N GLY A 357 11.26 -25.79 4.78
CA GLY A 357 12.59 -26.11 5.26
C GLY A 357 12.84 -25.59 6.66
N ARG A 358 13.89 -26.11 7.29
CA ARG A 358 14.20 -25.73 8.66
C ARG A 358 15.65 -26.05 8.99
N VAL A 359 16.20 -25.35 9.98
CA VAL A 359 17.52 -25.60 10.53
C VAL A 359 17.40 -25.61 12.05
N TYR A 360 18.01 -26.61 12.69
CA TYR A 360 18.01 -26.76 14.14
C TYR A 360 19.41 -26.50 14.67
N LEU A 361 19.51 -25.73 15.76
CA LEU A 361 20.79 -25.45 16.40
C LEU A 361 20.83 -26.11 17.76
N PHE A 362 21.82 -26.98 17.99
CA PHE A 362 22.00 -27.67 19.26
C PHE A 362 23.28 -27.15 19.90
N LEU A 363 23.15 -26.45 21.03
CA LEU A 363 24.29 -25.90 21.74
C LEU A 363 24.80 -26.93 22.76
N GLN A 364 26.10 -27.19 22.73
CA GLN A 364 26.66 -28.20 23.60
C GLN A 364 26.70 -27.73 25.04
N PRO A 365 26.12 -28.47 25.99
CA PRO A 365 26.14 -28.07 27.40
C PRO A 365 27.40 -28.53 28.12
N ARG A 366 27.64 -27.91 29.27
CA ARG A 366 28.84 -28.19 30.04
C ARG A 366 28.78 -29.57 30.68
N GLY A 367 29.96 -30.10 30.97
CA GLY A 367 30.07 -31.38 31.65
C GLY A 367 29.59 -32.54 30.81
N PRO A 368 29.11 -33.60 31.48
CA PRO A 368 28.63 -34.78 30.74
C PRO A 368 27.17 -34.68 30.35
N HIS A 369 26.61 -33.46 30.41
CA HIS A 369 25.21 -33.26 30.06
C HIS A 369 24.97 -33.59 28.59
N ALA A 370 23.78 -34.11 28.30
CA ALA A 370 23.43 -34.50 26.95
C ALA A 370 22.79 -33.34 26.19
N LEU A 371 23.12 -33.26 24.89
CA LEU A 371 22.57 -32.23 24.02
C LEU A 371 21.06 -32.39 23.95
N GLY A 372 20.31 -31.51 24.58
CA GLY A 372 18.89 -31.71 24.77
C GLY A 372 18.00 -31.22 23.64
N ALA A 373 17.04 -30.36 23.98
CA ALA A 373 16.15 -29.81 22.98
C ALA A 373 16.89 -28.81 22.10
N PRO A 374 16.40 -28.56 20.88
CA PRO A 374 17.04 -27.56 20.02
C PRO A 374 17.02 -26.19 20.68
N SER A 375 18.14 -25.49 20.57
CA SER A 375 18.28 -24.16 21.16
C SER A 375 17.79 -23.06 20.25
N LEU A 376 17.48 -23.36 18.99
CA LEU A 376 16.96 -22.39 18.05
C LEU A 376 16.46 -23.13 16.81
N LEU A 377 15.29 -22.72 16.33
CA LEU A 377 14.70 -23.26 15.11
C LEU A 377 14.59 -22.13 14.10
N LEU A 378 15.23 -22.28 12.96
CA LEU A 378 15.17 -21.31 11.89
C LEU A 378 14.31 -21.88 10.77
N THR A 379 13.33 -21.12 10.31
CA THR A 379 12.39 -21.59 9.29
C THR A 379 12.42 -20.67 8.09
N GLY A 380 12.23 -21.25 6.90
CA GLY A 380 12.21 -20.48 5.68
C GLY A 380 10.87 -19.85 5.42
N THR A 381 10.81 -19.09 4.33
CA THR A 381 9.59 -18.37 3.96
C THR A 381 9.02 -18.82 2.63
N GLN A 382 9.83 -18.89 1.58
CA GLN A 382 9.34 -19.22 0.25
C GLN A 382 8.93 -20.69 0.17
N LEU A 383 7.81 -20.94 -0.50
CA LEU A 383 7.31 -22.30 -0.67
C LEU A 383 8.23 -23.10 -1.57
N TYR A 384 8.46 -24.36 -1.20
CA TYR A 384 9.38 -25.25 -1.92
C TYR A 384 10.76 -24.62 -2.05
N GLY A 385 11.20 -23.93 -1.00
CA GLY A 385 12.49 -23.27 -1.04
C GLY A 385 13.67 -24.14 -0.71
N ARG A 386 13.43 -25.29 -0.07
CA ARG A 386 14.50 -26.19 0.36
C ARG A 386 15.52 -25.44 1.23
N PHE A 387 15.00 -24.69 2.19
CA PHE A 387 15.85 -23.97 3.14
C PHE A 387 16.60 -24.96 4.02
N GLY A 388 17.87 -24.66 4.28
CA GLY A 388 18.65 -25.52 5.14
C GLY A 388 19.32 -26.69 4.47
N SER A 389 19.32 -26.74 3.13
CA SER A 389 19.93 -27.84 2.40
C SER A 389 21.42 -27.65 2.18
N ALA A 390 22.01 -26.56 2.70
CA ALA A 390 23.45 -26.40 2.69
C ALA A 390 23.79 -25.41 3.79
N ILE A 391 24.54 -25.86 4.79
CA ILE A 391 24.98 -25.01 5.90
C ILE A 391 26.48 -24.89 5.81
N ALA A 392 26.99 -23.66 5.86
CA ALA A 392 28.42 -23.41 5.76
C ALA A 392 28.90 -22.60 6.95
N PRO A 393 29.78 -23.14 7.79
CA PRO A 393 30.39 -22.33 8.85
C PRO A 393 31.31 -21.29 8.24
N LEU A 394 30.98 -20.01 8.43
CA LEU A 394 31.73 -18.93 7.81
C LEU A 394 32.95 -18.50 8.62
N GLY A 395 33.09 -18.95 9.85
CA GLY A 395 34.15 -18.41 10.66
C GLY A 395 33.81 -16.99 11.08
N ASP A 396 34.81 -16.33 11.66
CA ASP A 396 34.59 -14.98 12.17
C ASP A 396 34.49 -14.01 11.00
N LEU A 397 33.28 -13.84 10.49
CA LEU A 397 33.09 -13.04 9.27
C LEU A 397 33.43 -11.57 9.49
N ASP A 398 33.05 -11.01 10.64
CA ASP A 398 33.29 -9.59 10.88
C ASP A 398 34.11 -9.34 12.14
N ARG A 399 34.93 -10.31 12.55
CA ARG A 399 35.94 -10.14 13.59
C ARG A 399 35.34 -9.68 14.92
N ASP A 400 34.07 -10.03 15.18
CA ASP A 400 33.41 -9.61 16.41
C ASP A 400 33.62 -10.59 17.56
N GLY A 401 34.24 -11.75 17.32
CA GLY A 401 34.55 -12.70 18.37
C GLY A 401 33.67 -13.93 18.41
N TYR A 402 32.53 -13.93 17.73
CA TYR A 402 31.59 -15.03 17.73
C TYR A 402 31.39 -15.52 16.30
N ASN A 403 31.48 -16.83 16.10
CA ASN A 403 31.43 -17.40 14.75
C ASN A 403 30.01 -17.35 14.20
N ASP A 404 29.91 -17.37 12.87
CA ASP A 404 28.65 -17.21 12.15
C ASP A 404 28.43 -18.41 11.23
N ILE A 405 27.25 -18.46 10.60
CA ILE A 405 26.94 -19.48 9.61
C ILE A 405 26.24 -18.85 8.42
N ALA A 406 26.19 -19.59 7.32
CA ALA A 406 25.45 -19.18 6.13
C ALA A 406 24.64 -20.36 5.63
N VAL A 407 23.33 -20.19 5.58
CA VAL A 407 22.42 -21.26 5.17
C VAL A 407 21.96 -20.97 3.75
N ALA A 408 21.63 -22.02 3.00
CA ALA A 408 21.26 -21.86 1.61
C ALA A 408 19.83 -22.32 1.35
N ALA A 409 19.16 -21.63 0.43
CA ALA A 409 17.83 -22.00 -0.05
C ALA A 409 17.90 -22.04 -1.57
N PRO A 410 18.23 -23.20 -2.15
CA PRO A 410 18.48 -23.25 -3.60
C PRO A 410 17.31 -22.82 -4.46
N TYR A 411 16.09 -23.05 -4.04
CA TYR A 411 14.91 -22.70 -4.82
C TYR A 411 14.04 -21.68 -4.08
N GLY A 412 14.63 -20.92 -3.17
CA GLY A 412 13.91 -19.94 -2.40
C GLY A 412 14.00 -18.55 -3.02
N GLY A 413 13.50 -17.58 -2.27
CA GLY A 413 13.46 -16.22 -2.74
C GLY A 413 12.16 -15.93 -3.46
N PRO A 414 11.73 -14.66 -3.46
CA PRO A 414 10.46 -14.32 -4.14
C PRO A 414 10.47 -14.64 -5.62
N SER A 415 11.61 -14.51 -6.28
CA SER A 415 11.69 -14.84 -7.70
C SER A 415 11.73 -16.34 -7.95
N GLY A 416 12.26 -17.12 -7.01
CA GLY A 416 12.38 -18.54 -7.18
C GLY A 416 13.69 -19.02 -7.76
N ARG A 417 14.75 -18.23 -7.64
CA ARG A 417 16.04 -18.57 -8.24
C ARG A 417 17.11 -18.93 -7.23
N GLY A 418 16.90 -18.68 -5.94
CA GLY A 418 17.85 -19.08 -4.92
C GLY A 418 18.19 -17.99 -3.94
N GLN A 419 18.71 -18.36 -2.77
CA GLN A 419 19.09 -17.37 -1.77
C GLN A 419 20.13 -17.97 -0.85
N VAL A 420 20.91 -17.10 -0.22
CA VAL A 420 21.86 -17.48 0.83
C VAL A 420 21.70 -16.50 1.98
N LEU A 421 21.34 -17.00 3.16
CA LEU A 421 21.05 -16.15 4.31
C LEU A 421 22.17 -16.30 5.33
N VAL A 422 22.76 -15.17 5.72
CA VAL A 422 23.91 -15.17 6.63
C VAL A 422 23.41 -14.86 8.03
N PHE A 423 23.64 -15.77 8.97
CA PHE A 423 23.23 -15.62 10.36
C PHE A 423 24.47 -15.40 11.21
N LEU A 424 24.42 -14.41 12.08
CA LEU A 424 25.53 -14.06 12.96
C LEU A 424 25.38 -14.75 14.30
N GLY A 425 26.48 -14.84 15.04
CA GLY A 425 26.53 -15.55 16.30
C GLY A 425 26.60 -14.58 17.47
N GLN A 426 25.79 -14.85 18.49
CA GLN A 426 25.76 -14.07 19.72
C GLN A 426 25.98 -15.01 20.89
N SER A 427 25.96 -14.45 22.11
CA SER A 427 26.27 -15.24 23.29
C SER A 427 25.20 -16.29 23.60
N GLU A 428 24.00 -16.14 23.07
CA GLU A 428 22.90 -17.05 23.33
C GLU A 428 22.63 -17.99 22.16
N GLY A 429 23.48 -18.00 21.14
CA GLY A 429 23.25 -18.83 19.98
C GLY A 429 23.41 -18.07 18.68
N LEU A 430 22.34 -18.00 17.89
CA LEU A 430 22.35 -17.28 16.63
C LEU A 430 21.23 -16.25 16.63
N ARG A 431 21.39 -15.23 15.79
CA ARG A 431 20.31 -14.28 15.57
C ARG A 431 19.20 -14.94 14.77
N SER A 432 17.96 -14.76 15.21
CA SER A 432 16.85 -15.36 14.49
C SER A 432 16.56 -14.67 13.16
N ARG A 433 17.20 -13.54 12.89
CA ARG A 433 16.98 -12.78 11.67
C ARG A 433 18.28 -12.75 10.86
N PRO A 434 18.22 -12.99 9.55
CA PRO A 434 19.45 -13.00 8.75
C PRO A 434 20.02 -11.60 8.62
N SER A 435 21.29 -11.45 9.01
CA SER A 435 21.94 -10.15 8.87
C SER A 435 22.19 -9.79 7.41
N GLN A 436 22.02 -10.73 6.49
CA GLN A 436 22.25 -10.46 5.08
C GLN A 436 21.60 -11.57 4.27
N VAL A 437 21.08 -11.20 3.11
CA VAL A 437 20.43 -12.14 2.20
C VAL A 437 20.97 -11.89 0.80
N LEU A 438 21.58 -12.91 0.21
CA LEU A 438 22.16 -12.82 -1.13
C LEU A 438 21.27 -13.54 -2.12
N ASP A 439 20.89 -12.84 -3.19
CA ASP A 439 20.00 -13.36 -4.22
C ASP A 439 20.79 -13.84 -5.42
N SER A 440 20.18 -14.71 -6.20
CA SER A 440 20.90 -15.40 -7.26
C SER A 440 21.18 -14.48 -8.44
N PRO A 441 22.43 -14.37 -8.89
CA PRO A 441 22.72 -13.69 -10.16
C PRO A 441 22.61 -14.56 -11.40
N PHE A 442 21.99 -15.73 -11.30
CA PHE A 442 21.85 -16.68 -12.39
C PHE A 442 20.39 -16.85 -12.80
N PRO A 443 20.12 -17.38 -14.00
CA PRO A 443 18.73 -17.60 -14.41
C PRO A 443 18.01 -18.66 -13.59
N THR A 444 16.76 -18.94 -13.97
CA THR A 444 15.95 -19.90 -13.24
C THR A 444 16.46 -21.32 -13.46
N GLY A 445 16.42 -22.12 -12.39
CA GLY A 445 16.85 -23.49 -12.46
C GLY A 445 18.32 -23.72 -12.22
N SER A 446 19.06 -22.70 -11.80
CA SER A 446 20.49 -22.85 -11.57
C SER A 446 20.81 -23.57 -10.26
N ALA A 447 19.88 -23.60 -9.31
CA ALA A 447 20.09 -24.16 -7.97
C ALA A 447 21.25 -23.45 -7.28
N PHE A 448 21.05 -22.14 -7.07
CA PHE A 448 22.07 -21.31 -6.45
C PHE A 448 22.12 -21.60 -4.95
N GLY A 449 23.28 -22.06 -4.49
CA GLY A 449 23.45 -22.37 -3.09
C GLY A 449 23.44 -23.84 -2.75
N PHE A 450 23.41 -24.73 -3.75
CA PHE A 450 23.46 -26.16 -3.47
C PHE A 450 24.72 -26.53 -2.70
N SER A 451 25.82 -25.84 -2.97
CA SER A 451 27.07 -26.08 -2.26
C SER A 451 27.69 -24.74 -1.87
N LEU A 452 28.16 -24.66 -0.63
CA LEU A 452 28.76 -23.45 -0.11
C LEU A 452 30.10 -23.79 0.51
N ARG A 453 30.97 -22.80 0.58
CA ARG A 453 32.19 -22.93 1.36
C ARG A 453 32.55 -21.59 1.97
N GLY A 454 33.17 -21.64 3.14
CA GLY A 454 33.61 -20.42 3.77
C GLY A 454 34.72 -20.70 4.75
N ALA A 455 35.07 -19.66 5.51
CA ALA A 455 36.05 -19.66 6.59
C ALA A 455 37.48 -19.68 6.12
N VAL A 456 37.76 -19.35 4.85
CA VAL A 456 39.12 -19.20 4.36
C VAL A 456 39.23 -17.86 3.65
N ASP A 457 40.32 -17.14 3.89
CA ASP A 457 40.56 -15.84 3.29
C ASP A 457 41.30 -16.04 1.98
N ILE A 458 40.67 -15.66 0.88
CA ILE A 458 41.19 -15.98 -0.45
C ILE A 458 42.01 -14.86 -1.07
N ASP A 459 41.81 -13.61 -0.65
CA ASP A 459 42.57 -12.48 -1.18
C ASP A 459 43.45 -11.80 -0.15
N ASP A 460 43.48 -12.31 1.09
CA ASP A 460 44.39 -11.84 2.14
C ASP A 460 44.04 -10.43 2.60
N ASN A 461 42.75 -10.14 2.76
CA ASN A 461 42.30 -8.85 3.26
C ASN A 461 41.82 -8.90 4.71
N GLY A 462 42.09 -10.00 5.42
CA GLY A 462 41.80 -10.12 6.84
C GLY A 462 40.46 -10.73 7.19
N TYR A 463 39.57 -10.94 6.23
CA TYR A 463 38.22 -11.41 6.50
C TYR A 463 37.94 -12.66 5.69
N PRO A 464 37.17 -13.60 6.22
CA PRO A 464 36.85 -14.82 5.48
C PRO A 464 35.71 -14.64 4.48
N ASP A 465 35.89 -15.22 3.30
CA ASP A 465 35.03 -15.05 2.14
C ASP A 465 34.06 -16.21 2.01
N LEU A 466 33.37 -16.29 0.89
CA LEU A 466 32.40 -17.37 0.66
C LEU A 466 32.41 -17.71 -0.81
N ILE A 467 32.20 -18.99 -1.14
CA ILE A 467 32.05 -19.40 -2.53
C ILE A 467 30.81 -20.26 -2.65
N VAL A 468 29.94 -19.92 -3.59
CA VAL A 468 28.63 -20.53 -3.76
C VAL A 468 28.58 -21.17 -5.13
N GLY A 469 28.12 -22.42 -5.20
CA GLY A 469 28.04 -23.13 -6.46
C GLY A 469 26.63 -23.10 -7.02
N ALA A 470 26.55 -23.02 -8.35
CA ALA A 470 25.28 -23.10 -9.08
C ALA A 470 25.55 -24.06 -10.24
N TYR A 471 25.15 -25.32 -10.05
CA TYR A 471 25.42 -26.35 -11.05
C TYR A 471 24.37 -26.39 -12.15
N GLY A 472 23.23 -25.73 -11.98
CA GLY A 472 22.31 -25.58 -13.08
C GLY A 472 22.86 -24.65 -14.15
N ALA A 473 23.54 -23.59 -13.73
CA ALA A 473 24.15 -22.63 -14.64
C ALA A 473 25.64 -22.89 -14.86
N ASN A 474 26.20 -23.93 -14.24
CA ASN A 474 27.60 -24.33 -14.42
C ASN A 474 28.56 -23.22 -14.02
N GLN A 475 28.36 -22.63 -12.85
CA GLN A 475 29.21 -21.52 -12.43
C GLN A 475 29.41 -21.52 -10.93
N VAL A 476 30.48 -20.86 -10.51
CA VAL A 476 30.86 -20.71 -9.11
C VAL A 476 31.05 -19.22 -8.85
N ALA A 477 30.32 -18.68 -7.87
CA ALA A 477 30.33 -17.26 -7.56
C ALA A 477 31.06 -17.02 -6.26
N VAL A 478 32.03 -16.11 -6.28
CA VAL A 478 32.89 -15.85 -5.13
C VAL A 478 32.49 -14.51 -4.51
N TYR A 479 32.02 -14.55 -3.27
CA TYR A 479 31.66 -13.35 -2.52
C TYR A 479 32.80 -13.01 -1.56
N ARG A 480 33.27 -11.77 -1.62
CA ARG A 480 34.39 -11.32 -0.82
C ARG A 480 33.89 -10.43 0.31
N ALA A 481 34.35 -10.71 1.53
CA ALA A 481 33.94 -9.94 2.69
C ALA A 481 34.68 -8.62 2.73
N GLN A 482 33.90 -7.49 2.98
CA GLN A 482 34.28 -6.08 3.05
C GLN A 482 34.66 -5.68 4.48
N PRO A 483 35.65 -4.82 4.64
CA PRO A 483 36.07 -4.42 6.00
C PRO A 483 34.94 -3.73 6.75
N VAL A 484 34.91 -3.93 8.06
CA VAL A 484 33.82 -3.48 8.90
C VAL A 484 34.35 -2.39 9.83
N VAL A 485 33.46 -1.46 10.19
CA VAL A 485 33.83 -0.26 10.95
C VAL A 485 33.06 -0.25 12.26
N LYS A 486 33.78 -0.25 13.37
CA LYS A 486 33.22 -0.11 14.70
C LYS A 486 33.24 1.37 15.07
N ALA A 487 32.06 1.95 15.25
CA ALA A 487 31.92 3.37 15.54
C ALA A 487 31.65 3.58 17.03
N SER A 488 32.31 4.56 17.62
CA SER A 488 32.16 4.88 19.03
C SER A 488 31.75 6.33 19.18
N VAL A 489 30.70 6.57 19.96
CA VAL A 489 30.12 7.90 20.12
C VAL A 489 30.07 8.23 21.61
N GLN A 490 30.49 9.44 21.96
CA GLN A 490 30.46 9.93 23.34
C GLN A 490 29.77 11.28 23.38
N LEU A 491 28.83 11.44 24.31
CA LEU A 491 28.08 12.68 24.47
C LEU A 491 28.22 13.16 25.90
N LEU A 492 28.73 14.37 26.08
CA LEU A 492 28.98 14.94 27.39
C LEU A 492 28.16 16.20 27.56
N VAL A 493 27.44 16.29 28.68
CA VAL A 493 26.57 17.42 28.98
C VAL A 493 26.49 17.58 30.49
N GLN A 494 26.17 18.78 30.93
CA GLN A 494 26.08 19.07 32.35
C GLN A 494 24.92 18.33 33.00
N ASP A 495 25.10 17.95 34.26
CA ASP A 495 24.12 17.13 34.95
C ASP A 495 22.89 17.92 35.41
N SER A 496 22.97 19.24 35.41
CA SER A 496 21.81 20.05 35.77
C SER A 496 21.98 21.45 35.17
N LEU A 497 20.86 22.16 35.06
CA LEU A 497 20.84 23.51 34.52
C LEU A 497 20.20 24.46 35.52
N ASN A 498 20.69 25.70 35.54
CA ASN A 498 20.19 26.74 36.43
C ASN A 498 19.63 27.89 35.62
N PRO A 499 18.30 27.97 35.43
CA PRO A 499 17.73 29.13 34.73
C PRO A 499 17.95 30.45 35.44
N ALA A 500 18.22 30.42 36.74
CA ALA A 500 18.41 31.66 37.50
C ALA A 500 19.69 32.39 37.11
N VAL A 501 20.67 31.70 36.52
CA VAL A 501 21.94 32.30 36.14
C VAL A 501 21.97 32.41 34.63
N LYS A 502 22.17 33.62 34.12
CA LYS A 502 22.24 33.88 32.68
C LYS A 502 23.64 34.37 32.34
N SER A 503 24.23 33.78 31.30
CA SER A 503 25.57 34.16 30.87
C SER A 503 25.72 34.22 29.35
N CYS A 504 24.65 34.06 28.58
CA CYS A 504 24.73 34.06 27.13
C CYS A 504 23.65 34.96 26.55
N VAL A 505 23.91 35.48 25.35
CA VAL A 505 22.98 36.35 24.64
C VAL A 505 22.82 35.84 23.22
N LEU A 506 21.60 35.93 22.70
CA LEU A 506 21.33 35.47 21.35
C LEU A 506 22.07 36.33 20.33
N PRO A 507 22.49 35.75 19.21
CA PRO A 507 23.16 36.55 18.17
C PRO A 507 22.26 37.64 17.63
N GLN A 508 22.86 38.78 17.32
CA GLN A 508 22.23 39.97 16.76
C GLN A 508 21.19 40.60 17.68
N THR A 509 20.99 40.07 18.89
CA THR A 509 20.07 40.67 19.85
C THR A 509 20.76 40.76 21.21
N LYS A 510 20.01 41.14 22.24
CA LYS A 510 20.53 41.20 23.61
C LYS A 510 19.45 40.68 24.55
N THR A 511 19.57 39.42 24.95
CA THR A 511 18.61 38.78 25.85
C THR A 511 19.31 37.79 26.76
N PRO A 512 19.19 37.95 28.08
CA PRO A 512 19.88 37.05 29.01
C PRO A 512 19.19 35.69 29.08
N VAL A 513 19.91 34.66 28.64
CA VAL A 513 19.39 33.29 28.64
C VAL A 513 20.41 32.37 29.29
N SER A 514 19.91 31.25 29.82
CA SER A 514 20.76 30.24 30.41
C SER A 514 21.30 29.31 29.34
N CYS A 515 22.61 29.08 29.36
CA CYS A 515 23.28 28.39 28.28
C CYS A 515 24.23 27.33 28.85
N PHE A 516 24.61 26.38 27.98
CA PHE A 516 25.48 25.29 28.37
C PHE A 516 26.17 24.71 27.14
N ASN A 517 27.34 24.10 27.37
CA ASN A 517 28.11 23.47 26.32
C ASN A 517 27.77 21.99 26.22
N ILE A 518 27.79 21.48 24.99
CA ILE A 518 27.57 20.06 24.72
C ILE A 518 28.77 19.54 23.95
N GLN A 519 29.43 18.49 24.47
CA GLN A 519 30.59 17.91 23.82
C GLN A 519 30.20 16.62 23.12
N MET A 520 30.63 16.47 21.87
CA MET A 520 30.36 15.26 21.11
C MET A 520 31.65 14.71 20.53
N CYS A 521 31.85 13.40 20.64
CA CYS A 521 33.05 12.75 20.16
C CYS A 521 32.69 11.53 19.33
N VAL A 522 33.34 11.39 18.18
CA VAL A 522 33.08 10.31 17.24
C VAL A 522 34.40 9.68 16.83
N GLY A 523 34.47 8.34 16.90
CA GLY A 523 35.66 7.63 16.48
C GLY A 523 35.30 6.38 15.72
N ALA A 524 36.25 5.90 14.91
CA ALA A 524 36.06 4.69 14.11
C ALA A 524 37.28 3.80 14.22
N THR A 525 37.05 2.50 14.37
CA THR A 525 38.14 1.53 14.49
C THR A 525 37.79 0.29 13.68
N GLY A 526 38.82 -0.53 13.45
CA GLY A 526 38.66 -1.75 12.70
C GLY A 526 40.00 -2.22 12.20
N HIS A 527 39.97 -3.38 11.54
CA HIS A 527 41.16 -3.96 10.94
C HIS A 527 41.12 -3.74 9.44
N ASN A 528 42.19 -3.15 8.90
CA ASN A 528 42.29 -2.84 7.47
C ASN A 528 41.17 -1.92 7.02
N ILE A 529 41.19 -0.70 7.56
CA ILE A 529 40.18 0.32 7.27
C ILE A 529 40.70 1.26 6.19
N PRO A 530 39.87 1.64 5.21
CA PRO A 530 40.34 2.56 4.17
C PRO A 530 40.67 3.93 4.74
N GLN A 531 41.60 4.61 4.08
CA GLN A 531 42.05 5.92 4.51
C GLN A 531 41.09 7.04 4.17
N LYS A 532 40.09 6.78 3.34
CA LYS A 532 39.08 7.79 2.96
C LYS A 532 37.76 7.36 3.59
N LEU A 533 37.43 7.98 4.73
CA LEU A 533 36.23 7.62 5.47
C LEU A 533 35.64 8.88 6.09
N SER A 534 34.32 8.96 6.09
CA SER A 534 33.61 10.09 6.68
C SER A 534 32.26 9.61 7.17
N LEU A 535 31.74 10.30 8.20
CA LEU A 535 30.45 9.93 8.77
C LEU A 535 29.61 11.17 9.05
N ASN A 536 28.29 10.97 9.01
CA ASN A 536 27.33 12.01 9.32
C ASN A 536 26.83 11.83 10.75
N ALA A 537 26.96 12.86 11.56
CA ALA A 537 26.51 12.86 12.94
C ALA A 537 25.31 13.78 13.07
N GLU A 538 24.17 13.23 13.49
CA GLU A 538 22.95 13.98 13.73
C GLU A 538 22.80 14.17 15.23
N LEU A 539 22.77 15.43 15.66
CA LEU A 539 22.64 15.79 17.07
C LEU A 539 21.26 16.41 17.28
N GLN A 540 20.50 15.85 18.21
CA GLN A 540 19.13 16.29 18.45
C GLN A 540 18.94 16.57 19.93
N LEU A 541 18.21 17.64 20.24
CA LEU A 541 17.91 18.05 21.59
C LEU A 541 16.41 17.92 21.86
N ASP A 542 16.08 17.63 23.11
CA ASP A 542 14.68 17.47 23.54
C ASP A 542 14.00 16.38 22.72
N ARG A 543 14.48 15.15 22.91
CA ARG A 543 14.01 14.02 22.10
C ARG A 543 12.52 13.75 22.31
N GLN A 544 12.06 13.80 23.56
CA GLN A 544 10.70 13.36 23.85
C GLN A 544 9.66 14.35 23.34
N LYS A 545 9.87 15.64 23.56
CA LYS A 545 8.86 16.63 23.21
C LYS A 545 8.80 16.83 21.69
N PRO A 546 7.65 17.23 21.16
CA PRO A 546 7.56 17.53 19.73
C PRO A 546 8.35 18.79 19.39
N ARG A 547 8.48 19.03 18.08
CA ARG A 547 9.31 20.15 17.63
C ARG A 547 8.78 21.49 18.10
N GLN A 548 7.46 21.61 18.28
CA GLN A 548 6.89 22.83 18.83
C GLN A 548 7.19 22.98 20.32
N GLY A 549 7.47 21.88 21.02
CA GLY A 549 7.70 21.92 22.44
C GLY A 549 9.14 21.77 22.86
N ARG A 550 10.08 21.91 21.92
CA ARG A 550 11.50 21.86 22.26
C ARG A 550 11.88 23.06 23.10
N ARG A 551 12.30 22.82 24.33
CA ARG A 551 12.64 23.92 25.23
C ARG A 551 13.97 24.57 24.84
N VAL A 552 15.04 23.79 24.86
CA VAL A 552 16.37 24.31 24.57
C VAL A 552 16.61 24.26 23.06
N LEU A 553 17.44 25.18 22.59
CA LEU A 553 17.80 25.25 21.18
C LEU A 553 19.30 25.53 21.10
N LEU A 554 19.79 25.73 19.88
CA LEU A 554 21.20 26.00 19.64
C LEU A 554 21.43 27.49 19.46
N LEU A 555 22.61 27.95 19.84
CA LEU A 555 22.95 29.35 19.81
C LEU A 555 23.58 29.77 18.48
N GLY A 556 23.67 28.86 17.51
CA GLY A 556 24.26 29.20 16.24
C GLY A 556 23.23 29.56 15.18
N SER A 557 22.13 28.81 15.13
CA SER A 557 21.10 29.06 14.13
C SER A 557 19.69 28.95 14.70
N GLN A 558 19.53 28.88 16.02
CA GLN A 558 18.23 28.75 16.66
C GLN A 558 17.46 27.54 16.12
N GLN A 559 18.10 26.38 16.19
CA GLN A 559 17.51 25.13 15.74
C GLN A 559 17.59 24.12 16.87
N ALA A 560 16.68 23.15 16.84
CA ALA A 560 16.64 22.08 17.83
C ALA A 560 17.50 20.89 17.45
N GLY A 561 18.18 20.94 16.30
CA GLY A 561 19.01 19.84 15.89
C GLY A 561 19.93 20.26 14.75
N THR A 562 20.94 19.42 14.52
CA THR A 562 21.92 19.71 13.48
C THR A 562 22.45 18.41 12.90
N THR A 563 23.01 18.52 11.70
CA THR A 563 23.68 17.40 11.03
C THR A 563 25.05 17.88 10.57
N LEU A 564 26.10 17.15 10.96
CA LEU A 564 27.47 17.53 10.66
C LEU A 564 28.18 16.37 10.00
N ASN A 565 29.27 16.69 9.29
CA ASN A 565 30.11 15.71 8.63
C ASN A 565 31.49 15.68 9.29
N LEU A 566 32.01 14.48 9.51
CA LEU A 566 33.32 14.30 10.12
C LEU A 566 34.18 13.41 9.24
N ASP A 567 35.41 13.84 9.01
CA ASP A 567 36.39 13.06 8.25
C ASP A 567 37.37 12.44 9.24
N LEU A 568 37.45 11.09 9.22
CA LEU A 568 38.24 10.34 10.19
C LEU A 568 39.41 9.60 9.55
N GLY A 569 39.82 9.99 8.34
CA GLY A 569 40.87 9.29 7.64
C GLY A 569 42.17 9.23 8.41
N GLY A 570 42.51 8.05 8.92
CA GLY A 570 43.72 7.87 9.69
C GLY A 570 43.66 8.33 11.12
N LYS A 571 42.51 8.79 11.60
CA LYS A 571 42.37 9.31 12.96
C LYS A 571 42.12 8.15 13.90
N HIS A 572 43.16 7.71 14.60
CA HIS A 572 43.03 6.66 15.60
C HIS A 572 42.38 7.16 16.88
N SER A 573 42.37 8.47 17.11
CA SER A 573 41.74 9.12 18.24
C SER A 573 40.42 9.76 17.83
N PRO A 574 39.42 9.75 18.71
CA PRO A 574 38.12 10.32 18.34
C PRO A 574 38.20 11.83 18.15
N ILE A 575 37.35 12.32 17.25
CA ILE A 575 37.21 13.75 17.01
C ILE A 575 36.15 14.28 17.95
N CYS A 576 36.48 15.34 18.69
CA CYS A 576 35.59 15.94 19.67
C CYS A 576 35.32 17.40 19.30
N HIS A 577 34.05 17.78 19.33
CA HIS A 577 33.63 19.14 19.06
C HIS A 577 32.61 19.58 20.10
N THR A 578 32.70 20.84 20.52
CA THR A 578 31.84 21.39 21.55
C THR A 578 30.92 22.44 20.95
N THR A 579 29.62 22.29 21.16
CA THR A 579 28.61 23.17 20.63
C THR A 579 27.92 23.94 21.75
N MET A 580 27.28 25.03 21.37
CA MET A 580 26.72 26.02 22.29
C MET A 580 25.21 25.90 22.26
N ALA A 581 24.58 25.70 23.42
CA ALA A 581 23.14 25.55 23.48
C ALA A 581 22.57 26.50 24.53
N PHE A 582 21.33 26.93 24.32
CA PHE A 582 20.69 27.87 25.23
C PHE A 582 19.26 27.42 25.52
N LEU A 583 18.77 27.79 26.69
CA LEU A 583 17.40 27.50 27.10
C LEU A 583 16.49 28.68 26.73
N ARG A 584 15.23 28.37 26.50
CA ARG A 584 14.25 29.38 26.10
C ARG A 584 13.81 30.17 27.33
N ASP A 585 12.81 31.02 27.16
CA ASP A 585 12.28 31.79 28.28
C ASP A 585 11.54 30.89 29.26
N GLU A 586 11.46 31.33 30.51
CA GLU A 586 10.78 30.53 31.53
C GLU A 586 9.29 30.40 31.23
N ALA A 587 8.67 31.48 30.73
CA ALA A 587 7.24 31.48 30.45
C ALA A 587 6.89 30.78 29.13
N ASP A 588 7.87 30.51 28.28
CA ASP A 588 7.57 29.91 26.97
C ASP A 588 7.04 28.49 27.13
N PHE A 589 7.60 27.72 28.06
CA PHE A 589 7.23 26.33 28.26
C PHE A 589 6.62 26.15 29.65
N ARG A 590 5.73 25.16 29.75
CA ARG A 590 5.04 24.88 31.01
C ARG A 590 5.64 23.71 31.78
N ASP A 591 6.14 22.69 31.09
CA ASP A 591 6.70 21.52 31.77
C ASP A 591 7.97 21.90 32.52
N LYS A 592 8.10 21.38 33.74
CA LYS A 592 9.30 21.62 34.54
C LYS A 592 9.75 20.39 35.30
N LEU A 593 9.30 19.20 34.91
CA LEU A 593 9.64 17.98 35.64
C LEU A 593 10.15 16.89 34.70
N SER A 594 9.70 16.91 33.46
CA SER A 594 10.11 15.88 32.51
C SER A 594 11.57 16.08 32.12
N PRO A 595 12.42 15.06 32.24
CA PRO A 595 13.84 15.25 31.95
C PRO A 595 14.12 15.54 30.48
N ILE A 596 15.18 16.29 30.23
CA ILE A 596 15.64 16.62 28.90
C ILE A 596 16.56 15.51 28.40
N VAL A 597 16.32 15.05 27.18
CA VAL A 597 17.08 13.96 26.57
C VAL A 597 17.74 14.48 25.29
N LEU A 598 19.05 14.27 25.17
CA LEU A 598 19.82 14.65 24.00
C LEU A 598 20.37 13.40 23.34
N SER A 599 20.31 13.35 22.00
CA SER A 599 20.70 12.15 21.28
C SER A 599 21.72 12.49 20.21
N LEU A 600 22.65 11.56 20.00
CA LEU A 600 23.63 11.61 18.92
C LEU A 600 23.55 10.32 18.14
N ASN A 601 23.48 10.45 16.81
CA ASN A 601 23.34 9.31 15.92
C ASN A 601 24.39 9.44 14.83
N VAL A 602 25.03 8.32 14.46
CA VAL A 602 26.10 8.33 13.46
C VAL A 602 25.72 7.38 12.33
N SER A 603 25.87 7.84 11.10
CA SER A 603 25.58 7.02 9.94
C SER A 603 26.62 7.26 8.85
N LEU A 604 26.65 6.34 7.90
CA LEU A 604 27.55 6.49 6.76
C LEU A 604 26.95 7.46 5.75
N PRO A 605 27.79 8.11 4.94
CA PRO A 605 27.26 9.03 3.94
C PRO A 605 26.48 8.29 2.88
N PRO A 606 25.48 8.93 2.25
CA PRO A 606 24.71 8.28 1.18
C PRO A 606 25.54 8.07 -0.07
N ALA A 614 31.51 1.19 0.53
CA ALA A 614 32.88 0.68 0.48
C ALA A 614 33.21 -0.13 1.72
N VAL A 615 32.59 0.24 2.84
CA VAL A 615 32.70 -0.46 4.11
C VAL A 615 31.32 -0.55 4.73
N VAL A 616 31.20 -1.41 5.73
CA VAL A 616 29.96 -1.62 6.45
C VAL A 616 30.16 -1.19 7.90
N LEU A 617 29.29 -0.34 8.40
CA LEU A 617 29.43 0.22 9.74
C LEU A 617 28.49 -0.49 10.71
N HIS A 618 29.04 -0.99 11.81
N HIS A 618 29.05 -0.98 11.81
CA HIS A 618 28.24 -1.58 12.87
CA HIS A 618 28.24 -1.60 12.86
C HIS A 618 28.89 -1.28 14.21
C HIS A 618 28.89 -1.32 14.21
N GLY A 619 28.06 -1.23 15.24
CA GLY A 619 28.53 -0.95 16.58
C GLY A 619 27.69 0.06 17.32
N ASP A 620 28.31 0.83 18.21
CA ASP A 620 27.60 1.80 19.04
C ASP A 620 27.45 3.10 18.27
N THR A 621 26.26 3.30 17.68
CA THR A 621 26.00 4.48 16.87
C THR A 621 25.04 5.47 17.50
N HIS A 622 24.20 5.03 18.44
CA HIS A 622 23.17 5.88 19.04
C HIS A 622 23.47 6.04 20.52
N VAL A 623 23.60 7.29 20.96
CA VAL A 623 23.88 7.58 22.36
C VAL A 623 22.90 8.63 22.85
N GLN A 624 22.32 8.41 24.03
CA GLN A 624 21.35 9.31 24.63
C GLN A 624 21.83 9.69 26.03
N GLU A 625 21.69 10.97 26.38
CA GLU A 625 22.03 11.45 27.71
C GLU A 625 20.99 12.43 28.19
N GLN A 626 20.63 12.34 29.47
CA GLN A 626 19.56 13.14 30.02
C GLN A 626 20.09 14.09 31.10
N THR A 627 19.44 15.24 31.20
CA THR A 627 19.74 16.24 32.19
C THR A 627 18.44 16.93 32.59
N ARG A 628 18.39 17.45 33.82
CA ARG A 628 17.17 18.05 34.33
C ARG A 628 17.53 19.08 35.40
N ILE A 629 16.91 20.25 35.31
CA ILE A 629 17.06 21.34 36.27
C ILE A 629 16.88 20.84 37.71
N GLY B 27 -22.02 14.11 20.68
CA GLY B 27 -20.92 14.85 21.27
C GLY B 27 -19.56 14.36 20.83
N PRO B 28 -18.57 14.47 21.71
CA PRO B 28 -17.23 13.98 21.37
C PRO B 28 -17.21 12.47 21.18
N ASN B 29 -16.31 12.02 20.32
CA ASN B 29 -16.17 10.60 20.03
C ASN B 29 -14.71 10.34 19.64
N ILE B 30 -14.42 9.10 19.25
CA ILE B 30 -13.07 8.76 18.83
C ILE B 30 -12.68 9.52 17.56
N CYS B 31 -13.62 9.60 16.61
CA CYS B 31 -13.34 10.27 15.33
C CYS B 31 -13.07 11.75 15.51
N THR B 32 -13.58 12.34 16.59
CA THR B 32 -13.45 13.79 16.77
C THR B 32 -12.01 14.22 17.00
N THR B 33 -11.23 13.40 17.71
CA THR B 33 -9.88 13.79 18.11
C THR B 33 -8.82 12.78 17.68
N ARG B 34 -9.07 12.02 16.62
CA ARG B 34 -8.09 11.05 16.12
C ARG B 34 -7.57 11.42 14.73
N GLY B 35 -8.45 11.54 13.75
CA GLY B 35 -8.03 11.92 12.41
C GLY B 35 -8.59 13.26 11.97
N VAL B 36 -7.75 14.29 11.93
CA VAL B 36 -8.18 15.62 11.52
C VAL B 36 -7.18 16.20 10.53
N SER B 37 -6.45 15.34 9.83
CA SER B 37 -5.40 15.79 8.93
C SER B 37 -5.65 15.44 7.47
N SER B 38 -6.37 14.35 7.18
CA SER B 38 -6.61 13.95 5.80
C SER B 38 -7.87 13.10 5.75
N CYS B 39 -8.37 12.90 4.53
CA CYS B 39 -9.57 12.08 4.35
C CYS B 39 -9.29 10.61 4.66
N GLN B 40 -8.17 10.08 4.14
CA GLN B 40 -7.85 8.68 4.38
C GLN B 40 -7.60 8.42 5.87
N GLN B 41 -6.95 9.36 6.55
CA GLN B 41 -6.77 9.23 8.00
C GLN B 41 -8.11 9.27 8.73
N CYS B 42 -9.04 10.07 8.23
CA CYS B 42 -10.39 10.11 8.82
C CYS B 42 -11.08 8.76 8.66
N LEU B 43 -11.01 8.17 7.46
CA LEU B 43 -11.72 6.92 7.23
C LEU B 43 -11.07 5.74 7.93
N ALA B 44 -9.74 5.78 8.11
CA ALA B 44 -9.05 4.65 8.72
C ALA B 44 -9.19 4.60 10.23
N VAL B 45 -9.73 5.65 10.86
CA VAL B 45 -9.83 5.67 12.32
C VAL B 45 -10.84 4.64 12.81
N SER B 46 -12.03 4.63 12.20
CA SER B 46 -13.10 3.75 12.67
C SER B 46 -14.11 3.58 11.54
N PRO B 47 -14.86 2.48 11.53
CA PRO B 47 -15.94 2.34 10.54
C PRO B 47 -16.98 3.45 10.61
N MET B 48 -17.26 3.98 11.80
CA MET B 48 -18.32 4.96 11.96
C MET B 48 -17.93 6.36 11.54
N CYS B 49 -16.67 6.61 11.23
CA CYS B 49 -16.23 7.95 10.86
C CYS B 49 -16.86 8.39 9.54
N ALA B 50 -17.05 9.69 9.41
CA ALA B 50 -17.48 10.30 8.16
C ALA B 50 -16.64 11.54 7.93
N TRP B 51 -16.54 11.95 6.67
CA TRP B 51 -15.75 13.11 6.28
C TRP B 51 -16.61 14.05 5.46
N CYS B 52 -16.71 15.30 5.91
CA CYS B 52 -17.48 16.34 5.22
C CYS B 52 -16.51 17.13 4.35
N SER B 53 -16.43 16.75 3.08
CA SER B 53 -15.56 17.42 2.12
C SER B 53 -16.16 18.70 1.56
N ASP B 54 -17.23 19.21 2.18
CA ASP B 54 -17.77 20.51 1.81
C ASP B 54 -16.72 21.58 2.02
N GLU B 55 -16.64 22.52 1.08
CA GLU B 55 -15.54 23.47 1.07
C GLU B 55 -16.01 24.91 1.20
N ALA B 56 -17.28 25.14 1.54
CA ALA B 56 -17.76 26.43 1.98
C ALA B 56 -17.71 26.58 3.50
N LEU B 57 -17.30 25.53 4.21
CA LEU B 57 -17.18 25.60 5.66
C LEU B 57 -16.07 26.58 6.02
N PRO B 58 -16.17 27.23 7.17
CA PRO B 58 -15.13 28.20 7.57
C PRO B 58 -13.76 27.55 7.67
N LEU B 59 -12.75 28.38 7.79
CA LEU B 59 -11.38 27.88 7.80
C LEU B 59 -11.16 27.09 9.07
N GLY B 60 -11.21 25.76 8.95
CA GLY B 60 -11.06 24.89 10.10
C GLY B 60 -12.40 24.52 10.72
N SER B 61 -12.77 23.25 10.64
CA SER B 61 -14.06 22.81 11.15
C SER B 61 -13.98 21.34 11.50
N PRO B 62 -14.92 20.83 12.30
CA PRO B 62 -14.99 19.38 12.52
C PRO B 62 -15.41 18.65 11.27
N ARG B 63 -14.50 18.54 10.30
CA ARG B 63 -14.83 17.84 9.08
C ARG B 63 -15.01 16.34 9.33
N CYS B 64 -14.16 15.76 10.16
CA CYS B 64 -14.20 14.32 10.44
C CYS B 64 -14.91 14.07 11.75
N ASP B 65 -16.14 13.58 11.67
CA ASP B 65 -16.90 13.12 12.85
C ASP B 65 -18.08 12.34 12.30
N LEU B 66 -19.02 11.96 13.17
CA LEU B 66 -20.12 11.09 12.75
C LEU B 66 -21.01 11.80 11.72
N LYS B 67 -21.79 11.01 10.98
CA LYS B 67 -22.61 11.57 9.92
C LYS B 67 -23.75 12.43 10.45
N GLU B 68 -24.37 12.02 11.56
CA GLU B 68 -25.53 12.72 12.08
C GLU B 68 -25.20 14.17 12.43
N ASN B 69 -24.12 14.36 13.18
CA ASN B 69 -23.68 15.70 13.54
C ASN B 69 -23.03 16.45 12.38
N LEU B 70 -22.59 15.75 11.33
CA LEU B 70 -22.21 16.44 10.10
C LEU B 70 -23.43 17.04 9.42
N LEU B 71 -24.55 16.31 9.41
CA LEU B 71 -25.81 16.92 8.99
C LEU B 71 -26.20 18.06 9.92
N LYS B 72 -25.93 17.93 11.21
CA LYS B 72 -26.20 19.02 12.15
C LYS B 72 -25.25 20.20 11.95
N ASP B 73 -24.03 19.95 11.47
CA ASP B 73 -23.04 20.98 11.21
C ASP B 73 -23.33 21.76 9.92
N ASN B 74 -24.53 21.62 9.36
CA ASN B 74 -24.91 22.26 8.11
C ASN B 74 -23.98 21.88 6.97
N CYS B 75 -23.53 20.63 6.94
CA CYS B 75 -22.72 20.14 5.84
C CYS B 75 -23.62 19.70 4.70
N ALA B 76 -23.11 19.83 3.48
CA ALA B 76 -23.92 19.52 2.31
C ALA B 76 -24.16 18.03 2.22
N PRO B 77 -25.41 17.58 2.07
CA PRO B 77 -25.67 16.13 1.98
C PRO B 77 -24.99 15.47 0.80
N GLU B 78 -24.72 16.22 -0.28
CA GLU B 78 -24.04 15.67 -1.44
C GLU B 78 -22.53 15.61 -1.27
N SER B 79 -21.98 16.29 -0.28
CA SER B 79 -20.54 16.35 -0.08
C SER B 79 -20.08 15.62 1.18
N ILE B 80 -20.69 14.48 1.47
CA ILE B 80 -20.37 13.69 2.65
C ILE B 80 -19.83 12.35 2.19
N GLU B 81 -18.62 12.01 2.65
CA GLU B 81 -17.96 10.77 2.29
C GLU B 81 -18.17 9.76 3.42
N PHE B 82 -19.04 8.79 3.19
CA PHE B 82 -19.38 7.78 4.19
C PHE B 82 -19.66 6.45 3.51
N PRO B 83 -18.62 5.64 3.28
CA PRO B 83 -18.84 4.33 2.66
C PRO B 83 -19.22 3.29 3.70
N VAL B 84 -20.18 2.43 3.32
CA VAL B 84 -20.68 1.38 4.18
C VAL B 84 -20.32 0.04 3.56
N SER B 85 -19.62 -0.80 4.32
CA SER B 85 -19.27 -2.13 3.84
C SER B 85 -20.52 -3.00 3.73
N GLU B 86 -20.54 -3.84 2.69
CA GLU B 86 -21.71 -4.68 2.43
C GLU B 86 -21.23 -6.00 1.83
N ALA B 87 -22.09 -7.01 1.95
CA ALA B 87 -21.84 -8.34 1.40
C ALA B 87 -22.93 -8.60 0.36
N ARG B 88 -22.65 -8.30 -0.89
CA ARG B 88 -23.62 -8.40 -1.97
C ARG B 88 -23.46 -9.73 -2.68
N VAL B 89 -24.55 -10.51 -2.72
CA VAL B 89 -24.55 -11.79 -3.41
C VAL B 89 -24.73 -11.54 -4.89
N LEU B 90 -24.01 -12.31 -5.69
CA LEU B 90 -24.13 -12.22 -7.15
C LEU B 90 -24.74 -13.46 -7.77
N GLU B 91 -24.48 -14.64 -7.21
CA GLU B 91 -25.12 -15.86 -7.69
C GLU B 91 -25.64 -16.68 -6.51
N ASP B 92 -26.90 -17.13 -6.61
CA ASP B 92 -27.53 -17.90 -5.54
C ASP B 92 -28.36 -19.04 -6.10
N ARG B 93 -27.78 -19.83 -7.00
CA ARG B 93 -28.51 -20.94 -7.58
C ARG B 93 -28.88 -21.95 -6.50
N PRO B 94 -30.09 -22.52 -6.55
CA PRO B 94 -30.50 -23.44 -5.49
C PRO B 94 -29.71 -24.74 -5.52
N LEU B 95 -29.55 -25.33 -4.33
CA LEU B 95 -28.88 -26.63 -4.22
C LEU B 95 -29.73 -27.71 -4.89
N SER B 96 -29.05 -28.64 -5.57
CA SER B 96 -29.74 -29.66 -6.33
C SER B 96 -30.23 -30.79 -5.42
N ASP B 97 -31.28 -31.47 -5.88
CA ASP B 97 -31.87 -32.59 -5.15
C ASP B 97 -31.30 -33.94 -5.57
N LYS B 98 -31.03 -34.13 -6.86
CA LYS B 98 -30.46 -35.38 -7.37
C LYS B 98 -29.41 -35.07 -8.42
N GLY B 99 -28.32 -35.83 -8.41
CA GLY B 99 -27.30 -35.75 -9.42
C GLY B 99 -27.55 -36.66 -10.60
N SER B 100 -28.76 -37.19 -10.74
CA SER B 100 -29.13 -38.11 -11.82
C SER B 100 -29.86 -37.31 -12.89
N GLY B 101 -29.29 -37.30 -14.09
CA GLY B 101 -29.79 -36.51 -15.21
C GLY B 101 -28.74 -35.47 -15.57
N ASP B 102 -28.22 -34.81 -14.54
CA ASP B 102 -26.92 -34.15 -14.51
C ASP B 102 -26.54 -33.52 -15.85
N SER B 103 -27.33 -32.56 -16.33
CA SER B 103 -26.96 -31.82 -17.53
C SER B 103 -25.96 -30.73 -17.16
N SER B 104 -24.89 -31.19 -16.49
CA SER B 104 -23.82 -30.32 -16.00
C SER B 104 -24.37 -29.17 -15.14
N GLN B 105 -25.45 -29.43 -14.41
CA GLN B 105 -26.16 -28.40 -13.68
C GLN B 105 -26.34 -28.72 -12.20
N VAL B 106 -25.70 -29.77 -11.70
CA VAL B 106 -25.82 -30.08 -10.29
C VAL B 106 -25.10 -29.02 -9.47
N THR B 107 -25.70 -28.63 -8.36
CA THR B 107 -25.16 -27.56 -7.52
C THR B 107 -25.11 -28.03 -6.08
N GLN B 108 -23.96 -27.84 -5.44
CA GLN B 108 -23.70 -28.32 -4.09
C GLN B 108 -23.30 -27.23 -3.12
N VAL B 109 -22.93 -26.06 -3.61
CA VAL B 109 -22.59 -24.91 -2.78
C VAL B 109 -23.41 -23.73 -3.26
N SER B 110 -24.16 -23.10 -2.34
CA SER B 110 -24.90 -21.89 -2.67
C SER B 110 -24.76 -20.95 -1.48
N PRO B 111 -24.42 -19.68 -1.69
CA PRO B 111 -24.22 -18.98 -2.97
C PRO B 111 -22.96 -19.40 -3.70
N GLN B 112 -22.79 -19.00 -4.95
CA GLN B 112 -21.62 -19.38 -5.74
C GLN B 112 -20.65 -18.26 -6.00
N ARG B 113 -21.13 -17.03 -6.17
CA ARG B 113 -20.26 -15.88 -6.34
C ARG B 113 -20.80 -14.74 -5.50
N ILE B 114 -19.90 -14.11 -4.74
CA ILE B 114 -20.24 -13.03 -3.82
C ILE B 114 -19.26 -11.88 -4.04
N ALA B 115 -19.79 -10.67 -4.15
CA ALA B 115 -18.99 -9.46 -4.25
C ALA B 115 -18.94 -8.77 -2.89
N LEU B 116 -17.77 -8.79 -2.27
CA LEU B 116 -17.57 -8.25 -0.93
C LEU B 116 -16.83 -6.92 -1.02
N ARG B 117 -17.33 -5.92 -0.31
CA ARG B 117 -16.72 -4.59 -0.28
C ARG B 117 -16.44 -4.22 1.15
N LEU B 118 -15.16 -4.02 1.47
CA LEU B 118 -14.72 -3.82 2.84
C LEU B 118 -13.88 -2.56 2.97
N ARG B 119 -14.33 -1.62 3.80
CA ARG B 119 -13.49 -0.53 4.23
C ARG B 119 -12.51 -1.04 5.30
N PRO B 120 -11.38 -0.37 5.51
CA PRO B 120 -10.34 -1.00 6.34
C PRO B 120 -10.64 -0.99 7.83
N ASP B 121 -10.06 -1.97 8.52
CA ASP B 121 -10.32 -2.22 9.93
C ASP B 121 -11.81 -2.46 10.18
N ASP B 122 -12.42 -3.31 9.35
CA ASP B 122 -13.83 -3.66 9.49
C ASP B 122 -14.02 -5.11 9.10
N SER B 123 -15.16 -5.68 9.53
CA SER B 123 -15.47 -7.08 9.30
C SER B 123 -16.84 -7.23 8.65
N LYS B 124 -16.98 -8.29 7.87
CA LYS B 124 -18.25 -8.61 7.22
C LYS B 124 -18.50 -10.11 7.27
N ASN B 125 -19.76 -10.49 7.42
CA ASN B 125 -20.13 -11.88 7.62
C ASN B 125 -21.12 -12.33 6.56
N PHE B 126 -21.00 -13.60 6.16
CA PHE B 126 -21.89 -14.20 5.17
C PHE B 126 -21.96 -15.70 5.42
N SER B 127 -23.04 -16.32 4.96
CA SER B 127 -23.26 -17.74 5.19
C SER B 127 -23.25 -18.50 3.87
N ILE B 128 -22.77 -19.73 3.92
CA ILE B 128 -22.82 -20.65 2.79
C ILE B 128 -23.42 -21.96 3.26
N GLN B 129 -23.95 -22.73 2.31
CA GLN B 129 -24.60 -24.00 2.61
C GLN B 129 -24.01 -25.06 1.69
N VAL B 130 -23.47 -26.12 2.27
CA VAL B 130 -22.86 -27.21 1.51
C VAL B 130 -23.70 -28.46 1.68
N ARG B 131 -24.04 -29.10 0.57
CA ARG B 131 -24.89 -30.27 0.59
C ARG B 131 -24.37 -31.31 -0.39
N GLN B 132 -24.27 -32.56 0.07
CA GLN B 132 -23.77 -33.65 -0.75
C GLN B 132 -24.94 -34.26 -1.51
N VAL B 133 -25.06 -33.93 -2.79
CA VAL B 133 -26.21 -34.35 -3.57
C VAL B 133 -26.22 -35.86 -3.70
N GLU B 134 -27.41 -36.45 -3.60
CA GLU B 134 -27.55 -37.89 -3.68
C GLU B 134 -27.30 -38.39 -5.11
N ASP B 135 -26.66 -39.55 -5.20
CA ASP B 135 -26.46 -40.27 -6.46
C ASP B 135 -25.62 -39.40 -7.40
N TYR B 136 -24.36 -39.30 -7.06
CA TYR B 136 -23.36 -38.55 -7.81
C TYR B 136 -22.43 -39.51 -8.53
N PRO B 137 -22.08 -39.27 -9.80
CA PRO B 137 -21.21 -40.19 -10.53
C PRO B 137 -19.80 -40.24 -9.93
N VAL B 138 -19.14 -41.38 -10.11
CA VAL B 138 -17.85 -41.63 -9.46
C VAL B 138 -16.84 -42.26 -10.41
N ASP B 139 -15.59 -41.84 -10.27
CA ASP B 139 -14.45 -42.30 -11.04
C ASP B 139 -13.47 -42.98 -10.08
N ILE B 140 -13.05 -44.19 -10.40
CA ILE B 140 -12.13 -44.96 -9.58
C ILE B 140 -10.92 -45.29 -10.42
N TYR B 141 -9.73 -44.91 -9.96
CA TYR B 141 -8.49 -45.24 -10.64
C TYR B 141 -7.65 -46.14 -9.74
N TYR B 142 -7.39 -47.35 -10.19
CA TYR B 142 -6.74 -48.37 -9.38
C TYR B 142 -5.24 -48.34 -9.66
N LEU B 143 -4.49 -47.65 -8.81
CA LEU B 143 -3.04 -47.74 -8.86
C LEU B 143 -2.59 -48.96 -8.08
N MET B 144 -1.81 -49.83 -8.74
CA MET B 144 -1.44 -51.10 -8.13
C MET B 144 0.05 -51.32 -8.24
N ASP B 145 0.73 -51.41 -7.10
CA ASP B 145 2.12 -51.82 -7.06
C ASP B 145 2.26 -53.21 -7.66
N LEU B 146 3.33 -53.44 -8.44
CA LEU B 146 3.43 -54.68 -9.18
C LEU B 146 4.81 -55.30 -9.07
N SER B 147 5.45 -55.16 -7.91
CA SER B 147 6.73 -55.84 -7.70
C SER B 147 6.48 -57.34 -7.52
N TYR B 148 7.55 -58.09 -7.31
CA TYR B 148 7.44 -59.55 -7.37
C TYR B 148 6.60 -60.11 -6.23
N SER B 149 6.68 -59.51 -5.04
CA SER B 149 5.89 -59.98 -3.91
C SER B 149 4.42 -59.65 -4.05
N MET B 150 4.02 -59.06 -5.16
CA MET B 150 2.65 -58.61 -5.41
C MET B 150 2.05 -59.40 -6.56
N LYS B 151 2.43 -60.67 -6.67
CA LYS B 151 1.99 -61.55 -7.75
C LYS B 151 0.68 -62.24 -7.47
N ASP B 152 0.52 -62.83 -6.28
CA ASP B 152 -0.73 -63.50 -5.95
C ASP B 152 -1.92 -62.54 -5.93
N ASP B 153 -1.68 -61.26 -5.64
CA ASP B 153 -2.75 -60.27 -5.74
C ASP B 153 -3.30 -60.20 -7.16
N LEU B 154 -2.43 -60.32 -8.16
CA LEU B 154 -2.89 -60.28 -9.54
C LEU B 154 -3.86 -61.42 -9.82
N TRP B 155 -3.85 -62.46 -8.99
CA TRP B 155 -4.79 -63.55 -9.18
C TRP B 155 -6.14 -63.28 -8.53
N SER B 156 -6.18 -62.39 -7.54
CA SER B 156 -7.42 -62.03 -6.84
C SER B 156 -7.91 -60.64 -7.20
N ILE B 157 -7.61 -60.17 -8.41
CA ILE B 157 -8.05 -58.88 -8.89
C ILE B 157 -8.65 -59.07 -10.28
N GLN B 158 -8.40 -60.24 -10.86
CA GLN B 158 -8.81 -60.48 -12.24
C GLN B 158 -10.32 -60.37 -12.42
N ASN B 159 -11.09 -60.43 -11.34
CA ASN B 159 -12.53 -60.28 -11.39
C ASN B 159 -13.01 -59.13 -10.51
N LEU B 160 -12.30 -58.01 -10.54
CA LEU B 160 -12.71 -56.85 -9.77
C LEU B 160 -13.63 -55.90 -10.55
N GLY B 161 -13.54 -55.89 -11.87
CA GLY B 161 -14.40 -55.03 -12.67
C GLY B 161 -15.85 -55.41 -12.56
N THR B 162 -16.16 -56.70 -12.58
CA THR B 162 -17.54 -57.14 -12.43
C THR B 162 -18.02 -57.08 -10.99
N LYS B 163 -17.16 -57.35 -10.01
CA LYS B 163 -17.57 -57.37 -8.62
C LYS B 163 -17.68 -56.00 -7.98
N LEU B 164 -16.93 -55.00 -8.46
CA LEU B 164 -17.08 -53.65 -7.94
C LEU B 164 -18.27 -52.93 -8.57
N ALA B 165 -18.59 -53.24 -9.83
CA ALA B 165 -19.72 -52.62 -10.48
C ALA B 165 -21.03 -52.98 -9.78
N THR B 166 -21.16 -54.23 -9.34
CA THR B 166 -22.38 -54.64 -8.65
C THR B 166 -22.50 -53.98 -7.28
N GLN B 167 -21.38 -53.83 -6.56
CA GLN B 167 -21.43 -53.29 -5.21
C GLN B 167 -21.65 -51.78 -5.21
N MET B 168 -21.02 -51.07 -6.15
CA MET B 168 -21.12 -49.62 -6.18
C MET B 168 -22.24 -49.14 -7.10
N ARG B 169 -23.05 -50.05 -7.64
CA ARG B 169 -24.20 -49.64 -8.44
C ARG B 169 -25.29 -49.03 -7.57
N LYS B 170 -25.42 -49.47 -6.33
CA LYS B 170 -26.46 -48.96 -5.44
C LYS B 170 -26.13 -47.57 -4.90
N LEU B 171 -24.87 -47.17 -4.88
CA LEU B 171 -24.48 -45.88 -4.34
C LEU B 171 -24.41 -44.78 -5.39
N THR B 172 -24.30 -45.15 -6.67
CA THR B 172 -24.14 -44.18 -7.74
C THR B 172 -24.62 -44.83 -9.03
N SER B 173 -25.01 -44.00 -10.00
CA SER B 173 -25.56 -44.50 -11.24
C SER B 173 -24.62 -44.29 -12.43
N ASN B 174 -23.39 -43.84 -12.21
CA ASN B 174 -22.45 -43.64 -13.30
C ASN B 174 -21.04 -43.87 -12.76
N LEU B 175 -20.54 -45.09 -12.93
CA LEU B 175 -19.25 -45.52 -12.43
C LEU B 175 -18.28 -45.70 -13.58
N ARG B 176 -17.06 -45.20 -13.41
CA ARG B 176 -16.02 -45.41 -14.40
C ARG B 176 -14.72 -45.80 -13.72
N ILE B 177 -14.08 -46.88 -14.21
CA ILE B 177 -12.96 -47.54 -13.55
C ILE B 177 -11.76 -47.62 -14.48
N GLY B 178 -10.57 -47.41 -13.92
CA GLY B 178 -9.34 -47.49 -14.69
C GLY B 178 -8.31 -48.45 -14.12
N PHE B 179 -7.07 -48.39 -14.58
CA PHE B 179 -6.03 -49.23 -14.00
C PHE B 179 -4.66 -48.57 -14.19
N GLY B 180 -3.71 -48.97 -13.36
CA GLY B 180 -2.36 -48.47 -13.48
C GLY B 180 -1.37 -49.52 -13.04
N ALA B 181 -0.12 -49.12 -12.88
CA ALA B 181 0.91 -50.02 -12.38
C ALA B 181 2.13 -49.19 -12.02
N PHE B 182 3.06 -49.80 -11.30
CA PHE B 182 4.35 -49.19 -10.98
C PHE B 182 5.20 -50.20 -10.24
N VAL B 183 6.52 -50.06 -10.39
CA VAL B 183 7.45 -50.80 -9.55
C VAL B 183 8.40 -49.84 -8.87
N ASP B 184 9.27 -49.21 -9.64
CA ASP B 184 10.26 -48.25 -9.15
C ASP B 184 11.08 -47.69 -10.31
N LYS B 185 11.96 -46.73 -10.04
CA LYS B 185 12.82 -46.18 -11.08
C LYS B 185 13.72 -47.27 -11.64
N PRO B 186 13.86 -47.38 -12.96
CA PRO B 186 14.77 -48.39 -13.54
C PRO B 186 16.18 -47.87 -13.77
N VAL B 187 16.94 -47.67 -12.70
CA VAL B 187 18.25 -47.04 -12.82
C VAL B 187 19.14 -47.49 -11.66
N SER B 188 20.42 -47.70 -11.96
CA SER B 188 21.55 -47.91 -11.06
C SER B 188 21.18 -48.86 -9.92
N PRO B 189 21.21 -48.52 -8.61
CA PRO B 189 21.17 -49.60 -7.61
C PRO B 189 19.80 -50.22 -7.41
N TYR B 190 18.73 -49.66 -7.99
CA TYR B 190 17.40 -50.22 -7.80
C TYR B 190 17.18 -51.46 -8.66
N MET B 191 17.71 -51.49 -9.88
CA MET B 191 17.45 -52.55 -10.83
C MET B 191 18.71 -53.36 -11.09
N TYR B 192 18.52 -54.59 -11.54
CA TYR B 192 19.63 -55.49 -11.84
C TYR B 192 20.12 -55.23 -13.25
N ILE B 193 21.45 -55.14 -13.41
CA ILE B 193 22.03 -54.84 -14.71
C ILE B 193 23.10 -55.87 -15.07
N SER B 194 23.09 -57.02 -14.40
CA SER B 194 24.04 -58.07 -14.70
C SER B 194 23.46 -59.41 -14.31
N PRO B 195 23.62 -60.45 -15.14
CA PRO B 195 24.29 -60.48 -16.45
C PRO B 195 23.45 -59.82 -17.54
N PRO B 196 23.97 -59.66 -18.76
CA PRO B 196 23.16 -59.03 -19.81
C PRO B 196 21.82 -59.68 -20.07
N GLU B 197 21.66 -60.96 -19.73
CA GLU B 197 20.36 -61.62 -19.86
C GLU B 197 19.40 -61.24 -18.74
N ALA B 198 19.85 -60.49 -17.73
CA ALA B 198 18.98 -60.07 -16.64
C ALA B 198 18.30 -58.74 -16.91
N LEU B 199 18.70 -58.00 -17.95
CA LEU B 199 17.97 -56.79 -18.30
C LEU B 199 16.68 -57.12 -19.04
N GLU B 200 16.67 -58.22 -19.80
CA GLU B 200 15.45 -58.65 -20.47
C GLU B 200 14.44 -59.21 -19.47
N ASN B 201 14.90 -59.93 -18.46
CA ASN B 201 14.02 -60.36 -17.38
C ASN B 201 14.82 -60.42 -16.08
N PRO B 202 14.45 -59.63 -15.07
CA PRO B 202 15.23 -59.61 -13.83
C PRO B 202 15.20 -60.91 -13.06
N CYS B 203 14.22 -61.78 -13.31
CA CYS B 203 14.14 -63.06 -12.61
C CYS B 203 14.96 -64.14 -13.32
N TYR B 204 16.23 -63.85 -13.57
CA TYR B 204 17.07 -64.83 -14.24
C TYR B 204 17.44 -65.98 -13.31
N ASP B 205 17.81 -65.66 -12.07
CA ASP B 205 18.23 -66.69 -11.12
C ASP B 205 17.08 -67.62 -10.77
N MET B 206 15.89 -67.07 -10.58
CA MET B 206 14.73 -67.91 -10.30
C MET B 206 14.34 -68.70 -11.54
N LYS B 207 13.53 -69.74 -11.32
CA LYS B 207 13.03 -70.54 -12.43
C LYS B 207 12.12 -69.72 -13.35
N THR B 208 11.26 -68.88 -12.77
CA THR B 208 10.28 -68.13 -13.52
C THR B 208 10.90 -66.90 -14.18
N THR B 209 10.13 -66.27 -15.06
CA THR B 209 10.54 -65.06 -15.76
C THR B 209 9.53 -63.95 -15.51
N CYS B 210 10.04 -62.72 -15.42
CA CYS B 210 9.23 -61.54 -15.15
C CYS B 210 9.46 -60.51 -16.25
N LEU B 211 8.60 -59.48 -16.26
CA LEU B 211 8.71 -58.43 -17.24
C LEU B 211 9.93 -57.56 -16.96
N PRO B 212 10.46 -56.88 -17.99
CA PRO B 212 11.48 -55.86 -17.73
C PRO B 212 10.93 -54.76 -16.84
N MET B 213 11.78 -54.25 -15.97
CA MET B 213 11.30 -53.37 -14.90
C MET B 213 10.94 -51.99 -15.44
N PHE B 214 9.86 -51.42 -14.90
CA PHE B 214 9.29 -50.16 -15.36
C PHE B 214 9.04 -49.24 -14.17
N GLY B 215 8.81 -47.97 -14.47
CA GLY B 215 8.58 -46.98 -13.44
C GLY B 215 7.11 -46.67 -13.19
N TYR B 216 6.36 -46.50 -14.27
CA TYR B 216 4.91 -46.31 -14.20
C TYR B 216 4.36 -46.46 -15.60
N LYS B 217 3.38 -47.35 -15.78
CA LYS B 217 2.74 -47.50 -17.07
C LYS B 217 1.22 -47.43 -16.91
N HIS B 218 0.60 -46.56 -17.68
CA HIS B 218 -0.86 -46.42 -17.68
C HIS B 218 -1.47 -47.51 -18.56
N VAL B 219 -2.38 -48.29 -18.00
CA VAL B 219 -2.88 -49.48 -18.67
C VAL B 219 -4.25 -49.23 -19.29
N LEU B 220 -5.22 -48.86 -18.47
CA LEU B 220 -6.61 -48.69 -18.87
C LEU B 220 -7.12 -47.33 -18.41
N THR B 221 -7.58 -46.53 -19.36
CA THR B 221 -8.18 -45.23 -19.10
C THR B 221 -9.62 -45.39 -18.61
N LEU B 222 -10.09 -44.39 -17.87
CA LEU B 222 -11.36 -44.50 -17.17
C LEU B 222 -12.48 -44.83 -18.14
N THR B 223 -13.07 -46.01 -18.00
CA THR B 223 -14.02 -46.55 -18.95
C THR B 223 -15.36 -46.83 -18.29
N ASP B 224 -16.43 -46.59 -19.04
CA ASP B 224 -17.77 -46.94 -18.55
C ASP B 224 -18.00 -48.44 -18.61
N GLN B 225 -17.51 -49.09 -19.67
CA GLN B 225 -17.57 -50.54 -19.74
C GLN B 225 -16.71 -51.14 -18.64
N VAL B 226 -17.24 -52.14 -17.97
CA VAL B 226 -16.58 -52.66 -16.77
C VAL B 226 -15.76 -53.89 -17.11
N THR B 227 -16.23 -54.69 -18.07
CA THR B 227 -15.50 -55.90 -18.45
C THR B 227 -14.14 -55.58 -19.03
N ARG B 228 -13.90 -54.33 -19.44
CA ARG B 228 -12.58 -53.95 -19.92
C ARG B 228 -11.54 -54.04 -18.81
N PHE B 229 -11.93 -53.82 -17.55
CA PHE B 229 -10.98 -53.99 -16.45
C PHE B 229 -10.52 -55.44 -16.34
N ASN B 230 -11.46 -56.39 -16.43
CA ASN B 230 -11.09 -57.79 -16.41
C ASN B 230 -10.22 -58.14 -17.62
N GLU B 231 -10.56 -57.62 -18.79
CA GLU B 231 -9.79 -57.95 -19.98
C GLU B 231 -8.37 -57.40 -19.93
N GLU B 232 -8.20 -56.18 -19.40
CA GLU B 232 -6.89 -55.53 -19.35
C GLU B 232 -6.12 -55.79 -18.08
N VAL B 233 -6.67 -56.58 -17.15
CA VAL B 233 -5.91 -56.96 -15.95
C VAL B 233 -5.46 -58.42 -15.99
N LYS B 234 -5.99 -59.23 -16.90
CA LYS B 234 -5.51 -60.59 -17.06
C LYS B 234 -4.25 -60.68 -17.91
N LYS B 235 -3.83 -59.57 -18.52
CA LYS B 235 -2.68 -59.54 -19.40
C LYS B 235 -1.46 -58.90 -18.75
N GLN B 236 -1.47 -58.76 -17.44
CA GLN B 236 -0.39 -58.10 -16.71
C GLN B 236 0.59 -59.12 -16.15
N SER B 237 1.76 -58.62 -15.76
CA SER B 237 2.77 -59.49 -15.15
C SER B 237 3.68 -58.65 -14.28
N VAL B 238 4.31 -59.32 -13.32
CA VAL B 238 5.06 -58.67 -12.25
C VAL B 238 6.48 -58.37 -12.71
N SER B 239 7.18 -57.52 -11.96
CA SER B 239 8.56 -57.15 -12.21
C SER B 239 9.39 -57.49 -10.97
N ARG B 240 10.63 -57.03 -10.95
CA ARG B 240 11.49 -57.25 -9.80
C ARG B 240 12.56 -56.18 -9.71
N ASN B 241 12.71 -55.60 -8.52
CA ASN B 241 13.73 -54.60 -8.25
C ASN B 241 14.51 -55.02 -7.01
N ARG B 242 15.57 -54.28 -6.71
CA ARG B 242 16.47 -54.69 -5.63
C ARG B 242 15.96 -54.25 -4.26
N ASP B 243 15.80 -52.94 -4.04
CA ASP B 243 15.51 -52.41 -2.73
C ASP B 243 14.09 -52.75 -2.30
N ALA B 244 13.80 -52.49 -1.02
CA ALA B 244 12.50 -52.79 -0.44
C ALA B 244 11.45 -51.70 -0.68
N PRO B 245 11.75 -50.42 -0.46
CA PRO B 245 10.79 -49.38 -0.83
C PRO B 245 10.52 -49.37 -2.32
N GLU B 246 9.29 -48.98 -2.69
CA GLU B 246 8.91 -48.85 -4.09
C GLU B 246 8.41 -47.45 -4.37
N GLY B 247 8.82 -46.90 -5.51
CA GLY B 247 8.52 -45.52 -5.84
C GLY B 247 7.14 -45.33 -6.41
N GLY B 248 6.13 -45.32 -5.55
CA GLY B 248 4.76 -45.09 -5.95
C GLY B 248 4.30 -43.66 -5.90
N PHE B 249 5.07 -42.77 -5.28
CA PHE B 249 4.70 -41.36 -5.27
C PHE B 249 4.79 -40.75 -6.66
N ASP B 250 5.76 -41.21 -7.47
CA ASP B 250 5.82 -40.80 -8.87
C ASP B 250 4.57 -41.22 -9.62
N ALA B 251 4.10 -42.44 -9.39
CA ALA B 251 2.88 -42.91 -10.05
C ALA B 251 1.67 -42.12 -9.58
N ILE B 252 1.61 -41.77 -8.29
CA ILE B 252 0.50 -40.94 -7.81
C ILE B 252 0.52 -39.58 -8.50
N MET B 253 1.68 -38.96 -8.59
CA MET B 253 1.78 -37.66 -9.23
C MET B 253 1.37 -37.72 -10.69
N GLN B 254 1.82 -38.75 -11.41
CA GLN B 254 1.50 -38.84 -12.82
C GLN B 254 0.04 -39.22 -13.06
N ALA B 255 -0.58 -39.96 -12.14
CA ALA B 255 -2.01 -40.21 -12.28
C ALA B 255 -2.81 -38.96 -11.93
N THR B 256 -2.27 -38.09 -11.08
CA THR B 256 -2.98 -36.87 -10.71
C THR B 256 -2.92 -35.82 -11.81
N VAL B 257 -1.73 -35.47 -12.29
CA VAL B 257 -1.59 -34.31 -13.16
C VAL B 257 -1.89 -34.60 -14.63
N CYS B 258 -1.91 -35.86 -15.05
CA CYS B 258 -2.25 -36.20 -16.44
C CYS B 258 -3.74 -36.48 -16.53
N ASP B 259 -4.54 -35.41 -16.53
CA ASP B 259 -5.98 -35.56 -16.59
C ASP B 259 -6.45 -36.08 -17.93
N GLU B 260 -5.90 -35.55 -19.03
CA GLU B 260 -6.41 -35.88 -20.35
C GLU B 260 -6.12 -37.33 -20.72
N LYS B 261 -4.96 -37.84 -20.32
CA LYS B 261 -4.62 -39.23 -20.61
C LYS B 261 -5.42 -40.19 -19.72
N ILE B 262 -5.50 -39.90 -18.42
CA ILE B 262 -6.19 -40.79 -17.50
C ILE B 262 -7.69 -40.82 -17.82
N GLY B 263 -8.29 -39.66 -18.03
CA GLY B 263 -9.67 -39.54 -18.36
C GLY B 263 -10.58 -39.02 -17.27
N TRP B 264 -10.05 -38.28 -16.30
CA TRP B 264 -10.84 -37.83 -15.16
C TRP B 264 -12.01 -36.98 -15.64
N ARG B 265 -13.19 -37.27 -15.12
CA ARG B 265 -14.35 -36.42 -15.36
C ARG B 265 -14.27 -35.16 -14.52
N ASN B 266 -15.21 -34.24 -14.75
CA ASN B 266 -15.33 -33.05 -13.92
C ASN B 266 -16.55 -33.07 -13.02
N ASP B 267 -17.64 -33.67 -13.47
CA ASP B 267 -18.83 -33.83 -12.64
C ASP B 267 -18.85 -35.20 -11.95
N ALA B 268 -17.81 -35.53 -11.20
CA ALA B 268 -17.75 -36.83 -10.56
C ALA B 268 -16.84 -36.78 -9.34
N SER B 269 -16.93 -37.83 -8.52
CA SER B 269 -16.08 -38.01 -7.36
C SER B 269 -14.87 -38.83 -7.74
N HIS B 270 -13.68 -38.25 -7.58
CA HIS B 270 -12.44 -38.89 -7.99
C HIS B 270 -11.86 -39.67 -6.82
N LEU B 271 -11.75 -40.99 -6.98
CA LEU B 271 -11.07 -41.85 -6.02
C LEU B 271 -9.84 -42.46 -6.67
N LEU B 272 -8.72 -42.42 -5.97
CA LEU B 272 -7.46 -42.97 -6.43
C LEU B 272 -7.07 -44.05 -5.43
N VAL B 273 -7.34 -45.31 -5.76
CA VAL B 273 -7.08 -46.41 -4.85
C VAL B 273 -5.65 -46.89 -5.04
N PHE B 274 -4.76 -46.52 -4.11
CA PHE B 274 -3.33 -46.74 -4.25
C PHE B 274 -2.94 -47.93 -3.36
N THR B 275 -2.60 -49.07 -3.97
CA THR B 275 -2.33 -50.28 -3.22
C THR B 275 -0.84 -50.60 -3.25
N THR B 276 -0.27 -50.89 -2.08
CA THR B 276 1.14 -51.19 -1.94
C THR B 276 1.31 -52.01 -0.67
N ASP B 277 2.48 -52.66 -0.55
CA ASP B 277 2.79 -53.44 0.65
C ASP B 277 4.23 -53.22 1.11
N ALA B 278 4.82 -52.07 0.82
CA ALA B 278 6.15 -51.74 1.29
C ALA B 278 6.23 -50.23 1.47
N LYS B 279 7.40 -49.73 1.83
CA LYS B 279 7.57 -48.30 2.07
C LYS B 279 7.43 -47.55 0.76
N THR B 280 7.77 -46.26 0.77
CA THR B 280 7.80 -45.48 -0.46
C THR B 280 9.02 -44.57 -0.43
N HIS B 281 9.45 -44.16 -1.62
CA HIS B 281 10.56 -43.26 -1.78
C HIS B 281 10.06 -41.82 -1.79
N ILE B 282 10.76 -40.96 -1.06
CA ILE B 282 10.40 -39.55 -0.96
C ILE B 282 11.45 -38.74 -1.70
N ALA B 283 11.18 -37.44 -1.86
CA ALA B 283 12.10 -36.59 -2.59
C ALA B 283 13.46 -36.60 -1.91
N LEU B 284 14.50 -36.35 -2.70
CA LEU B 284 15.90 -36.38 -2.32
C LEU B 284 16.42 -37.78 -2.07
N ASP B 285 15.56 -38.81 -2.16
CA ASP B 285 16.01 -40.19 -2.09
C ASP B 285 16.51 -40.71 -3.42
N GLY B 286 16.36 -39.94 -4.49
CA GLY B 286 16.87 -40.29 -5.80
C GLY B 286 18.31 -39.94 -6.04
N ARG B 287 18.93 -39.15 -5.16
CA ARG B 287 20.32 -38.79 -5.35
C ARG B 287 21.24 -40.00 -5.28
N LEU B 288 20.78 -41.11 -4.72
CA LEU B 288 21.58 -42.33 -4.73
C LEU B 288 21.72 -42.92 -6.11
N ALA B 289 20.87 -42.52 -7.06
CA ALA B 289 20.95 -42.98 -8.44
C ALA B 289 21.58 -41.94 -9.35
N GLY B 290 22.04 -40.82 -8.81
CA GLY B 290 22.58 -39.74 -9.60
C GLY B 290 21.54 -38.76 -10.10
N ILE B 291 20.30 -38.84 -9.62
CA ILE B 291 19.21 -38.00 -10.08
C ILE B 291 19.00 -36.89 -9.07
N VAL B 292 19.25 -35.65 -9.49
CA VAL B 292 19.16 -34.50 -8.61
C VAL B 292 18.11 -33.49 -9.05
N GLN B 293 17.56 -33.60 -10.24
CA GLN B 293 16.61 -32.61 -10.73
C GLN B 293 15.29 -32.74 -9.98
N PRO B 294 14.79 -31.67 -9.36
CA PRO B 294 13.52 -31.76 -8.64
C PRO B 294 12.35 -32.08 -9.55
N ASN B 295 11.34 -32.74 -8.98
CA ASN B 295 10.11 -33.02 -9.71
C ASN B 295 9.31 -31.73 -9.84
N ASP B 296 8.96 -31.37 -11.07
CA ASP B 296 8.24 -30.13 -11.34
C ASP B 296 6.73 -30.30 -11.39
N GLY B 297 6.23 -31.52 -11.25
CA GLY B 297 4.80 -31.75 -11.24
C GLY B 297 4.10 -31.49 -12.55
N GLN B 298 4.68 -31.92 -13.66
CA GLN B 298 4.04 -31.80 -14.98
C GLN B 298 3.69 -33.19 -15.49
N CYS B 299 3.08 -33.24 -16.66
CA CYS B 299 2.66 -34.50 -17.28
C CYS B 299 3.73 -34.95 -18.27
N HIS B 300 4.30 -36.13 -18.03
CA HIS B 300 5.37 -36.66 -18.87
C HIS B 300 5.03 -38.01 -19.48
N VAL B 301 3.83 -38.53 -19.27
CA VAL B 301 3.44 -39.81 -19.84
C VAL B 301 3.20 -39.62 -21.33
N GLY B 302 3.96 -40.34 -22.15
CA GLY B 302 3.95 -40.15 -23.58
C GLY B 302 2.83 -40.88 -24.28
N SER B 303 3.02 -41.12 -25.57
CA SER B 303 2.06 -41.87 -26.36
C SER B 303 2.29 -43.36 -26.31
N ASP B 304 3.35 -43.81 -25.63
CA ASP B 304 3.58 -45.22 -25.37
C ASP B 304 3.02 -45.67 -24.04
N ASN B 305 2.35 -44.78 -23.31
CA ASN B 305 1.80 -45.05 -21.99
C ASN B 305 2.89 -45.52 -21.03
N HIS B 306 3.84 -44.62 -20.77
CA HIS B 306 4.97 -44.91 -19.90
C HIS B 306 5.49 -43.61 -19.34
N TYR B 307 5.82 -43.60 -18.06
CA TYR B 307 6.41 -42.42 -17.43
C TYR B 307 7.80 -42.23 -18.02
N SER B 308 7.94 -41.23 -18.90
CA SER B 308 9.15 -41.11 -19.71
C SER B 308 10.32 -40.57 -18.90
N ALA B 309 10.10 -39.57 -18.06
CA ALA B 309 11.17 -38.93 -17.31
C ALA B 309 11.48 -39.64 -16.02
N SER B 310 11.24 -40.95 -15.96
CA SER B 310 11.42 -41.68 -14.72
C SER B 310 12.88 -41.65 -14.27
N THR B 311 13.80 -41.85 -15.21
CA THR B 311 15.22 -41.94 -14.89
C THR B 311 15.94 -40.61 -14.98
N THR B 312 15.22 -39.50 -14.88
CA THR B 312 15.81 -38.17 -14.97
C THR B 312 15.33 -37.19 -13.92
N MET B 313 14.17 -37.40 -13.31
CA MET B 313 13.61 -36.48 -12.34
C MET B 313 13.48 -37.16 -10.98
N ASP B 314 13.63 -36.35 -9.93
CA ASP B 314 13.60 -36.86 -8.57
C ASP B 314 12.20 -37.36 -8.22
N TYR B 315 12.03 -37.79 -6.97
CA TYR B 315 10.72 -38.18 -6.47
C TYR B 315 9.93 -36.96 -6.04
N PRO B 316 8.60 -37.06 -5.99
CA PRO B 316 7.80 -35.91 -5.54
C PRO B 316 7.75 -35.84 -4.03
N SER B 317 7.90 -34.64 -3.50
CA SER B 317 7.83 -34.45 -2.07
C SER B 317 6.38 -34.54 -1.61
N LEU B 318 6.17 -34.42 -0.30
CA LEU B 318 4.82 -34.55 0.24
C LEU B 318 3.98 -33.30 -0.04
N GLY B 319 4.58 -32.13 0.07
CA GLY B 319 3.83 -30.90 -0.16
C GLY B 319 3.37 -30.74 -1.59
N LEU B 320 4.27 -31.01 -2.56
CA LEU B 320 3.90 -30.91 -3.96
C LEU B 320 2.82 -31.93 -4.31
N MET B 321 2.96 -33.15 -3.80
CA MET B 321 1.96 -34.18 -4.06
C MET B 321 0.60 -33.77 -3.51
N THR B 322 0.58 -33.22 -2.29
CA THR B 322 -0.67 -32.74 -1.71
C THR B 322 -1.27 -31.61 -2.53
N GLU B 323 -0.44 -30.69 -3.00
CA GLU B 323 -0.95 -29.56 -3.77
C GLU B 323 -1.56 -30.02 -5.09
N LYS B 324 -0.90 -30.94 -5.78
CA LYS B 324 -1.47 -31.44 -7.04
C LYS B 324 -2.72 -32.26 -6.79
N LEU B 325 -2.80 -32.98 -5.66
CA LEU B 325 -4.05 -33.68 -5.33
C LEU B 325 -5.16 -32.69 -5.07
N SER B 326 -4.85 -31.58 -4.39
CA SER B 326 -5.86 -30.57 -4.07
C SER B 326 -6.37 -29.87 -5.32
N GLN B 327 -5.47 -29.52 -6.24
CA GLN B 327 -5.88 -28.76 -7.41
C GLN B 327 -6.81 -29.54 -8.32
N LYS B 328 -6.61 -30.86 -8.43
CA LYS B 328 -7.38 -31.69 -9.35
C LYS B 328 -8.53 -32.40 -8.66
N ASN B 329 -8.75 -32.16 -7.36
CA ASN B 329 -9.87 -32.73 -6.60
C ASN B 329 -9.82 -34.27 -6.60
N ILE B 330 -8.77 -34.82 -6.01
CA ILE B 330 -8.57 -36.27 -5.94
C ILE B 330 -8.71 -36.69 -4.49
N ASN B 331 -9.38 -37.83 -4.26
CA ASN B 331 -9.49 -38.46 -2.95
C ASN B 331 -8.61 -39.71 -2.97
N LEU B 332 -7.57 -39.70 -2.13
CA LEU B 332 -6.56 -40.76 -2.16
C LEU B 332 -6.81 -41.78 -1.06
N ILE B 333 -6.76 -43.06 -1.43
CA ILE B 333 -7.05 -44.15 -0.52
C ILE B 333 -5.84 -45.08 -0.50
N PHE B 334 -5.02 -44.98 0.55
CA PHE B 334 -3.90 -45.89 0.75
C PHE B 334 -4.46 -47.23 1.18
N ALA B 335 -4.52 -48.20 0.28
CA ALA B 335 -5.04 -49.53 0.62
C ALA B 335 -3.86 -50.48 0.82
N VAL B 336 -3.30 -50.47 2.03
CA VAL B 336 -1.99 -51.08 2.28
C VAL B 336 -2.13 -52.23 3.27
N THR B 337 -1.11 -53.09 3.28
CA THR B 337 -1.09 -54.28 4.13
C THR B 337 -0.78 -53.89 5.57
N GLU B 338 -0.96 -54.86 6.47
CA GLU B 338 -0.90 -54.58 7.90
C GLU B 338 0.48 -54.07 8.33
N ASN B 339 1.56 -54.73 7.90
CA ASN B 339 2.87 -54.44 8.45
C ASN B 339 3.34 -53.02 8.19
N VAL B 340 2.58 -52.23 7.44
CA VAL B 340 3.00 -50.88 7.10
C VAL B 340 1.88 -49.89 7.36
N VAL B 341 0.73 -50.39 7.84
CA VAL B 341 -0.44 -49.53 7.98
C VAL B 341 -0.11 -48.31 8.83
N ASN B 342 0.51 -48.53 9.99
CA ASN B 342 0.87 -47.40 10.85
C ASN B 342 1.63 -46.34 10.09
N LEU B 343 2.64 -46.73 9.31
CA LEU B 343 3.41 -45.75 8.58
C LEU B 343 2.51 -44.87 7.73
N TYR B 344 1.62 -45.48 6.94
CA TYR B 344 0.79 -44.69 6.07
C TYR B 344 -0.24 -43.89 6.85
N GLN B 345 -0.65 -44.38 8.01
CA GLN B 345 -1.48 -43.57 8.89
C GLN B 345 -0.77 -42.27 9.22
N ASN B 346 0.51 -42.36 9.60
CA ASN B 346 1.27 -41.16 9.92
C ASN B 346 1.51 -40.31 8.68
N TYR B 347 1.41 -40.91 7.48
CA TYR B 347 1.50 -40.13 6.26
C TYR B 347 0.17 -39.47 5.94
N SER B 348 -0.93 -40.09 6.35
CA SER B 348 -2.25 -39.56 6.03
C SER B 348 -2.59 -38.34 6.87
N GLU B 349 -1.84 -38.09 7.94
CA GLU B 349 -2.02 -36.90 8.76
C GLU B 349 -1.35 -35.67 8.17
N LEU B 350 -0.54 -35.85 7.13
CA LEU B 350 0.13 -34.75 6.45
C LEU B 350 -0.47 -34.45 5.08
N ILE B 351 -1.34 -35.32 4.58
CA ILE B 351 -2.05 -35.11 3.33
C ILE B 351 -3.54 -35.07 3.64
N PRO B 352 -4.15 -33.89 3.66
CA PRO B 352 -5.56 -33.80 4.04
C PRO B 352 -6.49 -34.29 2.93
N GLY B 353 -7.47 -35.09 3.33
CA GLY B 353 -8.43 -35.65 2.40
C GLY B 353 -8.28 -37.11 2.05
N THR B 354 -7.31 -37.81 2.65
CA THR B 354 -7.00 -39.20 2.31
C THR B 354 -7.59 -40.16 3.32
N THR B 355 -7.38 -41.45 3.08
CA THR B 355 -7.87 -42.52 3.94
CA THR B 355 -7.83 -42.49 3.99
C THR B 355 -6.86 -43.66 3.92
N VAL B 356 -6.84 -44.46 4.98
CA VAL B 356 -6.00 -45.65 5.06
C VAL B 356 -6.90 -46.86 5.25
N GLY B 357 -6.57 -47.95 4.54
CA GLY B 357 -7.30 -49.19 4.70
C GLY B 357 -6.33 -50.35 4.79
N VAL B 358 -6.78 -51.40 5.47
CA VAL B 358 -5.98 -52.60 5.69
C VAL B 358 -6.29 -53.59 4.57
N LEU B 359 -5.25 -54.04 3.89
CA LEU B 359 -5.36 -54.95 2.76
C LEU B 359 -4.79 -56.30 3.15
N SER B 360 -5.45 -57.37 2.73
CA SER B 360 -4.92 -58.70 3.02
C SER B 360 -3.64 -58.95 2.23
N MET B 361 -3.03 -60.09 2.48
CA MET B 361 -1.80 -60.44 1.76
C MET B 361 -2.07 -60.60 0.28
N ASP B 362 -3.17 -61.24 -0.09
CA ASP B 362 -3.52 -61.48 -1.48
C ASP B 362 -4.62 -60.55 -1.99
N SER B 363 -4.86 -59.42 -1.30
CA SER B 363 -5.83 -58.42 -1.72
C SER B 363 -7.19 -59.04 -2.02
N SER B 364 -7.62 -59.93 -1.14
CA SER B 364 -8.90 -60.57 -1.29
C SER B 364 -10.05 -59.75 -0.71
N ASN B 365 -9.75 -58.58 -0.15
CA ASN B 365 -10.78 -57.75 0.46
C ASN B 365 -10.72 -56.31 -0.03
N VAL B 366 -10.12 -56.05 -1.18
CA VAL B 366 -9.96 -54.68 -1.63
C VAL B 366 -11.28 -54.05 -2.06
N LEU B 367 -12.27 -54.86 -2.45
CA LEU B 367 -13.58 -54.31 -2.77
C LEU B 367 -14.23 -53.68 -1.54
N GLN B 368 -14.27 -54.41 -0.43
CA GLN B 368 -14.88 -53.87 0.78
C GLN B 368 -14.09 -52.69 1.31
N LEU B 369 -12.77 -52.72 1.16
CA LEU B 369 -11.97 -51.55 1.52
C LEU B 369 -12.38 -50.34 0.72
N ILE B 370 -12.58 -50.52 -0.60
CA ILE B 370 -12.95 -49.39 -1.45
C ILE B 370 -14.31 -48.83 -1.05
N VAL B 371 -15.28 -49.71 -0.79
CA VAL B 371 -16.62 -49.23 -0.44
C VAL B 371 -16.61 -48.50 0.90
N ASP B 372 -15.94 -49.06 1.91
CA ASP B 372 -15.87 -48.38 3.20
C ASP B 372 -15.13 -47.05 3.10
N ALA B 373 -14.04 -47.01 2.35
CA ALA B 373 -13.32 -45.75 2.20
C ALA B 373 -14.16 -44.72 1.47
N TYR B 374 -14.96 -45.14 0.50
CA TYR B 374 -15.87 -44.20 -0.14
C TYR B 374 -16.87 -43.65 0.86
N GLY B 375 -17.42 -44.51 1.71
CA GLY B 375 -18.31 -44.03 2.75
C GLY B 375 -17.66 -43.00 3.65
N LYS B 376 -16.41 -43.26 4.05
CA LYS B 376 -15.70 -42.33 4.93
C LYS B 376 -15.38 -41.01 4.23
N ILE B 377 -15.10 -41.05 2.93
CA ILE B 377 -14.91 -39.79 2.19
C ILE B 377 -16.22 -39.02 2.09
N ARG B 378 -17.32 -39.73 1.86
CA ARG B 378 -18.59 -39.06 1.61
C ARG B 378 -19.25 -38.54 2.88
N SER B 379 -18.94 -39.13 4.03
CA SER B 379 -19.48 -38.62 5.30
C SER B 379 -19.03 -37.20 5.58
N LYS B 380 -17.74 -37.01 5.85
CA LYS B 380 -17.23 -35.72 6.31
C LYS B 380 -17.37 -34.63 5.25
N VAL B 381 -17.57 -33.40 5.70
CA VAL B 381 -17.54 -32.21 4.87
C VAL B 381 -16.53 -31.24 5.49
N GLU B 382 -15.49 -30.90 4.73
CA GLU B 382 -14.44 -30.03 5.21
C GLU B 382 -14.21 -28.91 4.21
N LEU B 383 -14.03 -27.69 4.71
CA LEU B 383 -13.84 -26.52 3.87
C LEU B 383 -12.36 -26.23 3.72
N GLU B 384 -11.99 -25.57 2.63
CA GLU B 384 -10.64 -25.09 2.42
C GLU B 384 -10.68 -23.75 1.71
N VAL B 385 -9.70 -22.90 1.99
CA VAL B 385 -9.64 -21.54 1.47
C VAL B 385 -8.49 -21.45 0.49
N ARG B 386 -8.76 -20.92 -0.69
CA ARG B 386 -7.78 -20.84 -1.77
C ARG B 386 -7.56 -19.39 -2.16
N ASP B 387 -6.29 -19.03 -2.40
CA ASP B 387 -5.90 -17.72 -2.90
C ASP B 387 -6.28 -16.59 -1.92
N LEU B 388 -6.22 -16.90 -0.64
CA LEU B 388 -6.55 -15.90 0.37
C LEU B 388 -5.39 -14.93 0.59
N PRO B 389 -5.58 -13.60 0.53
CA PRO B 389 -4.45 -12.76 0.71
C PRO B 389 -4.17 -12.30 2.13
N GLU B 390 -2.99 -11.69 2.31
CA GLU B 390 -2.40 -11.56 3.64
C GLU B 390 -3.13 -10.55 4.52
N GLU B 391 -4.01 -9.73 3.96
CA GLU B 391 -4.73 -8.73 4.73
C GLU B 391 -6.10 -9.20 5.22
N LEU B 392 -6.50 -10.42 4.91
CA LEU B 392 -7.81 -10.93 5.29
C LEU B 392 -7.66 -12.09 6.27
N SER B 393 -8.53 -12.13 7.27
CA SER B 393 -8.62 -13.22 8.21
C SER B 393 -10.06 -13.71 8.27
N LEU B 394 -10.22 -15.02 8.45
CA LEU B 394 -11.53 -15.65 8.37
C LEU B 394 -11.81 -16.45 9.64
N SER B 395 -13.08 -16.42 10.06
CA SER B 395 -13.53 -17.21 11.20
C SER B 395 -14.84 -17.91 10.85
N PHE B 396 -14.92 -19.21 11.14
CA PHE B 396 -16.04 -20.05 10.76
C PHE B 396 -16.85 -20.47 11.97
N ASN B 397 -18.15 -20.64 11.75
CA ASN B 397 -19.08 -21.17 12.75
C ASN B 397 -19.91 -22.22 12.02
N ALA B 398 -19.70 -23.48 12.35
CA ALA B 398 -20.39 -24.56 11.64
C ALA B 398 -21.74 -24.80 12.26
N THR B 399 -22.81 -24.54 11.51
CA THR B 399 -24.17 -24.91 11.87
C THR B 399 -24.36 -26.30 11.29
N CYS B 400 -24.11 -27.29 12.11
CA CYS B 400 -24.08 -28.69 11.69
C CYS B 400 -25.51 -29.20 11.87
N LEU B 401 -25.68 -30.52 11.98
CA LEU B 401 -26.99 -31.09 12.26
C LEU B 401 -27.70 -30.33 13.39
N ASN B 402 -29.03 -30.32 13.30
CA ASN B 402 -29.90 -29.50 14.15
C ASN B 402 -29.61 -28.02 14.00
N ASN B 403 -29.18 -27.38 15.09
CA ASN B 403 -28.88 -25.96 15.03
C ASN B 403 -27.67 -25.63 15.90
N GLU B 404 -27.04 -26.66 16.46
CA GLU B 404 -25.95 -26.42 17.41
C GLU B 404 -24.73 -25.87 16.69
N VAL B 405 -24.59 -24.56 16.68
CA VAL B 405 -23.39 -23.94 16.13
C VAL B 405 -22.18 -24.43 16.91
N ILE B 406 -21.08 -24.67 16.20
CA ILE B 406 -19.85 -25.13 16.85
C ILE B 406 -18.74 -24.13 16.53
N PRO B 407 -18.56 -23.11 17.35
CA PRO B 407 -17.65 -22.03 16.98
C PRO B 407 -16.23 -22.51 16.74
N GLY B 408 -15.59 -21.93 15.71
CA GLY B 408 -14.24 -22.26 15.35
C GLY B 408 -14.08 -23.48 14.49
N LEU B 409 -15.16 -24.20 14.20
CA LEU B 409 -15.12 -25.46 13.47
C LEU B 409 -15.54 -25.22 12.02
N LYS B 410 -14.74 -25.73 11.09
CA LYS B 410 -15.05 -25.70 9.67
C LYS B 410 -15.04 -27.12 9.10
N SER B 411 -15.74 -28.03 9.77
CA SER B 411 -15.88 -29.40 9.32
C SER B 411 -17.02 -30.07 10.07
N CYS B 412 -17.69 -30.99 9.41
CA CYS B 412 -18.73 -31.81 10.05
C CYS B 412 -18.50 -33.27 9.71
N MET B 413 -18.82 -34.14 10.67
CA MET B 413 -18.66 -35.57 10.53
C MET B 413 -19.99 -36.26 10.79
N GLY B 414 -20.03 -37.56 10.53
CA GLY B 414 -21.20 -38.35 10.82
C GLY B 414 -22.44 -37.97 10.02
N LEU B 415 -22.26 -37.43 8.82
CA LEU B 415 -23.39 -37.05 7.98
C LEU B 415 -23.94 -38.28 7.27
N LYS B 416 -24.82 -38.05 6.29
CA LYS B 416 -25.33 -39.09 5.43
C LYS B 416 -25.35 -38.57 4.00
N ILE B 417 -26.06 -39.27 3.12
CA ILE B 417 -26.22 -38.84 1.74
C ILE B 417 -27.48 -37.99 1.65
N GLY B 418 -27.32 -36.75 1.20
CA GLY B 418 -28.42 -35.82 1.10
C GLY B 418 -28.50 -34.80 2.22
N ASP B 419 -27.70 -34.96 3.27
CA ASP B 419 -27.75 -34.04 4.40
C ASP B 419 -26.95 -32.78 4.13
N THR B 420 -27.45 -31.65 4.63
CA THR B 420 -26.88 -30.34 4.37
C THR B 420 -26.33 -29.73 5.64
N VAL B 421 -25.26 -28.95 5.50
CA VAL B 421 -24.65 -28.23 6.61
C VAL B 421 -24.52 -26.77 6.20
N SER B 422 -24.42 -25.90 7.21
CA SER B 422 -24.29 -24.47 6.96
C SER B 422 -23.00 -23.99 7.62
N PHE B 423 -22.39 -22.97 7.05
CA PHE B 423 -21.21 -22.36 7.63
C PHE B 423 -21.37 -20.86 7.63
N SER B 424 -21.11 -20.23 8.77
CA SER B 424 -21.15 -18.78 8.89
C SER B 424 -19.71 -18.27 8.93
N ILE B 425 -19.36 -17.37 8.02
CA ILE B 425 -18.00 -16.91 7.83
C ILE B 425 -17.94 -15.42 8.15
N GLU B 426 -16.91 -15.02 8.89
CA GLU B 426 -16.66 -13.61 9.16
C GLU B 426 -15.25 -13.26 8.71
N ALA B 427 -15.14 -12.23 7.89
CA ALA B 427 -13.87 -11.79 7.32
C ALA B 427 -13.49 -10.43 7.88
N LYS B 428 -12.24 -10.32 8.30
CA LYS B 428 -11.67 -9.09 8.84
C LYS B 428 -10.49 -8.66 8.00
N VAL B 429 -10.31 -7.35 7.88
CA VAL B 429 -9.22 -6.76 7.10
C VAL B 429 -8.39 -5.87 8.02
N ARG B 430 -7.08 -6.02 7.95
CA ARG B 430 -6.14 -5.22 8.73
C ARG B 430 -5.39 -4.30 7.78
N GLY B 431 -5.65 -3.00 7.89
CA GLY B 431 -4.98 -2.02 7.05
C GLY B 431 -5.64 -1.87 5.69
N CYS B 432 -5.05 -1.00 4.88
CA CYS B 432 -5.55 -0.72 3.55
C CYS B 432 -4.70 -1.46 2.52
N PRO B 433 -5.21 -2.48 1.86
CA PRO B 433 -4.39 -3.19 0.88
C PRO B 433 -4.05 -2.34 -0.32
N GLN B 434 -2.90 -2.63 -0.93
CA GLN B 434 -2.42 -1.85 -2.06
C GLN B 434 -3.36 -1.96 -3.25
N GLU B 435 -3.86 -3.17 -3.53
CA GLU B 435 -4.75 -3.40 -4.65
C GLU B 435 -6.18 -3.56 -4.14
N LYS B 436 -7.09 -2.77 -4.69
CA LYS B 436 -8.48 -2.76 -4.26
C LYS B 436 -9.34 -3.76 -5.02
N GLU B 437 -8.74 -4.82 -5.58
CA GLU B 437 -9.49 -5.82 -6.32
C GLU B 437 -8.75 -7.15 -6.18
N LYS B 438 -9.24 -7.99 -5.27
CA LYS B 438 -8.67 -9.32 -5.05
C LYS B 438 -9.79 -10.35 -5.16
N SER B 439 -9.42 -11.63 -5.14
CA SER B 439 -10.41 -12.68 -5.21
C SER B 439 -9.88 -13.92 -4.51
N PHE B 440 -10.76 -14.65 -3.83
CA PHE B 440 -10.39 -15.91 -3.20
C PHE B 440 -11.56 -16.87 -3.27
N THR B 441 -11.33 -18.09 -2.78
CA THR B 441 -12.29 -19.18 -2.94
C THR B 441 -12.50 -19.91 -1.62
N ILE B 442 -13.75 -20.19 -1.30
CA ILE B 442 -14.12 -21.06 -0.19
C ILE B 442 -14.74 -22.30 -0.83
N LYS B 443 -14.10 -23.45 -0.63
CA LYS B 443 -14.46 -24.64 -1.40
C LYS B 443 -14.37 -25.88 -0.53
N PRO B 444 -15.39 -26.72 -0.48
CA PRO B 444 -15.27 -27.98 0.25
C PRO B 444 -14.23 -28.88 -0.39
N VAL B 445 -13.51 -29.61 0.46
CA VAL B 445 -12.40 -30.43 -0.03
C VAL B 445 -12.94 -31.61 -0.81
N GLY B 446 -12.48 -31.77 -2.04
CA GLY B 446 -12.88 -32.87 -2.89
C GLY B 446 -14.09 -32.60 -3.78
N PHE B 447 -14.73 -31.44 -3.65
CA PHE B 447 -15.90 -31.10 -4.44
C PHE B 447 -15.53 -30.13 -5.55
N LYS B 448 -16.13 -30.33 -6.72
CA LYS B 448 -15.91 -29.41 -7.84
C LYS B 448 -16.46 -28.03 -7.54
N ASP B 449 -17.64 -27.95 -6.95
CA ASP B 449 -18.31 -26.68 -6.75
C ASP B 449 -17.59 -25.84 -5.70
N SER B 450 -17.48 -24.55 -5.97
CA SER B 450 -16.74 -23.64 -5.12
C SER B 450 -17.47 -22.30 -5.03
N LEU B 451 -17.18 -21.56 -3.98
CA LEU B 451 -17.68 -20.21 -3.79
C LEU B 451 -16.54 -19.22 -4.04
N ILE B 452 -16.80 -18.22 -4.87
CA ILE B 452 -15.79 -17.24 -5.26
C ILE B 452 -16.16 -15.89 -4.68
N VAL B 453 -15.27 -15.31 -3.89
CA VAL B 453 -15.45 -14.00 -3.30
C VAL B 453 -14.56 -13.01 -4.00
N GLN B 454 -15.15 -11.91 -4.48
CA GLN B 454 -14.42 -10.81 -5.10
C GLN B 454 -14.40 -9.64 -4.14
N VAL B 455 -13.22 -9.35 -3.58
CA VAL B 455 -13.07 -8.37 -2.51
C VAL B 455 -12.58 -7.06 -3.10
N THR B 456 -13.24 -5.97 -2.70
CA THR B 456 -12.88 -4.60 -3.07
C THR B 456 -12.69 -3.78 -1.81
N PHE B 457 -11.54 -3.14 -1.67
CA PHE B 457 -11.20 -2.36 -0.49
C PHE B 457 -11.50 -0.88 -0.73
N ASP B 458 -12.33 -0.31 0.13
CA ASP B 458 -12.71 1.11 0.03
C ASP B 458 -11.89 1.93 1.01
N CYS B 459 -10.62 2.11 0.68
CA CYS B 459 -9.70 2.88 1.50
C CYS B 459 -9.51 4.30 1.02
N ASP B 460 -9.85 4.60 -0.23
CA ASP B 460 -9.63 5.91 -0.83
C ASP B 460 -10.98 6.57 -1.12
N CYS B 461 -11.15 7.78 -0.62
CA CYS B 461 -12.36 8.54 -0.88
C CYS B 461 -12.28 9.24 -2.24
N ALA B 462 -13.44 9.60 -2.77
CA ALA B 462 -13.53 10.13 -4.13
C ALA B 462 -12.95 11.52 -4.28
N CYS B 463 -12.77 12.27 -3.19
CA CYS B 463 -12.23 13.62 -3.27
C CYS B 463 -10.73 13.65 -3.45
N GLN B 464 -10.04 12.53 -3.23
CA GLN B 464 -8.59 12.48 -3.39
C GLN B 464 -8.16 12.30 -4.84
N ALA B 465 -9.09 11.93 -5.73
CA ALA B 465 -8.73 11.74 -7.13
C ALA B 465 -8.51 13.06 -7.84
N GLN B 466 -9.28 14.09 -7.48
CA GLN B 466 -9.18 15.39 -8.13
C GLN B 466 -8.35 16.38 -7.31
N ALA B 467 -7.32 15.89 -6.63
CA ALA B 467 -6.45 16.76 -5.85
C ALA B 467 -5.67 17.69 -6.77
N GLU B 468 -5.59 18.96 -6.39
CA GLU B 468 -4.88 19.95 -7.18
C GLU B 468 -3.60 20.34 -6.44
N PRO B 469 -2.42 20.09 -6.99
CA PRO B 469 -1.20 20.47 -6.30
C PRO B 469 -0.55 21.81 -6.68
N ASN B 470 0.37 22.25 -5.82
CA ASN B 470 1.02 23.55 -5.96
C ASN B 470 -0.01 24.67 -6.09
N SER B 471 -1.09 24.55 -5.32
CA SER B 471 -2.18 25.50 -5.42
C SER B 471 -1.92 26.74 -4.59
N HIS B 472 -2.45 27.87 -5.05
CA HIS B 472 -2.38 29.11 -4.29
C HIS B 472 -3.20 29.05 -3.01
N ARG B 473 -4.01 28.01 -2.86
CA ARG B 473 -4.87 27.82 -1.70
C ARG B 473 -4.14 27.20 -0.52
N CYS B 474 -2.88 26.83 -0.69
CA CYS B 474 -2.05 26.23 0.35
C CYS B 474 -0.83 27.09 0.61
N ASN B 475 -1.02 28.42 0.68
CA ASN B 475 0.06 29.38 0.86
C ASN B 475 1.06 29.32 -0.29
N ASN B 476 0.58 29.68 -1.49
CA ASN B 476 1.41 29.83 -2.68
C ASN B 476 2.13 28.53 -3.03
N GLY B 477 1.33 27.47 -3.18
CA GLY B 477 1.88 26.20 -3.60
C GLY B 477 2.83 25.56 -2.62
N ASN B 478 2.52 25.65 -1.32
CA ASN B 478 3.34 25.02 -0.29
C ASN B 478 2.71 23.75 0.25
N GLY B 479 1.68 23.23 -0.42
CA GLY B 479 1.04 22.00 0.00
C GLY B 479 -0.05 21.66 -1.00
N THR B 480 -0.65 20.48 -0.79
CA THR B 480 -1.70 20.01 -1.67
C THR B 480 -3.06 20.38 -1.10
N PHE B 481 -4.02 20.67 -1.97
CA PHE B 481 -5.35 21.07 -1.56
C PHE B 481 -6.36 20.03 -2.07
N GLU B 482 -6.64 19.02 -1.25
CA GLU B 482 -7.62 18.00 -1.59
C GLU B 482 -8.66 17.90 -0.48
N CYS B 483 -9.87 17.50 -0.87
CA CYS B 483 -10.99 17.30 0.03
C CYS B 483 -11.26 18.52 0.92
N GLY B 484 -10.84 19.70 0.48
CA GLY B 484 -11.06 20.91 1.22
C GLY B 484 -10.07 21.23 2.31
N VAL B 485 -9.02 20.42 2.48
CA VAL B 485 -8.05 20.63 3.56
C VAL B 485 -6.66 20.72 2.97
N CYS B 486 -5.93 21.75 3.37
CA CYS B 486 -4.52 21.86 3.01
C CYS B 486 -3.72 20.77 3.72
N ARG B 487 -2.89 20.05 2.95
CA ARG B 487 -2.02 19.00 3.46
C ARG B 487 -0.62 19.31 2.95
N CYS B 488 0.24 19.80 3.83
CA CYS B 488 1.59 20.18 3.48
C CYS B 488 2.61 19.37 4.26
N GLY B 489 3.81 19.26 3.68
CA GLY B 489 4.86 18.45 4.25
C GLY B 489 5.68 19.18 5.29
N PRO B 490 6.97 18.87 5.36
CA PRO B 490 7.83 19.52 6.35
C PRO B 490 8.06 20.99 6.05
N GLY B 491 8.26 21.76 7.11
CA GLY B 491 8.56 23.17 6.96
C GLY B 491 7.43 24.10 7.34
N TRP B 492 6.19 23.70 7.04
CA TRP B 492 5.02 24.54 7.28
C TRP B 492 3.93 23.75 7.96
N LEU B 493 3.06 24.47 8.68
CA LEU B 493 1.94 23.87 9.38
C LEU B 493 0.88 24.93 9.59
N GLY B 494 -0.36 24.48 9.81
CA GLY B 494 -1.47 25.35 10.08
C GLY B 494 -2.68 24.99 9.26
N SER B 495 -3.68 25.86 9.28
CA SER B 495 -4.88 25.65 8.49
C SER B 495 -4.58 25.69 7.00
N GLN B 496 -3.70 26.60 6.58
CA GLN B 496 -3.30 26.71 5.18
C GLN B 496 -1.78 26.78 5.04
N CYS B 497 -1.05 26.21 6.00
CA CYS B 497 0.41 26.18 5.98
C CYS B 497 0.98 27.59 5.93
N GLU B 498 0.70 28.36 6.99
CA GLU B 498 1.04 29.78 7.03
C GLU B 498 2.47 30.03 7.51
N CYS B 499 2.85 29.46 8.65
CA CYS B 499 4.11 29.81 9.28
C CYS B 499 5.11 28.66 9.25
N SER B 500 6.38 29.02 9.24
CA SER B 500 7.47 28.05 9.27
C SER B 500 7.97 27.83 10.69
N GLU B 501 8.43 26.61 10.96
CA GLU B 501 8.92 26.24 12.28
C GLU B 501 10.44 26.33 12.38
N GLU B 502 11.10 26.89 11.37
CA GLU B 502 12.55 27.01 11.41
C GLU B 502 13.00 27.94 12.54
N ASP B 503 12.31 29.07 12.70
CA ASP B 503 12.60 30.04 13.75
C ASP B 503 11.33 30.49 14.42
N TYR B 504 10.42 29.55 14.68
CA TYR B 504 9.15 29.87 15.32
C TYR B 504 9.17 29.69 16.84
N ARG B 505 10.03 28.82 17.36
CA ARG B 505 10.13 28.66 18.81
C ARG B 505 10.58 29.93 19.49
N PRO B 506 11.68 30.58 19.08
CA PRO B 506 12.03 31.89 19.65
C PRO B 506 11.30 32.99 18.91
N SER B 507 10.35 33.64 19.59
CA SER B 507 9.57 34.69 18.98
C SER B 507 8.93 35.55 20.06
N GLN B 508 8.57 36.77 19.68
CA GLN B 508 7.83 37.68 20.54
C GLN B 508 6.33 37.65 20.27
N GLN B 509 5.86 36.77 19.39
CA GLN B 509 4.44 36.67 19.05
C GLN B 509 3.71 35.82 20.09
N ASP B 510 3.73 36.31 21.33
CA ASP B 510 3.03 35.69 22.43
C ASP B 510 1.64 36.27 22.66
N GLU B 511 1.21 37.22 21.83
CA GLU B 511 -0.10 37.84 22.00
C GLU B 511 -1.21 36.91 21.53
N CYS B 512 -1.74 36.10 22.45
CA CYS B 512 -2.86 35.22 22.16
C CYS B 512 -4.02 35.40 23.13
N SER B 513 -3.97 36.37 24.02
CA SER B 513 -5.03 36.67 24.97
C SER B 513 -5.24 38.18 24.99
N PRO B 514 -6.42 38.63 25.43
CA PRO B 514 -6.68 40.08 25.43
C PRO B 514 -5.72 40.88 26.29
N ARG B 515 -5.26 40.33 27.40
CA ARG B 515 -4.38 41.04 28.33
C ARG B 515 -3.09 40.27 28.54
N GLU B 516 -2.03 41.02 28.87
CA GLU B 516 -0.72 40.40 29.08
C GLU B 516 -0.74 39.48 30.30
N GLY B 517 -1.44 39.88 31.36
CA GLY B 517 -1.49 39.04 32.56
C GLY B 517 -2.32 37.79 32.40
N GLN B 518 -3.25 37.77 31.44
CA GLN B 518 -4.11 36.62 31.26
C GLN B 518 -3.33 35.45 30.66
N PRO B 519 -3.78 34.23 30.89
CA PRO B 519 -3.12 33.07 30.29
C PRO B 519 -3.44 32.94 28.81
N VAL B 520 -2.63 32.13 28.14
CA VAL B 520 -2.79 31.93 26.70
C VAL B 520 -3.93 30.95 26.46
N CYS B 521 -4.84 31.32 25.54
CA CYS B 521 -5.98 30.48 25.17
C CYS B 521 -6.87 30.17 26.36
N SER B 522 -6.87 31.06 27.36
CA SER B 522 -7.62 30.86 28.60
C SER B 522 -7.23 29.55 29.28
N GLN B 523 -5.99 29.11 29.08
CA GLN B 523 -5.52 27.81 29.55
C GLN B 523 -6.45 26.68 29.09
N ARG B 524 -6.88 26.78 27.83
CA ARG B 524 -7.81 25.81 27.27
C ARG B 524 -7.47 25.41 25.84
N GLY B 525 -6.36 25.91 25.28
CA GLY B 525 -5.96 25.55 23.93
C GLY B 525 -4.48 25.82 23.75
N GLU B 526 -3.99 25.48 22.56
CA GLU B 526 -2.57 25.62 22.25
C GLU B 526 -2.34 26.76 21.27
N CYS B 527 -1.27 27.52 21.52
CA CYS B 527 -0.93 28.67 20.69
C CYS B 527 0.08 28.25 19.64
N LEU B 528 -0.26 28.47 18.38
CA LEU B 528 0.61 28.16 17.25
C LEU B 528 0.76 29.39 16.38
N CYS B 529 1.95 29.99 16.39
CA CYS B 529 2.27 31.13 15.54
C CYS B 529 1.31 32.29 15.78
N GLY B 530 1.00 32.55 17.04
CA GLY B 530 0.09 33.62 17.38
C GLY B 530 -1.34 33.40 16.93
N GLN B 531 -1.83 32.16 17.02
CA GLN B 531 -3.20 31.83 16.66
C GLN B 531 -3.66 30.67 17.53
N CYS B 532 -4.63 30.93 18.40
CA CYS B 532 -5.06 29.92 19.35
C CYS B 532 -5.88 28.84 18.67
N VAL B 533 -5.58 27.58 18.96
CA VAL B 533 -6.34 26.44 18.48
C VAL B 533 -6.89 25.70 19.69
N CYS B 534 -8.20 25.53 19.72
CA CYS B 534 -8.87 24.92 20.87
C CYS B 534 -8.74 23.41 20.84
N HIS B 535 -8.40 22.83 21.99
CA HIS B 535 -8.31 21.38 22.11
C HIS B 535 -9.70 20.77 22.26
N SER B 536 -9.78 19.46 22.02
CA SER B 536 -11.06 18.77 22.06
C SER B 536 -11.58 18.67 23.50
N SER B 537 -12.89 18.72 23.64
CA SER B 537 -13.55 18.62 24.93
C SER B 537 -14.68 17.61 24.86
N ASP B 538 -14.79 16.78 25.90
CA ASP B 538 -15.85 15.78 25.94
C ASP B 538 -17.22 16.41 26.15
N PHE B 539 -17.28 17.55 26.85
CA PHE B 539 -18.55 18.22 27.07
C PHE B 539 -19.15 18.72 25.76
N GLY B 540 -18.32 19.27 24.89
CA GLY B 540 -18.79 19.80 23.62
C GLY B 540 -17.70 20.37 22.75
N LYS B 541 -18.08 21.22 21.80
CA LYS B 541 -17.13 21.86 20.90
C LYS B 541 -16.66 23.18 21.49
N ILE B 542 -15.39 23.49 21.29
CA ILE B 542 -14.78 24.73 21.75
C ILE B 542 -14.30 25.51 20.53
N THR B 543 -14.67 26.78 20.45
CA THR B 543 -14.33 27.64 19.33
C THR B 543 -13.92 29.00 19.88
N GLY B 544 -13.76 29.96 18.99
CA GLY B 544 -13.45 31.32 19.39
C GLY B 544 -12.01 31.70 19.07
N LYS B 545 -11.78 33.01 19.02
CA LYS B 545 -10.43 33.49 18.78
C LYS B 545 -9.48 33.18 19.93
N TYR B 546 -9.94 33.37 21.17
CA TYR B 546 -9.17 33.04 22.36
C TYR B 546 -9.68 31.77 23.03
N CYS B 547 -10.46 30.95 22.32
CA CYS B 547 -11.05 29.73 22.87
C CYS B 547 -11.89 30.02 24.10
N GLU B 548 -12.62 31.14 24.08
CA GLU B 548 -13.47 31.53 25.19
C GLU B 548 -14.91 31.06 25.02
N CYS B 549 -15.22 30.35 23.94
CA CYS B 549 -16.58 29.89 23.67
C CYS B 549 -16.75 28.44 24.12
N ASP B 550 -17.94 27.91 23.91
CA ASP B 550 -18.25 26.53 24.24
C ASP B 550 -19.39 25.99 23.37
CA GLU C 1 -4.17 42.97 -12.73
C GLU C 1 -5.30 41.97 -12.82
N VAL C 2 -6.19 42.00 -11.82
CA VAL C 2 -7.35 41.13 -11.74
C VAL C 2 -8.57 41.93 -12.14
N GLN C 3 -9.26 41.50 -13.20
CA GLN C 3 -10.46 42.16 -13.65
C GLN C 3 -11.54 41.13 -13.95
N LEU C 4 -12.72 41.33 -13.37
CA LEU C 4 -13.88 40.48 -13.62
C LEU C 4 -14.90 41.31 -14.37
N GLN C 5 -15.37 40.80 -15.50
CA GLN C 5 -16.32 41.51 -16.34
C GLN C 5 -17.62 40.73 -16.41
N GLU C 6 -18.74 41.40 -16.18
CA GLU C 6 -20.04 40.75 -16.23
C GLU C 6 -20.79 41.16 -17.49
N SER C 7 -21.81 40.38 -17.82
CA SER C 7 -22.64 40.65 -18.99
C SER C 7 -23.61 41.79 -18.70
N GLY C 8 -24.25 42.28 -19.75
CA GLY C 8 -25.18 43.38 -19.63
C GLY C 8 -26.52 42.95 -19.07
N ALA C 9 -27.42 43.93 -18.99
CA ALA C 9 -28.73 43.70 -18.39
C ALA C 9 -29.50 42.65 -19.18
N GLU C 10 -30.28 41.84 -18.47
CA GLU C 10 -31.08 40.79 -19.09
C GLU C 10 -32.55 41.00 -18.73
N LEU C 11 -33.40 41.03 -19.75
CA LEU C 11 -34.85 41.07 -19.61
C LEU C 11 -35.37 39.64 -19.76
N ALA C 12 -36.09 39.16 -18.75
CA ALA C 12 -36.58 37.78 -18.75
C ALA C 12 -38.06 37.76 -18.41
N LYS C 13 -38.80 36.92 -19.13
CA LYS C 13 -40.19 36.69 -18.79
C LYS C 13 -40.30 35.67 -17.65
N PRO C 14 -41.36 35.73 -16.86
CA PRO C 14 -41.50 34.79 -15.74
C PRO C 14 -41.52 33.34 -16.21
N GLY C 15 -40.89 32.47 -15.42
CA GLY C 15 -40.80 31.06 -15.74
C GLY C 15 -39.67 30.68 -16.65
N ALA C 16 -38.88 31.63 -17.14
CA ALA C 16 -37.80 31.36 -18.07
C ALA C 16 -36.52 31.06 -17.31
N SER C 17 -35.39 31.06 -18.02
CA SER C 17 -34.08 30.83 -17.44
C SER C 17 -33.11 31.89 -17.93
N VAL C 18 -32.13 32.20 -17.08
CA VAL C 18 -31.15 33.25 -17.37
C VAL C 18 -29.74 32.66 -17.42
N LYS C 19 -28.91 33.23 -18.28
CA LYS C 19 -27.54 32.77 -18.46
C LYS C 19 -26.54 33.86 -18.10
N MET C 20 -26.19 33.97 -16.82
CA MET C 20 -25.24 34.97 -16.36
C MET C 20 -23.82 34.51 -16.60
N SER C 21 -22.96 35.43 -17.02
CA SER C 21 -21.55 35.12 -17.25
C SER C 21 -20.68 36.09 -16.48
N CYS C 22 -19.49 35.62 -16.10
CA CYS C 22 -18.50 36.42 -15.38
C CYS C 22 -17.14 35.99 -15.93
N LYS C 23 -16.54 36.85 -16.75
CA LYS C 23 -15.29 36.55 -17.43
C LYS C 23 -14.13 37.10 -16.61
N ALA C 24 -13.21 36.23 -16.23
CA ALA C 24 -12.12 36.58 -15.33
C ALA C 24 -10.83 36.71 -16.14
N SER C 25 -10.16 37.86 -16.00
CA SER C 25 -8.89 38.11 -16.65
C SER C 25 -7.86 38.43 -15.58
N GLY C 26 -6.76 37.69 -15.59
CA GLY C 26 -5.74 37.78 -14.57
C GLY C 26 -5.61 36.48 -13.80
N TYR C 27 -4.64 36.48 -12.88
CA TYR C 27 -4.26 35.33 -12.07
C TYR C 27 -4.27 34.02 -12.86
N THR C 28 -4.77 32.94 -12.27
CA THR C 28 -4.71 31.63 -12.89
C THR C 28 -6.05 31.04 -13.28
N PHE C 29 -7.13 31.44 -12.61
CA PHE C 29 -8.47 30.88 -12.82
C PHE C 29 -8.52 29.39 -12.54
N THR C 30 -7.64 28.89 -11.69
CA THR C 30 -7.77 27.54 -11.18
C THR C 30 -7.38 27.45 -9.71
N ASP C 31 -6.96 28.55 -9.09
CA ASP C 31 -6.55 28.55 -7.70
C ASP C 31 -7.38 29.50 -6.84
N TYR C 32 -8.47 30.05 -7.37
CA TYR C 32 -9.34 30.94 -6.62
C TYR C 32 -10.77 30.65 -7.03
N TRP C 33 -11.69 30.64 -6.06
CA TRP C 33 -13.02 30.15 -6.36
C TRP C 33 -13.87 31.33 -6.80
N MET C 34 -15.18 31.11 -6.91
CA MET C 34 -16.05 32.17 -7.40
C MET C 34 -17.37 32.06 -6.66
N HIS C 35 -17.86 33.18 -6.17
CA HIS C 35 -19.16 33.22 -5.52
C HIS C 35 -20.17 33.87 -6.46
N TRP C 36 -21.38 34.03 -5.97
CA TRP C 36 -22.37 34.84 -6.63
C TRP C 36 -23.23 35.46 -5.55
N VAL C 37 -23.44 36.77 -5.63
CA VAL C 37 -24.04 37.54 -4.55
C VAL C 37 -25.21 38.33 -5.14
N LYS C 38 -26.38 38.20 -4.54
CA LYS C 38 -27.56 38.90 -5.02
C LYS C 38 -27.74 40.17 -4.19
N GLN C 39 -28.16 41.25 -4.83
CA GLN C 39 -28.39 42.52 -4.17
C GLN C 39 -29.74 43.06 -4.60
N ARG C 40 -30.71 43.03 -3.70
CA ARG C 40 -32.04 43.56 -3.95
C ARG C 40 -31.98 45.09 -4.01
N PRO C 41 -33.01 45.74 -4.57
CA PRO C 41 -32.99 47.21 -4.60
C PRO C 41 -33.36 47.85 -3.28
N GLY C 42 -33.50 47.07 -2.21
CA GLY C 42 -33.70 47.62 -0.88
C GLY C 42 -32.59 47.23 0.08
N GLN C 43 -31.37 47.21 -0.42
CA GLN C 43 -30.16 46.80 0.32
C GLN C 43 -30.29 45.30 0.63
N GLY C 44 -29.25 44.73 1.25
CA GLY C 44 -29.28 43.35 1.66
C GLY C 44 -28.54 42.46 0.68
N LEU C 45 -27.27 42.20 0.94
CA LEU C 45 -26.48 41.38 0.04
C LEU C 45 -26.59 39.92 0.45
N GLU C 46 -27.07 39.09 -0.46
CA GLU C 46 -27.36 37.70 -0.16
C GLU C 46 -26.38 36.80 -0.89
N TRP C 47 -25.73 35.92 -0.16
CA TRP C 47 -24.91 34.88 -0.75
C TRP C 47 -25.80 33.93 -1.54
N ILE C 48 -25.31 33.45 -2.68
CA ILE C 48 -26.12 32.62 -3.55
C ILE C 48 -25.55 31.22 -3.68
N GLY C 49 -24.32 31.12 -4.16
CA GLY C 49 -23.81 29.82 -4.53
C GLY C 49 -22.31 29.83 -4.48
N TYR C 50 -21.71 28.92 -5.23
CA TYR C 50 -20.28 28.74 -5.09
C TYR C 50 -19.77 27.88 -6.26
N ILE C 51 -18.50 28.08 -6.64
CA ILE C 51 -17.88 27.18 -7.61
C ILE C 51 -16.37 27.21 -7.53
N ASN C 52 -15.76 26.03 -7.55
CA ASN C 52 -14.32 25.88 -7.71
C ASN C 52 -14.03 25.66 -9.20
N PRO C 53 -13.25 26.53 -9.85
CA PRO C 53 -13.09 26.40 -11.31
C PRO C 53 -12.50 25.08 -11.77
N SER C 54 -11.57 24.49 -11.00
CA SER C 54 -10.96 23.24 -11.43
C SER C 54 -11.97 22.10 -11.42
N THR C 55 -12.72 21.96 -10.34
CA THR C 55 -13.74 20.92 -10.20
C THR C 55 -15.02 21.56 -9.69
N GLY C 56 -16.14 21.30 -10.38
CA GLY C 56 -17.35 22.04 -10.12
C GLY C 56 -18.03 21.74 -8.80
N TYR C 57 -17.43 22.12 -7.69
CA TYR C 57 -18.06 22.01 -6.37
C TYR C 57 -18.98 23.21 -6.15
N THR C 58 -20.28 23.00 -6.35
CA THR C 58 -21.25 24.08 -6.25
C THR C 58 -22.06 24.05 -4.96
N GLU C 59 -21.49 24.55 -3.86
CA GLU C 59 -22.24 24.66 -2.61
C GLU C 59 -23.19 25.83 -2.64
N TYR C 60 -24.44 25.60 -2.27
CA TYR C 60 -25.45 26.64 -2.40
C TYR C 60 -25.89 27.16 -1.05
N ASN C 61 -26.66 28.23 -1.11
CA ASN C 61 -26.91 29.11 0.03
C ASN C 61 -28.28 28.82 0.61
N GLN C 62 -28.76 29.74 1.44
CA GLN C 62 -29.97 29.56 2.24
C GLN C 62 -31.16 29.42 1.31
N LYS C 63 -31.60 28.17 1.12
CA LYS C 63 -32.79 27.86 0.33
C LYS C 63 -32.70 28.46 -1.07
N PHE C 64 -31.55 28.33 -1.71
CA PHE C 64 -31.44 28.64 -3.12
C PHE C 64 -31.48 27.35 -3.94
N LYS C 65 -30.53 26.45 -3.72
CA LYS C 65 -30.52 25.12 -4.29
C LYS C 65 -30.77 25.11 -5.80
N ASP C 66 -31.91 24.56 -6.22
CA ASP C 66 -32.21 24.45 -7.65
C ASP C 66 -32.55 25.79 -8.29
N LYS C 67 -32.73 26.85 -7.50
CA LYS C 67 -33.02 28.16 -8.08
C LYS C 67 -31.79 28.80 -8.71
N ALA C 68 -30.62 28.20 -8.58
CA ALA C 68 -29.42 28.71 -9.23
C ALA C 68 -28.41 27.58 -9.37
N THR C 69 -28.01 27.28 -10.60
CA THR C 69 -27.01 26.27 -10.88
C THR C 69 -25.76 26.94 -11.42
N LEU C 70 -24.60 26.58 -10.86
CA LEU C 70 -23.35 27.25 -11.20
C LEU C 70 -22.48 26.32 -12.04
N THR C 71 -21.88 26.86 -13.09
CA THR C 71 -20.96 26.10 -13.92
C THR C 71 -19.75 26.97 -14.25
N ALA C 72 -18.72 26.34 -14.81
CA ALA C 72 -17.49 27.03 -15.14
C ALA C 72 -16.95 26.51 -16.46
N ASP C 73 -16.15 27.34 -17.12
CA ASP C 73 -15.47 26.98 -18.36
C ASP C 73 -14.01 27.40 -18.20
N LYS C 74 -13.14 26.41 -17.99
CA LYS C 74 -11.73 26.67 -17.78
C LYS C 74 -10.99 26.97 -19.07
N SER C 75 -11.57 26.63 -20.22
CA SER C 75 -10.92 26.91 -21.50
C SER C 75 -10.99 28.41 -21.82
N SER C 76 -12.18 28.98 -21.82
CA SER C 76 -12.36 30.41 -22.02
C SER C 76 -12.23 31.20 -20.72
N SER C 77 -12.04 30.52 -19.59
CA SER C 77 -11.90 31.15 -18.28
C SER C 77 -13.09 32.06 -17.98
N THR C 78 -14.25 31.43 -17.78
CA THR C 78 -15.48 32.18 -17.57
C THR C 78 -16.44 31.36 -16.71
N ALA C 79 -17.02 31.98 -15.69
CA ALA C 79 -17.93 31.30 -14.78
C ALA C 79 -19.36 31.72 -15.09
N TYR C 80 -20.26 30.74 -15.23
CA TYR C 80 -21.65 30.98 -15.56
C TYR C 80 -22.54 30.62 -14.38
N MET C 81 -23.70 31.29 -14.33
CA MET C 81 -24.75 30.95 -13.39
C MET C 81 -26.09 30.95 -14.10
N GLN C 82 -26.89 29.91 -13.88
CA GLN C 82 -28.18 29.75 -14.53
C GLN C 82 -29.27 29.83 -13.49
N LEU C 83 -30.14 30.83 -13.62
CA LEU C 83 -31.31 30.99 -12.78
C LEU C 83 -32.50 30.36 -13.51
N SER C 84 -33.18 29.44 -12.82
CA SER C 84 -34.31 28.73 -13.38
C SER C 84 -35.60 29.11 -12.66
N SER C 85 -36.72 29.00 -13.37
CA SER C 85 -38.05 29.29 -12.82
C SER C 85 -38.10 30.69 -12.21
N LEU C 86 -37.88 31.68 -13.05
CA LEU C 86 -37.84 33.06 -12.59
C LEU C 86 -39.21 33.52 -12.12
N THR C 87 -39.21 34.42 -11.15
CA THR C 87 -40.42 34.98 -10.55
C THR C 87 -40.21 36.48 -10.42
N SER C 88 -41.31 37.23 -10.34
CA SER C 88 -41.24 38.68 -10.31
C SER C 88 -40.41 39.21 -9.14
N GLU C 89 -40.21 38.41 -8.09
CA GLU C 89 -39.41 38.82 -6.95
C GLU C 89 -37.90 38.71 -7.20
N ASP C 90 -37.48 38.06 -8.30
CA ASP C 90 -36.07 37.94 -8.64
C ASP C 90 -35.61 39.04 -9.58
N SER C 91 -35.82 40.30 -9.22
CA SER C 91 -35.41 41.44 -10.03
C SER C 91 -34.41 42.25 -9.21
N ALA C 92 -33.14 41.83 -9.27
CA ALA C 92 -32.10 42.40 -8.45
C ALA C 92 -30.78 42.29 -9.20
N VAL C 93 -29.73 42.85 -8.63
CA VAL C 93 -28.43 42.91 -9.29
C VAL C 93 -27.56 41.76 -8.80
N TYR C 94 -26.94 41.03 -9.71
CA TYR C 94 -26.17 39.85 -9.36
C TYR C 94 -24.70 40.10 -9.62
N TYR C 95 -23.89 39.98 -8.57
CA TYR C 95 -22.45 40.18 -8.63
C TYR C 95 -21.73 38.85 -8.59
N CYS C 96 -20.54 38.81 -9.17
CA CYS C 96 -19.64 37.67 -9.05
C CYS C 96 -18.40 38.14 -8.30
N ALA C 97 -18.06 37.43 -7.23
CA ALA C 97 -16.96 37.83 -6.38
C ALA C 97 -15.91 36.73 -6.32
N ARG C 98 -14.66 37.15 -6.23
N ARG C 98 -14.65 37.15 -6.23
CA ARG C 98 -13.51 36.26 -6.13
CA ARG C 98 -13.52 36.22 -6.15
C ARG C 98 -13.40 35.65 -4.74
C ARG C 98 -13.40 35.65 -4.75
N TRP C 99 -12.24 35.11 -4.40
CA TRP C 99 -12.05 34.53 -3.07
C TRP C 99 -10.59 34.52 -2.63
N ARG C 100 -10.22 35.44 -1.74
CA ARG C 100 -8.83 35.55 -1.32
C ARG C 100 -8.38 34.29 -0.60
N GLY C 101 -7.30 33.68 -1.09
CA GLY C 101 -6.70 32.56 -0.40
C GLY C 101 -5.47 32.99 0.37
N VAL C 102 -4.40 32.20 0.27
CA VAL C 102 -3.15 32.41 0.98
C VAL C 102 -3.37 32.82 2.42
N TYR C 103 -3.85 34.05 2.63
CA TYR C 103 -4.11 34.52 3.99
C TYR C 103 -5.56 34.25 4.38
N ARG C 104 -6.50 34.76 3.60
CA ARG C 104 -7.93 34.54 3.83
C ARG C 104 -8.32 34.92 5.26
N SER C 105 -7.70 36.01 5.75
CA SER C 105 -8.02 36.58 7.05
C SER C 105 -8.06 35.50 8.15
N ASP C 106 -6.89 34.88 8.34
CA ASP C 106 -6.69 33.90 9.39
C ASP C 106 -7.72 32.78 9.35
N VAL C 107 -8.91 33.05 9.90
CA VAL C 107 -9.96 32.04 9.98
C VAL C 107 -11.23 32.46 9.26
N HIS C 108 -11.63 33.73 9.33
CA HIS C 108 -12.81 34.18 8.58
C HIS C 108 -12.46 34.03 7.12
N TYR C 109 -13.06 33.01 6.50
CA TYR C 109 -12.56 32.51 5.23
C TYR C 109 -12.80 33.58 4.18
N TYR C 110 -13.82 34.40 4.43
CA TYR C 110 -14.34 35.30 3.41
C TYR C 110 -13.48 36.53 3.28
N ALA C 111 -13.12 36.85 2.05
CA ALA C 111 -12.56 38.16 1.79
C ALA C 111 -13.16 38.72 0.50
N MET C 112 -13.73 37.85 -0.33
CA MET C 112 -14.25 38.24 -1.63
C MET C 112 -13.16 38.82 -2.53
N ASP C 113 -13.09 40.15 -2.62
CA ASP C 113 -12.22 40.92 -3.52
C ASP C 113 -12.69 40.92 -4.96
N TYR C 114 -12.55 42.06 -5.63
CA TYR C 114 -12.71 42.15 -7.08
C TYR C 114 -14.11 41.71 -7.51
N TRP C 115 -15.07 42.54 -7.13
CA TRP C 115 -16.46 42.31 -7.53
C TRP C 115 -16.68 42.76 -8.97
N GLY C 116 -17.59 42.07 -9.66
CA GLY C 116 -18.00 42.46 -10.98
C GLY C 116 -18.83 43.73 -10.96
N GLN C 117 -19.05 44.29 -12.15
CA GLN C 117 -19.77 45.54 -12.25
C GLN C 117 -21.25 45.41 -11.90
N GLY C 118 -21.81 44.21 -11.95
CA GLY C 118 -23.19 44.03 -11.57
C GLY C 118 -24.13 43.97 -12.74
N THR C 119 -24.85 42.86 -12.87
CA THR C 119 -25.78 42.66 -13.99
C THR C 119 -27.20 42.76 -13.48
N SER C 120 -27.87 43.86 -13.80
CA SER C 120 -29.26 44.01 -13.41
C SER C 120 -30.12 43.07 -14.23
N VAL C 121 -31.00 42.33 -13.55
CA VAL C 121 -31.93 41.42 -14.19
C VAL C 121 -33.34 41.97 -14.00
N THR C 122 -34.01 42.26 -15.11
CA THR C 122 -35.36 42.81 -15.08
C THR C 122 -36.33 41.70 -15.47
N VAL C 123 -37.39 41.53 -14.68
CA VAL C 123 -38.38 40.49 -14.88
C VAL C 123 -39.72 41.14 -15.15
N SER C 124 -40.31 40.83 -16.29
CA SER C 124 -41.61 41.39 -16.68
C SER C 124 -42.13 40.55 -17.84
N SER C 125 -43.44 40.69 -18.09
CA SER C 125 -44.09 39.99 -19.19
C SER C 125 -44.41 40.91 -20.37
N ALA C 126 -44.30 42.22 -20.20
CA ALA C 126 -44.63 43.15 -21.27
C ALA C 126 -43.47 43.32 -22.23
N LYS C 127 -43.77 43.89 -23.40
CA LYS C 127 -42.79 44.07 -24.44
C LYS C 127 -42.13 45.45 -24.35
N THR C 128 -41.07 45.63 -25.13
CA THR C 128 -40.34 46.89 -25.12
C THR C 128 -40.93 47.87 -26.12
N THR C 129 -41.16 49.10 -25.68
CA THR C 129 -41.80 50.12 -26.49
C THR C 129 -40.84 51.28 -26.73
N ALA C 130 -41.16 52.07 -27.75
CA ALA C 130 -40.37 53.28 -28.03
C ALA C 130 -40.84 54.40 -27.10
N PRO C 131 -39.94 55.03 -26.37
CA PRO C 131 -40.36 56.08 -25.43
C PRO C 131 -40.86 57.34 -26.14
N SER C 132 -41.72 58.07 -25.44
CA SER C 132 -42.21 59.36 -25.89
C SER C 132 -41.46 60.47 -25.16
N VAL C 133 -41.06 61.48 -25.92
CA VAL C 133 -40.22 62.56 -25.42
C VAL C 133 -41.00 63.86 -25.47
N TYR C 134 -41.06 64.56 -24.35
CA TYR C 134 -41.79 65.83 -24.26
C TYR C 134 -40.86 66.92 -23.74
N PRO C 135 -40.62 67.98 -24.51
CA PRO C 135 -39.80 69.09 -24.01
C PRO C 135 -40.64 70.08 -23.22
N LEU C 136 -40.00 70.83 -22.33
CA LEU C 136 -40.66 71.79 -21.46
C LEU C 136 -39.96 73.14 -21.53
N ALA C 137 -40.73 74.18 -21.86
CA ALA C 137 -40.43 75.60 -21.88
C ALA C 137 -41.04 76.28 -20.65
N PRO C 138 -40.49 77.41 -20.21
CA PRO C 138 -41.01 78.05 -18.99
C PRO C 138 -42.38 78.67 -19.22
N VAL C 139 -43.04 78.95 -18.09
CA VAL C 139 -44.38 79.53 -18.13
C VAL C 139 -44.28 80.99 -18.55
N CYS C 140 -45.15 81.41 -19.48
CA CYS C 140 -45.15 82.79 -19.93
C CYS C 140 -45.50 83.75 -18.78
N GLY C 141 -46.50 83.41 -17.98
CA GLY C 141 -46.97 84.32 -16.95
C GLY C 141 -46.10 84.35 -15.71
N ASP C 142 -45.18 83.40 -15.58
CA ASP C 142 -44.28 83.40 -14.44
C ASP C 142 -43.23 84.50 -14.58
N THR C 143 -43.06 85.28 -13.52
CA THR C 143 -42.10 86.38 -13.56
C THR C 143 -40.69 85.86 -13.79
N THR C 144 -39.99 86.46 -14.75
CA THR C 144 -38.66 86.03 -15.12
C THR C 144 -37.60 86.83 -14.36
N GLY C 145 -36.44 86.20 -14.17
CA GLY C 145 -35.31 86.84 -13.53
C GLY C 145 -34.02 86.53 -14.25
N SER C 146 -32.91 86.50 -13.51
CA SER C 146 -31.63 86.13 -14.11
C SER C 146 -31.35 84.64 -14.04
N SER C 147 -32.31 83.80 -14.44
CA SER C 147 -32.15 82.35 -14.48
C SER C 147 -33.36 81.74 -15.16
N VAL C 148 -33.13 80.71 -15.96
CA VAL C 148 -34.20 80.01 -16.68
C VAL C 148 -33.92 78.51 -16.60
N THR C 149 -34.99 77.73 -16.79
CA THR C 149 -34.94 76.27 -16.68
C THR C 149 -35.75 75.65 -17.81
N LEU C 150 -35.25 74.52 -18.33
CA LEU C 150 -35.92 73.76 -19.37
C LEU C 150 -36.01 72.30 -18.94
N GLY C 151 -37.01 71.59 -19.46
CA GLY C 151 -37.27 70.23 -19.03
C GLY C 151 -37.38 69.27 -20.19
N CYS C 152 -37.29 67.98 -19.85
CA CYS C 152 -37.37 66.89 -20.82
C CYS C 152 -37.90 65.64 -20.14
N LEU C 153 -39.10 65.20 -20.52
CA LEU C 153 -39.68 63.98 -19.98
C LEU C 153 -39.54 62.85 -20.99
N VAL C 154 -39.14 61.68 -20.49
CA VAL C 154 -39.14 60.44 -21.26
C VAL C 154 -40.13 59.50 -20.59
N LYS C 155 -41.21 59.17 -21.30
CA LYS C 155 -42.31 58.43 -20.69
C LYS C 155 -42.70 57.26 -21.59
N GLY C 156 -43.04 56.14 -20.98
CA GLY C 156 -43.53 55.00 -21.74
C GLY C 156 -42.46 54.22 -22.46
N TYR C 157 -41.58 53.57 -21.70
CA TYR C 157 -40.55 52.72 -22.26
C TYR C 157 -40.30 51.57 -21.28
N PHE C 158 -39.42 50.66 -21.66
CA PHE C 158 -39.13 49.47 -20.86
C PHE C 158 -37.63 49.49 -20.56
N PRO C 159 -37.04 48.46 -19.87
CA PRO C 159 -36.02 48.75 -18.84
C PRO C 159 -34.98 49.81 -19.18
N GLU C 160 -34.53 50.53 -18.16
CA GLU C 160 -33.86 51.81 -18.34
C GLU C 160 -32.38 51.80 -17.97
N PRO C 161 -31.52 51.12 -18.74
CA PRO C 161 -30.12 51.59 -18.86
C PRO C 161 -30.04 52.64 -19.96
N VAL C 162 -29.89 53.91 -19.57
CA VAL C 162 -29.88 55.02 -20.50
C VAL C 162 -28.78 56.00 -20.09
N THR C 163 -28.54 56.98 -20.96
CA THR C 163 -27.59 58.06 -20.68
C THR C 163 -28.15 59.34 -21.27
N LEU C 164 -28.78 60.15 -20.43
CA LEU C 164 -29.40 61.39 -20.87
C LEU C 164 -28.44 62.56 -20.68
N THR C 165 -28.34 63.40 -21.70
CA THR C 165 -27.49 64.57 -21.64
C THR C 165 -28.07 65.65 -22.55
N TRP C 166 -27.51 66.85 -22.43
CA TRP C 166 -27.96 68.01 -23.20
C TRP C 166 -26.88 68.40 -24.20
N ASN C 167 -27.28 68.60 -25.45
CA ASN C 167 -26.38 69.01 -26.52
C ASN C 167 -25.20 68.05 -26.67
N SER C 168 -25.49 66.74 -26.55
CA SER C 168 -24.49 65.69 -26.69
C SER C 168 -23.34 65.87 -25.71
N GLY C 169 -23.66 66.33 -24.50
CA GLY C 169 -22.65 66.54 -23.48
C GLY C 169 -21.88 67.84 -23.59
N SER C 170 -22.31 68.76 -24.45
CA SER C 170 -21.61 70.03 -24.57
C SER C 170 -21.81 70.91 -23.34
N LEU C 171 -22.91 70.68 -22.61
CA LEU C 171 -23.21 71.43 -21.40
C LEU C 171 -23.47 70.42 -20.28
N SER C 172 -22.47 70.22 -19.42
CA SER C 172 -22.57 69.32 -18.29
C SER C 172 -22.80 70.03 -16.97
N SER C 173 -23.07 71.33 -17.00
CA SER C 173 -23.29 72.11 -15.79
C SER C 173 -24.77 72.39 -15.61
N GLY C 174 -25.25 72.22 -14.38
CA GLY C 174 -26.66 72.43 -14.08
C GLY C 174 -27.58 71.43 -14.73
N VAL C 175 -27.15 70.18 -14.86
CA VAL C 175 -27.96 69.10 -15.42
C VAL C 175 -28.41 68.21 -14.26
N HIS C 176 -29.72 68.01 -14.14
CA HIS C 176 -30.28 67.17 -13.10
C HIS C 176 -31.08 66.05 -13.76
N THR C 177 -30.77 64.82 -13.38
CA THR C 177 -31.46 63.64 -13.89
C THR C 177 -32.11 62.91 -12.72
N PHE C 178 -33.34 62.43 -12.95
CA PHE C 178 -34.05 61.82 -11.84
C PHE C 178 -34.32 60.34 -12.12
N PRO C 179 -34.29 59.50 -11.08
CA PRO C 179 -34.53 58.07 -11.28
C PRO C 179 -35.92 57.83 -11.86
N ALA C 180 -35.99 56.89 -12.80
CA ALA C 180 -37.26 56.59 -13.46
C ALA C 180 -38.22 55.91 -12.50
N VAL C 181 -39.47 56.34 -12.53
CA VAL C 181 -40.51 55.76 -11.70
C VAL C 181 -41.33 54.80 -12.55
N LEU C 182 -41.93 53.82 -11.89
CA LEU C 182 -42.69 52.75 -12.55
C LEU C 182 -44.18 53.03 -12.37
N GLN C 183 -44.91 53.11 -13.48
CA GLN C 183 -46.34 53.31 -13.46
CA GLN C 183 -46.34 53.33 -13.47
C GLN C 183 -46.93 52.82 -14.78
N SER C 184 -48.10 52.20 -14.69
CA SER C 184 -48.75 51.58 -15.84
C SER C 184 -47.84 50.55 -16.49
N ASP C 185 -47.04 49.87 -15.65
CA ASP C 185 -46.06 48.87 -16.08
C ASP C 185 -45.03 49.46 -17.04
N LEU C 186 -44.87 50.79 -17.01
CA LEU C 186 -43.97 51.50 -17.92
C LEU C 186 -43.12 52.46 -17.11
N TYR C 187 -42.00 52.87 -17.68
CA TYR C 187 -41.08 53.73 -16.97
C TYR C 187 -41.23 55.19 -17.41
N THR C 188 -40.98 56.10 -16.46
CA THR C 188 -41.07 57.52 -16.75
C THR C 188 -40.01 58.27 -15.95
N LEU C 189 -39.17 59.04 -16.64
CA LEU C 189 -38.21 59.92 -15.97
C LEU C 189 -38.31 61.33 -16.52
N SER C 190 -37.68 62.26 -15.80
CA SER C 190 -37.58 63.65 -16.19
C SER C 190 -36.15 64.12 -16.04
N SER C 191 -35.81 65.17 -16.80
CA SER C 191 -34.50 65.79 -16.74
C SER C 191 -34.66 67.29 -16.81
N SER C 192 -33.82 68.01 -16.05
CA SER C 192 -33.89 69.46 -15.96
C SER C 192 -32.54 70.07 -16.29
N VAL C 193 -32.56 71.18 -17.02
CA VAL C 193 -31.36 71.97 -17.29
C VAL C 193 -31.62 73.41 -16.88
N THR C 194 -30.71 73.96 -16.05
CA THR C 194 -30.85 75.31 -15.55
C THR C 194 -29.69 76.14 -16.06
N VAL C 195 -30.00 77.28 -16.67
CA VAL C 195 -28.99 78.19 -17.21
C VAL C 195 -29.38 79.62 -16.86
N THR C 196 -28.59 80.58 -17.34
CA THR C 196 -28.87 81.98 -17.09
C THR C 196 -29.91 82.50 -18.08
N SER C 197 -30.31 83.77 -17.88
CA SER C 197 -31.30 84.37 -18.76
C SER C 197 -30.67 84.84 -20.07
N SER C 198 -29.33 84.87 -20.15
CA SER C 198 -28.67 85.28 -21.38
C SER C 198 -28.36 84.08 -22.26
N ALA C 199 -28.19 82.89 -21.67
CA ALA C 199 -27.92 81.69 -22.46
C ALA C 199 -29.14 81.28 -23.26
N ALA C 200 -30.33 81.40 -22.68
CA ALA C 200 -31.56 81.00 -23.35
C ALA C 200 -32.57 82.14 -23.32
N PRO C 201 -33.39 82.29 -24.36
CA PRO C 201 -33.45 81.48 -25.59
C PRO C 201 -32.51 82.01 -26.67
N SER C 202 -31.45 82.72 -26.28
CA SER C 202 -30.50 83.22 -27.27
C SER C 202 -29.78 82.09 -27.98
N GLN C 203 -29.40 81.05 -27.24
CA GLN C 203 -28.70 79.89 -27.78
C GLN C 203 -29.66 78.72 -27.91
N SER C 204 -29.19 77.65 -28.56
CA SER C 204 -29.97 76.45 -28.80
C SER C 204 -29.58 75.38 -27.79
N ILE C 205 -30.57 74.82 -27.11
CA ILE C 205 -30.38 73.73 -26.16
C ILE C 205 -31.20 72.54 -26.64
N THR C 206 -30.56 71.38 -26.79
CA THR C 206 -31.19 70.20 -27.35
C THR C 206 -31.07 69.03 -26.39
N CYS C 207 -32.21 68.37 -26.15
CA CYS C 207 -32.31 67.20 -25.29
C CYS C 207 -32.12 65.95 -26.13
N ASN C 208 -31.13 65.13 -25.75
CA ASN C 208 -30.83 63.88 -26.42
C ASN C 208 -31.20 62.72 -25.51
N VAL C 209 -31.94 61.75 -26.05
CA VAL C 209 -32.33 60.56 -25.31
C VAL C 209 -32.06 59.34 -26.17
N ALA C 210 -31.23 58.44 -25.67
CA ALA C 210 -30.86 57.21 -26.38
C ALA C 210 -31.29 56.02 -25.55
N HIS C 211 -31.93 55.04 -26.19
CA HIS C 211 -32.36 53.83 -25.50
C HIS C 211 -31.67 52.62 -26.10
N PRO C 212 -30.63 52.09 -25.46
CA PRO C 212 -29.95 50.91 -26.03
C PRO C 212 -30.69 49.60 -25.80
N ALA C 213 -32.01 49.60 -25.92
CA ALA C 213 -32.76 48.36 -25.91
C ALA C 213 -33.76 48.33 -27.07
N SER C 214 -34.14 49.50 -27.55
CA SER C 214 -34.96 49.65 -28.74
C SER C 214 -34.23 50.32 -29.89
N SER C 215 -32.97 50.72 -29.67
CA SER C 215 -32.14 51.36 -30.69
C SER C 215 -32.80 52.64 -31.22
N THR C 216 -33.35 53.44 -30.31
CA THR C 216 -34.00 54.69 -30.66
C THR C 216 -33.27 55.86 -30.00
N LYS C 217 -32.94 56.87 -30.80
CA LYS C 217 -32.33 58.10 -30.32
C LYS C 217 -33.18 59.27 -30.79
N VAL C 218 -33.57 60.13 -29.84
CA VAL C 218 -34.46 61.25 -30.12
C VAL C 218 -33.79 62.53 -29.63
N ASP C 219 -33.79 63.56 -30.48
CA ASP C 219 -33.27 64.87 -30.14
C ASP C 219 -34.38 65.89 -30.29
N LYS C 220 -34.62 66.67 -29.24
CA LYS C 220 -35.69 67.66 -29.24
C LYS C 220 -35.15 69.01 -28.80
N LYS C 221 -35.59 70.08 -29.48
CA LYS C 221 -35.14 71.43 -29.17
C LYS C 221 -36.17 72.12 -28.30
N ILE C 222 -35.70 72.80 -27.26
CA ILE C 222 -36.59 73.52 -26.35
C ILE C 222 -36.89 74.89 -26.92
N GLU C 223 -38.17 75.19 -27.11
CA GLU C 223 -38.58 76.45 -27.67
C GLU C 223 -39.70 77.07 -26.85
N PRO C 224 -39.71 78.40 -26.71
CA PRO C 224 -40.74 79.05 -25.91
C PRO C 224 -42.14 78.86 -26.50
N ARG C 225 -43.12 78.75 -25.60
CA ARG C 225 -44.50 78.57 -26.04
C ARG C 225 -45.04 79.83 -26.68
N GLY C 226 -45.82 79.65 -27.74
CA GLY C 226 -46.41 80.77 -28.44
C GLY C 226 -47.68 81.25 -27.78
N PRO C 227 -48.27 82.31 -28.35
CA PRO C 227 -49.52 82.90 -27.84
C PRO C 227 -50.70 81.95 -27.95
N GLN D 1 -28.67 30.50 10.91
CA GLN D 1 -28.02 31.63 10.24
C GLN D 1 -27.79 32.77 11.21
N ILE D 2 -26.59 33.33 11.19
CA ILE D 2 -26.28 34.47 12.05
C ILE D 2 -26.80 35.75 11.41
N VAL D 3 -27.51 36.56 12.18
CA VAL D 3 -28.12 37.78 11.71
C VAL D 3 -27.30 38.96 12.21
N LEU D 4 -26.85 39.81 11.28
CA LEU D 4 -26.05 40.98 11.57
C LEU D 4 -26.90 42.24 11.41
N THR D 5 -26.91 43.09 12.43
CA THR D 5 -27.70 44.31 12.43
C THR D 5 -26.77 45.49 12.69
N GLN D 6 -26.71 46.42 11.73
CA GLN D 6 -25.92 47.63 11.89
C GLN D 6 -26.84 48.70 12.47
N SER D 7 -26.56 49.11 13.71
CA SER D 7 -27.49 49.97 14.44
C SER D 7 -27.75 51.32 13.77
N PRO D 8 -26.75 52.08 13.34
CA PRO D 8 -27.06 53.35 12.66
C PRO D 8 -27.36 53.12 11.19
N ALA D 9 -28.61 53.36 10.80
CA ALA D 9 -29.01 53.13 9.42
C ALA D 9 -28.63 54.29 8.52
N ILE D 10 -28.76 55.52 9.01
CA ILE D 10 -28.45 56.72 8.24
C ILE D 10 -27.64 57.65 9.13
N MET D 11 -26.52 58.13 8.62
CA MET D 11 -25.66 59.02 9.37
C MET D 11 -25.36 60.27 8.55
N SER D 12 -24.81 61.27 9.23
CA SER D 12 -24.38 62.51 8.60
C SER D 12 -23.32 63.14 9.48
N ALA D 13 -22.31 63.74 8.86
CA ALA D 13 -21.25 64.39 9.61
C ALA D 13 -20.66 65.51 8.79
N SER D 14 -20.07 66.47 9.49
CA SER D 14 -19.36 67.61 8.94
C SER D 14 -17.92 67.21 8.59
N PRO D 15 -17.31 67.83 7.58
CA PRO D 15 -15.93 67.47 7.25
C PRO D 15 -14.97 67.85 8.36
N GLY D 16 -14.25 66.85 8.87
CA GLY D 16 -13.37 67.04 10.00
C GLY D 16 -13.97 66.56 11.30
N GLU D 17 -14.60 65.39 11.28
CA GLU D 17 -15.33 64.88 12.42
C GLU D 17 -15.02 63.40 12.59
N LYS D 18 -15.40 62.85 13.74
CA LYS D 18 -15.24 61.43 14.04
C LYS D 18 -16.57 60.72 13.82
N VAL D 19 -16.53 59.58 13.16
CA VAL D 19 -17.74 58.82 12.84
C VAL D 19 -17.53 57.37 13.27
N THR D 20 -18.56 56.76 13.86
CA THR D 20 -18.50 55.38 14.30
C THR D 20 -19.71 54.61 13.79
N MET D 21 -19.49 53.36 13.41
CA MET D 21 -20.52 52.44 12.97
C MET D 21 -20.42 51.15 13.78
N THR D 22 -21.55 50.53 14.03
CA THR D 22 -21.60 49.33 14.87
C THR D 22 -22.32 48.22 14.12
N CYS D 23 -21.74 47.02 14.13
CA CYS D 23 -22.33 45.83 13.53
C CYS D 23 -22.30 44.76 14.62
N SER D 24 -23.45 44.46 15.20
CA SER D 24 -23.53 43.56 16.35
C SER D 24 -24.08 42.21 15.92
N ALA D 25 -23.24 41.18 16.01
CA ALA D 25 -23.61 39.86 15.53
C ALA D 25 -24.64 39.23 16.46
N SER D 26 -24.87 37.92 16.27
CA SER D 26 -25.86 37.21 17.06
C SER D 26 -25.33 35.88 17.59
N SER D 27 -24.10 35.50 17.24
CA SER D 27 -23.59 34.20 17.65
C SER D 27 -22.09 34.22 17.93
N SER D 28 -21.55 35.38 18.29
CA SER D 28 -20.15 35.52 18.69
C SER D 28 -19.20 35.05 17.58
N VAL D 29 -19.20 35.83 16.50
CA VAL D 29 -18.36 35.55 15.34
C VAL D 29 -16.95 36.06 15.60
N SER D 30 -15.96 35.27 15.22
CA SER D 30 -14.58 35.74 15.19
C SER D 30 -14.28 36.35 13.83
N TYR D 31 -13.76 37.58 13.84
CA TYR D 31 -13.44 38.36 12.65
C TYR D 31 -14.68 38.81 11.89
N MET D 32 -14.63 40.00 11.30
CA MET D 32 -15.77 40.58 10.60
C MET D 32 -15.25 41.57 9.58
N HIS D 33 -15.62 41.39 8.31
CA HIS D 33 -15.08 42.19 7.23
C HIS D 33 -16.05 43.29 6.84
N TRP D 34 -15.54 44.39 6.31
CA TRP D 34 -16.36 45.54 5.93
C TRP D 34 -16.12 45.88 4.47
N TYR D 35 -17.21 46.02 3.71
CA TYR D 35 -17.18 46.36 2.30
C TYR D 35 -17.80 47.74 2.08
N GLN D 36 -17.17 48.55 1.26
CA GLN D 36 -17.68 49.88 0.92
C GLN D 36 -18.28 49.84 -0.48
N GLN D 37 -19.54 50.25 -0.60
CA GLN D 37 -20.21 50.38 -1.88
C GLN D 37 -20.69 51.81 -2.03
N LYS D 38 -20.25 52.48 -3.09
CA LYS D 38 -20.61 53.87 -3.32
C LYS D 38 -21.91 53.92 -4.12
N SER D 39 -22.24 55.10 -4.64
CA SER D 39 -23.35 55.23 -5.59
C SER D 39 -22.86 54.76 -6.95
N GLY D 40 -23.40 53.63 -7.42
CA GLY D 40 -22.92 53.03 -8.64
C GLY D 40 -22.94 51.52 -8.59
N THR D 41 -23.22 50.97 -7.40
CA THR D 41 -23.45 49.54 -7.20
C THR D 41 -22.23 48.71 -7.62
N SER D 42 -21.18 48.81 -6.81
CA SER D 42 -20.00 47.97 -6.97
C SER D 42 -19.20 47.95 -5.67
N PRO D 43 -19.51 47.05 -4.74
CA PRO D 43 -18.87 47.11 -3.41
C PRO D 43 -17.47 46.54 -3.43
N LYS D 44 -16.50 47.34 -3.00
CA LYS D 44 -15.10 46.94 -2.94
C LYS D 44 -14.85 46.24 -1.61
N ARG D 45 -13.59 46.00 -1.27
CA ARG D 45 -13.21 45.52 0.04
C ARG D 45 -12.47 46.61 0.80
N TRP D 46 -12.73 46.69 2.09
CA TRP D 46 -12.26 47.80 2.90
C TRP D 46 -11.49 47.36 4.13
N ILE D 47 -11.90 46.26 4.76
CA ILE D 47 -11.27 45.74 5.97
C ILE D 47 -11.45 44.23 5.98
N TYR D 48 -10.41 43.51 6.35
CA TYR D 48 -10.53 42.07 6.52
C TYR D 48 -10.00 41.68 7.90
N ASP D 49 -10.56 40.58 8.43
CA ASP D 49 -10.36 40.12 9.81
C ASP D 49 -10.33 41.28 10.81
N THR D 50 -11.27 42.20 10.63
CA THR D 50 -11.75 43.21 11.57
C THR D 50 -10.70 44.14 12.15
N SER D 51 -9.45 44.04 11.70
CA SER D 51 -8.46 45.04 12.11
C SER D 51 -7.44 45.37 11.04
N LYS D 52 -7.53 44.78 9.85
CA LYS D 52 -6.50 44.93 8.83
C LYS D 52 -7.08 45.65 7.63
N LEU D 53 -6.37 46.65 7.14
CA LEU D 53 -6.84 47.45 6.01
C LEU D 53 -6.37 46.83 4.72
N ALA D 54 -7.30 46.63 3.79
CA ALA D 54 -6.92 46.15 2.47
C ALA D 54 -6.15 47.23 1.73
N SER D 55 -5.40 46.80 0.71
CA SER D 55 -4.53 47.73 0.00
C SER D 55 -5.34 48.84 -0.65
N GLY D 56 -4.79 50.05 -0.59
CA GLY D 56 -5.46 51.22 -1.11
C GLY D 56 -6.29 51.98 -0.10
N VAL D 57 -6.61 51.37 1.03
CA VAL D 57 -7.38 52.05 2.08
C VAL D 57 -6.46 53.07 2.76
N PRO D 58 -6.94 54.28 3.03
CA PRO D 58 -6.11 55.24 3.76
C PRO D 58 -5.87 54.80 5.20
N ALA D 59 -5.12 55.60 5.94
CA ALA D 59 -4.77 55.25 7.30
C ALA D 59 -5.69 55.94 8.29
N ARG D 60 -6.95 56.12 7.89
CA ARG D 60 -7.93 56.82 8.72
C ARG D 60 -8.98 55.85 9.22
N PHE D 61 -9.29 54.83 8.42
CA PHE D 61 -10.29 53.85 8.77
C PHE D 61 -9.71 52.82 9.72
N SER D 62 -10.43 52.50 10.78
CA SER D 62 -9.95 51.52 11.74
C SER D 62 -11.11 50.60 12.14
N GLY D 63 -10.75 49.40 12.54
CA GLY D 63 -11.74 48.46 13.06
C GLY D 63 -11.30 47.93 14.40
N SER D 64 -12.26 47.71 15.30
CA SER D 64 -11.93 47.30 16.65
C SER D 64 -13.10 46.51 17.24
N GLY D 65 -12.80 45.62 18.17
CA GLY D 65 -13.84 44.89 18.85
C GLY D 65 -13.63 43.41 18.69
N SER D 66 -14.38 42.65 19.49
CA SER D 66 -14.39 41.20 19.37
C SER D 66 -15.62 40.67 20.08
N GLY D 67 -15.91 39.40 19.85
CA GLY D 67 -17.07 38.79 20.45
C GLY D 67 -18.32 38.88 19.62
N THR D 68 -19.27 39.72 20.04
CA THR D 68 -20.57 39.79 19.39
C THR D 68 -20.86 41.12 18.71
N SER D 69 -20.08 42.16 18.97
CA SER D 69 -20.34 43.47 18.38
C SER D 69 -19.02 44.09 17.96
N TYR D 70 -18.88 44.36 16.66
CA TYR D 70 -17.71 45.02 16.10
C TYR D 70 -18.06 46.44 15.69
N SER D 71 -17.04 47.26 15.49
CA SER D 71 -17.26 48.66 15.15
C SER D 71 -16.23 49.10 14.12
N LEU D 72 -16.61 50.09 13.32
CA LEU D 72 -15.71 50.71 12.35
C LEU D 72 -15.67 52.20 12.63
N THR D 73 -14.46 52.76 12.65
CA THR D 73 -14.26 54.15 13.03
C THR D 73 -13.56 54.90 11.92
N ILE D 74 -14.04 56.11 11.65
CA ILE D 74 -13.42 57.04 10.71
C ILE D 74 -13.05 58.30 11.47
N SER D 75 -11.81 58.74 11.31
CA SER D 75 -11.35 59.98 11.92
C SER D 75 -10.96 60.96 10.83
N SER D 76 -11.33 62.24 11.03
CA SER D 76 -11.08 63.29 10.05
C SER D 76 -11.73 62.96 8.71
N MET D 77 -13.06 62.89 8.73
CA MET D 77 -13.82 62.49 7.55
C MET D 77 -13.88 63.62 6.54
N GLU D 78 -13.50 63.32 5.29
CA GLU D 78 -13.58 64.23 4.17
C GLU D 78 -14.89 63.99 3.41
N ALA D 79 -14.98 64.53 2.20
CA ALA D 79 -16.10 64.23 1.32
C ALA D 79 -15.88 62.99 0.46
N GLU D 80 -14.73 62.32 0.61
CA GLU D 80 -14.44 61.17 -0.24
C GLU D 80 -14.96 59.88 0.37
N ASP D 81 -15.25 59.89 1.67
CA ASP D 81 -15.83 58.72 2.34
C ASP D 81 -17.30 59.01 2.63
N ALA D 82 -18.15 58.72 1.64
CA ALA D 82 -19.60 58.80 1.80
C ALA D 82 -20.18 57.67 0.93
N ALA D 83 -20.46 56.54 1.57
CA ALA D 83 -20.91 55.35 0.86
C ALA D 83 -21.80 54.55 1.80
N THR D 84 -22.02 53.28 1.48
CA THR D 84 -22.67 52.35 2.39
C THR D 84 -21.71 51.23 2.73
N TYR D 85 -21.58 50.94 4.02
CA TYR D 85 -20.62 49.94 4.51
C TYR D 85 -21.37 48.73 5.02
N TYR D 86 -20.98 47.55 4.54
CA TYR D 86 -21.63 46.30 4.90
C TYR D 86 -20.65 45.42 5.66
N CYS D 87 -21.17 44.61 6.58
CA CYS D 87 -20.35 43.69 7.34
C CYS D 87 -20.64 42.25 6.93
N GLN D 88 -19.56 41.47 6.86
CA GLN D 88 -19.60 40.05 6.57
C GLN D 88 -19.02 39.27 7.74
N GLN D 89 -19.57 38.09 7.98
CA GLN D 89 -19.09 37.22 9.04
C GLN D 89 -18.36 35.99 8.52
N TRP D 90 -19.00 35.16 7.70
CA TRP D 90 -18.49 33.85 7.29
C TRP D 90 -17.74 33.11 8.39
N SER D 91 -18.40 32.91 9.54
CA SER D 91 -17.92 31.94 10.53
C SER D 91 -18.90 30.78 10.72
N SER D 92 -20.13 30.93 10.26
CA SER D 92 -21.10 29.87 10.10
C SER D 92 -21.02 29.36 8.66
N LYS D 93 -22.05 28.63 8.22
CA LYS D 93 -22.05 28.39 6.77
C LYS D 93 -23.34 28.84 6.09
N PRO D 94 -24.02 29.87 6.56
CA PRO D 94 -24.37 30.97 5.67
C PRO D 94 -23.43 32.14 5.91
N PRO D 95 -22.73 32.60 4.92
CA PRO D 95 -22.04 33.89 5.02
C PRO D 95 -23.02 35.01 4.79
N THR D 96 -23.36 35.72 5.86
CA THR D 96 -24.45 36.69 5.83
C THR D 96 -23.90 38.10 5.89
N PHE D 97 -24.50 38.99 5.11
CA PHE D 97 -24.07 40.37 5.02
C PHE D 97 -24.96 41.26 5.89
N GLY D 98 -24.41 42.38 6.32
CA GLY D 98 -25.18 43.31 7.11
C GLY D 98 -26.14 44.12 6.25
N ALA D 99 -27.08 44.77 6.93
CA ALA D 99 -28.08 45.55 6.22
C ALA D 99 -27.47 46.81 5.61
N GLY D 100 -26.36 47.29 6.16
CA GLY D 100 -25.67 48.42 5.58
C GLY D 100 -25.97 49.74 6.26
N THR D 101 -24.99 50.63 6.28
CA THR D 101 -25.13 51.94 6.90
C THR D 101 -24.85 53.02 5.86
N LYS D 102 -25.78 53.95 5.71
CA LYS D 102 -25.61 55.06 4.79
C LYS D 102 -24.95 56.23 5.51
N LEU D 103 -24.03 56.91 4.83
CA LEU D 103 -23.27 58.01 5.41
C LEU D 103 -23.40 59.24 4.53
N GLU D 104 -23.69 60.38 5.14
CA GLU D 104 -23.95 61.61 4.39
C GLU D 104 -22.98 62.73 4.76
N LEU D 105 -23.25 63.94 4.28
CA LEU D 105 -22.41 65.10 4.55
C LEU D 105 -23.28 66.25 5.04
N LYS D 106 -22.76 66.96 6.05
CA LYS D 106 -23.39 68.17 6.56
C LYS D 106 -22.87 69.37 5.78
N TRP D 107 -23.78 70.29 5.46
CA TRP D 107 -23.43 71.49 4.72
C TRP D 107 -24.34 72.63 5.16
N ALA D 108 -24.32 73.72 4.41
CA ALA D 108 -25.10 74.89 4.73
C ALA D 108 -26.51 74.77 4.17
N ASP D 109 -27.47 75.38 4.87
CA ASP D 109 -28.84 75.38 4.40
C ASP D 109 -28.98 76.18 3.12
N ALA D 110 -29.73 75.64 2.16
CA ALA D 110 -29.97 76.29 0.89
C ALA D 110 -31.46 76.27 0.58
N ALA D 111 -32.00 77.45 0.29
CA ALA D 111 -33.40 77.58 -0.07
C ALA D 111 -33.65 76.92 -1.43
N PRO D 112 -34.69 76.10 -1.57
CA PRO D 112 -34.96 75.47 -2.86
C PRO D 112 -35.37 76.49 -3.91
N THR D 113 -35.00 76.19 -5.15
CA THR D 113 -35.42 76.97 -6.31
C THR D 113 -36.56 76.21 -6.98
N VAL D 114 -37.74 76.84 -7.03
CA VAL D 114 -38.97 76.17 -7.46
C VAL D 114 -39.36 76.70 -8.83
N SER D 115 -39.57 75.79 -9.77
CA SER D 115 -40.06 76.14 -11.10
C SER D 115 -41.18 75.19 -11.48
N ILE D 116 -42.05 75.65 -12.37
CA ILE D 116 -43.20 74.86 -12.82
C ILE D 116 -43.24 74.87 -14.34
N PHE D 117 -43.63 73.73 -14.90
CA PHE D 117 -43.70 73.56 -16.35
C PHE D 117 -45.05 72.95 -16.73
N PRO D 118 -45.74 73.52 -17.71
CA PRO D 118 -47.02 72.97 -18.16
C PRO D 118 -46.79 71.85 -19.15
N PRO D 119 -47.86 71.18 -19.61
CA PRO D 119 -47.68 70.17 -20.65
C PRO D 119 -47.27 70.80 -21.98
N SER D 120 -46.70 69.96 -22.85
CA SER D 120 -46.25 70.43 -24.15
C SER D 120 -47.37 70.30 -25.18
N SER D 121 -47.18 70.99 -26.31
CA SER D 121 -48.15 70.89 -27.39
C SER D 121 -48.23 69.47 -27.93
N GLU D 122 -47.09 68.77 -28.00
CA GLU D 122 -47.10 67.40 -28.46
C GLU D 122 -47.89 66.51 -27.52
N GLN D 123 -47.75 66.72 -26.20
CA GLN D 123 -48.50 65.92 -25.24
C GLN D 123 -49.98 66.31 -25.25
N LEU D 124 -50.28 67.56 -25.59
CA LEU D 124 -51.68 67.98 -25.69
C LEU D 124 -52.35 67.35 -26.90
N THR D 125 -51.62 67.24 -28.02
CA THR D 125 -52.14 66.56 -29.19
C THR D 125 -52.11 65.05 -29.02
N SER D 126 -51.34 64.55 -28.06
CA SER D 126 -51.26 63.12 -27.80
C SER D 126 -52.51 62.58 -27.14
N GLY D 127 -53.20 63.37 -26.31
CA GLY D 127 -54.42 62.95 -25.66
C GLY D 127 -54.51 63.26 -24.19
N GLY D 128 -53.45 63.80 -23.59
CA GLY D 128 -53.43 64.12 -22.19
C GLY D 128 -52.65 65.40 -21.89
N ALA D 129 -52.17 65.47 -20.65
CA ALA D 129 -51.41 66.65 -20.21
C ALA D 129 -50.66 66.26 -18.94
N SER D 130 -49.52 66.91 -18.70
CA SER D 130 -48.69 66.66 -17.54
C SER D 130 -48.08 67.97 -17.05
N VAL D 131 -48.38 68.33 -15.81
CA VAL D 131 -47.84 69.52 -15.16
C VAL D 131 -46.79 69.08 -14.16
N VAL D 132 -45.62 69.70 -14.20
CA VAL D 132 -44.52 69.28 -13.34
C VAL D 132 -44.00 70.47 -12.56
N CYS D 133 -43.51 70.19 -11.34
CA CYS D 133 -42.84 71.18 -10.51
C CYS D 133 -41.48 70.62 -10.13
N PHE D 134 -40.43 71.40 -10.39
CA PHE D 134 -39.05 71.02 -10.12
C PHE D 134 -38.48 71.89 -9.01
N LEU D 135 -37.74 71.26 -8.11
CA LEU D 135 -37.10 71.93 -6.99
C LEU D 135 -35.61 71.64 -7.04
N ASN D 136 -34.80 72.70 -7.02
CA ASN D 136 -33.37 72.57 -7.20
C ASN D 136 -32.62 73.08 -5.97
N ASN D 137 -31.64 72.30 -5.53
CA ASN D 137 -30.66 72.72 -4.52
C ASN D 137 -31.33 73.11 -3.20
N PHE D 138 -31.95 72.11 -2.56
CA PHE D 138 -32.54 72.30 -1.24
C PHE D 138 -31.79 71.45 -0.21
N TYR D 139 -31.68 71.98 1.01
CA TYR D 139 -31.00 71.32 2.12
C TYR D 139 -31.69 71.82 3.38
N PRO D 140 -32.11 70.92 4.29
CA PRO D 140 -31.95 69.47 4.29
C PRO D 140 -32.91 68.75 3.34
N LYS D 141 -32.77 67.42 3.21
CA LYS D 141 -33.49 66.67 2.19
C LYS D 141 -34.97 66.53 2.47
N ASP D 142 -35.42 66.74 3.70
CA ASP D 142 -36.82 66.53 4.04
C ASP D 142 -37.63 67.76 3.62
N ILE D 143 -38.37 67.63 2.52
CA ILE D 143 -39.20 68.70 1.99
C ILE D 143 -40.58 68.12 1.67
N ASN D 144 -41.56 69.00 1.59
CA ASN D 144 -42.93 68.62 1.29
C ASN D 144 -43.40 69.31 0.02
N VAL D 145 -44.20 68.61 -0.77
CA VAL D 145 -44.74 69.15 -2.02
C VAL D 145 -46.25 69.01 -1.99
N LYS D 146 -46.91 69.90 -2.74
CA LYS D 146 -48.36 69.88 -2.84
C LYS D 146 -48.80 70.43 -4.19
N TRP D 147 -49.91 69.91 -4.69
CA TRP D 147 -50.47 70.31 -5.98
C TRP D 147 -51.87 70.86 -5.75
N LYS D 148 -52.19 71.97 -6.42
CA LYS D 148 -53.50 72.60 -6.33
C LYS D 148 -54.01 72.89 -7.73
N ILE D 149 -55.26 72.51 -7.99
CA ILE D 149 -55.89 72.72 -9.30
C ILE D 149 -57.06 73.66 -9.09
N ASP D 150 -56.92 74.89 -9.58
CA ASP D 150 -57.97 75.91 -9.49
C ASP D 150 -58.40 76.12 -8.04
N GLY D 151 -57.43 76.09 -7.13
CA GLY D 151 -57.70 76.32 -5.72
C GLY D 151 -58.13 75.10 -4.93
N SER D 152 -57.87 73.89 -5.43
CA SER D 152 -58.22 72.66 -4.73
C SER D 152 -57.06 71.68 -4.81
N GLU D 153 -56.76 71.03 -3.69
CA GLU D 153 -55.67 70.07 -3.64
C GLU D 153 -56.05 68.78 -4.37
N ARG D 154 -55.10 68.24 -5.12
CA ARG D 154 -55.29 66.99 -5.84
C ARG D 154 -54.35 65.94 -5.27
N GLN D 155 -54.90 64.78 -4.89
CA GLN D 155 -54.13 63.70 -4.31
C GLN D 155 -54.01 62.48 -5.22
N ASN D 156 -54.42 62.60 -6.49
CA ASN D 156 -54.37 61.49 -7.42
C ASN D 156 -53.44 61.82 -8.58
N GLY D 157 -52.75 60.79 -9.09
CA GLY D 157 -51.86 60.97 -10.22
C GLY D 157 -50.63 61.80 -9.95
N VAL D 158 -50.17 61.86 -8.70
CA VAL D 158 -48.98 62.61 -8.33
C VAL D 158 -47.82 61.65 -8.16
N LEU D 159 -46.71 61.94 -8.82
CA LEU D 159 -45.50 61.14 -8.74
C LEU D 159 -44.34 62.02 -8.27
N ASN D 160 -43.66 61.58 -7.22
CA ASN D 160 -42.53 62.31 -6.67
C ASN D 160 -41.24 61.52 -6.88
N SER D 161 -40.20 62.22 -7.32
CA SER D 161 -38.90 61.61 -7.56
C SER D 161 -37.85 62.36 -6.76
N TRP D 162 -37.07 61.63 -5.98
CA TRP D 162 -35.99 62.19 -5.18
C TRP D 162 -34.66 62.08 -5.91
N THR D 163 -33.62 62.57 -5.27
CA THR D 163 -32.28 62.57 -5.84
C THR D 163 -31.27 62.13 -4.78
N ASP D 164 -30.22 61.46 -5.22
CA ASP D 164 -29.12 61.11 -4.34
C ASP D 164 -28.17 62.31 -4.18
N GLN D 165 -27.44 62.31 -3.08
CA GLN D 165 -26.52 63.42 -2.81
C GLN D 165 -25.41 63.46 -3.86
N ASP D 166 -25.18 64.63 -4.41
CA ASP D 166 -24.11 64.81 -5.40
C ASP D 166 -22.78 65.02 -4.69
N SER D 167 -21.70 64.75 -5.43
CA SER D 167 -20.36 64.76 -4.88
C SER D 167 -19.67 66.11 -4.96
N LYS D 168 -20.37 67.17 -5.39
CA LYS D 168 -19.75 68.47 -5.58
C LYS D 168 -20.19 69.48 -4.52
N ASP D 169 -21.49 69.69 -4.36
CA ASP D 169 -22.02 70.65 -3.40
C ASP D 169 -23.05 70.07 -2.46
N SER D 170 -23.33 68.77 -2.53
CA SER D 170 -24.19 68.07 -1.58
C SER D 170 -25.59 68.71 -1.52
N THR D 171 -26.19 68.88 -2.69
CA THR D 171 -27.55 69.39 -2.80
C THR D 171 -28.49 68.26 -3.20
N TYR D 172 -29.78 68.58 -3.26
CA TYR D 172 -30.81 67.61 -3.63
C TYR D 172 -31.83 68.27 -4.52
N SER D 173 -32.50 67.44 -5.32
CA SER D 173 -33.49 67.91 -6.28
C SER D 173 -34.77 67.10 -6.13
N MET D 174 -35.90 67.76 -6.40
CA MET D 174 -37.22 67.21 -6.24
C MET D 174 -38.02 67.37 -7.53
N SER D 175 -38.79 66.35 -7.87
CA SER D 175 -39.64 66.40 -9.06
C SER D 175 -41.03 65.91 -8.68
N SER D 176 -42.05 66.70 -9.01
CA SER D 176 -43.44 66.34 -8.76
C SER D 176 -44.22 66.46 -10.05
N THR D 177 -44.73 65.33 -10.55
CA THR D 177 -45.41 65.26 -11.84
C THR D 177 -46.87 64.88 -11.62
N LEU D 178 -47.76 65.57 -12.32
CA LEU D 178 -49.19 65.29 -12.27
C LEU D 178 -49.70 65.13 -13.70
N THR D 179 -50.20 63.94 -14.02
CA THR D 179 -50.68 63.61 -15.36
C THR D 179 -52.19 63.48 -15.32
N LEU D 180 -52.87 64.17 -16.22
CA LEU D 180 -54.33 64.14 -16.28
C LEU D 180 -54.78 64.25 -17.74
N THR D 181 -56.01 63.80 -17.98
CA THR D 181 -56.56 63.81 -19.33
C THR D 181 -56.67 65.24 -19.86
N LYS D 182 -56.57 65.37 -21.19
CA LYS D 182 -56.56 66.69 -21.81
C LYS D 182 -57.90 67.38 -21.66
N ASP D 183 -59.00 66.62 -21.67
CA ASP D 183 -60.32 67.22 -21.49
C ASP D 183 -60.46 67.85 -20.12
N GLU D 184 -59.97 67.16 -19.07
CA GLU D 184 -60.00 67.73 -17.74
C GLU D 184 -59.00 68.87 -17.60
N TYR D 185 -57.86 68.78 -18.29
CA TYR D 185 -56.87 69.84 -18.24
C TYR D 185 -57.42 71.13 -18.84
N GLU D 186 -58.15 71.02 -19.95
CA GLU D 186 -58.74 72.19 -20.58
C GLU D 186 -59.91 72.75 -19.79
N ARG D 187 -60.48 71.97 -18.87
CA ARG D 187 -61.57 72.44 -18.03
C ARG D 187 -61.08 73.24 -16.83
N HIS D 188 -59.77 73.35 -16.64
CA HIS D 188 -59.19 74.09 -15.52
C HIS D 188 -58.16 75.07 -16.03
N ASN D 189 -58.16 76.26 -15.46
CA ASN D 189 -57.27 77.34 -15.88
C ASN D 189 -56.00 77.41 -15.03
N SER D 190 -56.13 77.57 -13.73
CA SER D 190 -54.99 77.86 -12.86
C SER D 190 -54.52 76.57 -12.17
N TYR D 191 -53.20 76.37 -12.18
CA TYR D 191 -52.57 75.28 -11.45
C TYR D 191 -51.46 75.85 -10.58
N THR D 192 -51.13 75.13 -9.50
CA THR D 192 -50.17 75.63 -8.53
C THR D 192 -49.40 74.47 -7.92
N CYS D 193 -48.09 74.64 -7.77
CA CYS D 193 -47.26 73.73 -7.01
C CYS D 193 -46.68 74.48 -5.81
N GLU D 194 -46.78 73.86 -4.64
CA GLU D 194 -46.35 74.47 -3.38
C GLU D 194 -45.28 73.60 -2.73
N ALA D 195 -44.23 74.25 -2.24
CA ALA D 195 -43.12 73.57 -1.59
C ALA D 195 -42.98 74.08 -0.17
N THR D 196 -43.00 73.16 0.79
CA THR D 196 -42.85 73.49 2.20
C THR D 196 -41.52 72.94 2.70
N HIS D 197 -40.69 73.83 3.23
CA HIS D 197 -39.35 73.50 3.70
C HIS D 197 -39.10 74.18 5.04
N LYS D 198 -38.09 73.68 5.74
CA LYS D 198 -37.75 74.24 7.06
C LYS D 198 -36.99 75.55 6.97
N THR D 199 -36.54 75.95 5.78
CA THR D 199 -35.82 77.21 5.66
C THR D 199 -36.71 78.40 6.02
N SER D 200 -37.96 78.40 5.54
CA SER D 200 -38.89 79.47 5.84
C SER D 200 -40.24 78.86 6.18
N THR D 201 -40.97 79.52 7.09
CA THR D 201 -42.29 79.00 7.48
C THR D 201 -43.28 79.07 6.33
N SER D 202 -43.27 80.16 5.57
CA SER D 202 -44.20 80.33 4.46
C SER D 202 -43.77 79.46 3.28
N PRO D 203 -44.63 78.58 2.77
CA PRO D 203 -44.25 77.76 1.63
C PRO D 203 -44.09 78.57 0.36
N ILE D 204 -43.22 78.09 -0.52
CA ILE D 204 -43.03 78.71 -1.83
C ILE D 204 -44.14 78.23 -2.75
N VAL D 205 -44.87 79.19 -3.33
CA VAL D 205 -46.03 78.91 -4.16
C VAL D 205 -45.72 79.36 -5.59
N LYS D 206 -45.92 78.46 -6.55
CA LYS D 206 -45.75 78.80 -7.96
C LYS D 206 -47.02 78.45 -8.70
N SER D 207 -47.70 79.47 -9.23
CA SER D 207 -48.97 79.31 -9.92
C SER D 207 -48.83 79.74 -11.36
N PHE D 208 -49.52 79.02 -12.25
CA PHE D 208 -49.56 79.38 -13.66
C PHE D 208 -50.98 79.23 -14.17
N ASN D 209 -51.29 79.94 -15.25
CA ASN D 209 -52.62 79.95 -15.84
C ASN D 209 -52.56 79.34 -17.24
N ARG D 210 -53.46 78.40 -17.51
CA ARG D 210 -53.51 77.75 -18.81
C ARG D 210 -53.92 78.75 -19.89
N ASN D 211 -53.31 78.63 -21.06
CA ASN D 211 -53.59 79.51 -22.20
C ASN D 211 -53.32 80.97 -21.86
N GLU D 212 -52.15 81.24 -21.29
CA GLU D 212 -51.73 82.58 -20.89
C GLU D 212 -50.32 82.80 -21.41
N CYS D 213 -50.21 83.34 -22.62
CA CYS D 213 -48.90 83.65 -23.21
C CYS D 213 -48.97 84.91 -24.05
CA CA E . 37.22 -36.17 21.58
CA CA F . 29.50 -23.66 22.18
CA CA G . 30.52 -12.93 14.01
CA CA H . 38.68 -11.96 2.10
CA CA I . 1.58 -61.90 -1.94
CA CA J . 12.30 -50.20 -5.08
MG MG K . 8.05 -54.38 -2.26
#